data_4RGM
#
_entry.id   4RGM
#
_cell.length_a   56.467
_cell.length_b   83.669
_cell.length_c   174.731
_cell.angle_alpha   90.00
_cell.angle_beta   91.40
_cell.angle_gamma   90.00
#
_symmetry.space_group_name_H-M   'P 1 21 1'
#
loop_
_entity.id
_entity.type
_entity.pdbx_description
1 polymer 'Enterotoxin type B'
2 polymer '20B1 light chain'
3 polymer '20B1 heavy chain'
4 water water
#
loop_
_entity_poly.entity_id
_entity_poly.type
_entity_poly.pdbx_seq_one_letter_code
_entity_poly.pdbx_strand_id
1 'polypeptide(L)'
;GSEFGSESQPDPKPDELHKSSKFTGLMENMKVLYDDNHVSAINVKSIDQFLYFDLIYSIKDTKLGNYDNVRVEFKNKDLA
DKYKDKYVDVFGANYYYQCYFSKKTNDINSHQTDKRKTCMYGGVTEHNGNQLDKYRSITVRVFEDGKNLLSFDVQTNKKK
VTAQELDYLTRHYLVKNKKLYEFNNSPYETGYIKFIENENSFWYDMMPAPGDKFDQSKYLMMYNDNKMVDSKDVKIEVYL
TTKKK
;
S,A
2 'polypeptide(L)'
;DIQMTQSPSSLSASLGERVSLTCRASQEISDYLTWLQQKPDGTIKRLIYVASSLDSGVPKRFSGSRSGSDYSLTISSLES
EDFADYYCLQYANYPWTFGGGTKLEIRRADAAPTVSIFPPSSEQLTSGGASVVCFLNNFYPKDINVKWKIDGSERQNGVL
NSWTDQDSKDSTYSMSSTLTLTKDEYERHNSYTCEATHKTSTSPIVKSFNRNEC
;
L,B
3 'polypeptide(L)'
;QIQLVQSGPELKKPGETVRISCKASGYIFTIAGIQWVQKMPGRGLRWIGWINTHSGVPEYAEEFKGRFAFSLETSARTAY
LQISNLKDEDTATYFCARIYYGNNGGVMDYWGQGTSVTVSSAKTTPPSVYPLAPGSAAQTNSMVTLGCLVKGYFPEPVTV
TWNSGSLSSGVHTFPAVLQSDLYTLSSSVTVPSSTWPSETVTCNVAHPASSTKVDKKIVPRDC
;
H,C
#
# COMPACT_ATOMS: atom_id res chain seq x y z
N SER A 8 -29.61 11.30 69.43
CA SER A 8 -29.98 10.00 68.79
C SER A 8 -30.92 10.22 67.60
N GLN A 9 -30.45 9.88 66.41
CA GLN A 9 -31.23 10.04 65.19
C GLN A 9 -32.28 8.93 65.12
N PRO A 10 -33.50 9.27 64.66
CA PRO A 10 -34.49 8.22 64.47
C PRO A 10 -34.20 7.41 63.22
N ASP A 11 -34.66 6.17 63.21
CA ASP A 11 -34.40 5.24 62.10
C ASP A 11 -35.09 5.68 60.80
N PRO A 12 -34.58 5.20 59.65
CA PRO A 12 -35.13 5.48 58.33
C PRO A 12 -36.62 5.14 58.19
N LYS A 13 -37.40 6.12 57.73
CA LYS A 13 -38.83 5.95 57.49
C LYS A 13 -39.09 5.07 56.27
N PRO A 14 -40.38 4.82 55.96
CA PRO A 14 -40.70 4.25 54.65
C PRO A 14 -40.45 5.28 53.55
N ASP A 15 -39.82 4.84 52.46
CA ASP A 15 -39.44 5.70 51.30
C ASP A 15 -38.13 6.45 51.51
N GLU A 16 -37.80 6.80 52.76
CA GLU A 16 -36.61 7.61 53.03
C GLU A 16 -35.29 7.01 52.53
N LEU A 17 -35.23 5.69 52.37
CA LEU A 17 -34.03 5.02 51.86
C LEU A 17 -33.97 5.00 50.33
N HIS A 18 -32.78 5.19 49.76
CA HIS A 18 -32.60 5.13 48.29
C HIS A 18 -32.76 3.69 47.81
N LYS A 19 -33.46 3.52 46.69
CA LYS A 19 -33.65 2.21 46.09
C LYS A 19 -32.71 2.01 44.90
N SER A 20 -31.92 0.94 44.95
CA SER A 20 -30.86 0.68 43.98
C SER A 20 -31.36 0.37 42.57
N SER A 21 -32.59 -0.12 42.46
CA SER A 21 -33.17 -0.36 41.14
C SER A 21 -33.53 0.95 40.45
N LYS A 22 -33.64 2.04 41.23
CA LYS A 22 -33.90 3.37 40.68
C LYS A 22 -32.60 4.09 40.31
N PHE A 23 -31.45 3.54 40.73
CA PHE A 23 -30.18 3.98 40.18
C PHE A 23 -29.93 3.20 38.89
N THR A 24 -29.87 3.93 37.78
CA THR A 24 -29.74 3.32 36.45
C THR A 24 -28.33 3.48 35.87
N GLY A 25 -27.40 3.97 36.68
CA GLY A 25 -25.98 4.04 36.30
C GLY A 25 -25.29 2.76 36.73
N LEU A 26 -23.99 2.67 36.47
CA LEU A 26 -23.22 1.47 36.84
C LEU A 26 -22.75 1.50 38.30
N MET A 27 -23.12 0.46 39.06
CA MET A 27 -22.84 0.39 40.50
C MET A 27 -21.35 0.30 40.83
N GLU A 28 -20.52 -0.06 39.85
CA GLU A 28 -19.06 -0.04 40.03
C GLU A 28 -18.65 1.31 40.60
N ASN A 29 -19.37 2.35 40.23
CA ASN A 29 -19.06 3.71 40.66
C ASN A 29 -19.17 3.88 42.16
N MET A 30 -19.99 3.04 42.80
CA MET A 30 -20.07 2.98 44.24
C MET A 30 -19.12 1.92 44.81
N LYS A 31 -18.98 0.78 44.11
CA LYS A 31 -18.18 -0.34 44.60
C LYS A 31 -16.76 0.09 44.91
N VAL A 32 -16.19 0.85 44.00
CA VAL A 32 -14.77 1.16 44.00
C VAL A 32 -14.33 2.01 45.21
N LEU A 33 -15.27 2.73 45.84
CA LEU A 33 -14.98 3.52 47.04
C LEU A 33 -14.92 2.68 48.30
N TYR A 34 -15.39 1.44 48.23
CA TYR A 34 -15.37 0.52 49.35
C TYR A 34 -14.68 -0.78 48.98
N ASP A 35 -13.75 -0.71 48.03
CA ASP A 35 -12.95 -1.85 47.64
C ASP A 35 -11.55 -1.71 48.23
N ASP A 36 -10.64 -2.61 47.86
CA ASP A 36 -9.31 -2.72 48.47
C ASP A 36 -8.65 -1.41 48.81
N ASN A 37 -8.61 -0.48 47.87
CA ASN A 37 -7.77 0.71 48.03
C ASN A 37 -8.42 1.79 48.87
N HIS A 38 -7.66 2.29 49.85
CA HIS A 38 -8.11 3.43 50.65
C HIS A 38 -6.91 4.23 51.10
N VAL A 39 -7.14 5.49 51.46
CA VAL A 39 -6.11 6.33 52.07
C VAL A 39 -5.83 5.85 53.49
N SER A 40 -4.55 5.76 53.85
CA SER A 40 -4.16 5.34 55.20
C SER A 40 -2.78 5.86 55.58
N ALA A 41 -2.68 6.52 56.73
CA ALA A 41 -1.40 7.01 57.26
C ALA A 41 -1.38 6.96 58.79
N ILE A 42 -0.18 6.79 59.36
CA ILE A 42 0.01 6.68 60.81
C ILE A 42 1.04 7.71 61.29
N ASN A 43 0.66 8.52 62.27
CA ASN A 43 1.54 9.51 62.90
C ASN A 43 2.11 10.52 61.89
N VAL A 44 1.23 11.31 61.29
CA VAL A 44 1.60 12.32 60.31
C VAL A 44 1.02 13.69 60.65
N LYS A 45 1.75 14.72 60.21
CA LYS A 45 1.40 16.11 60.44
C LYS A 45 0.96 16.73 59.12
N SER A 46 -0.03 17.61 59.15
CA SER A 46 -0.41 18.34 57.95
C SER A 46 0.77 19.19 57.50
N ILE A 47 1.02 19.23 56.19
CA ILE A 47 2.15 19.97 55.63
C ILE A 47 1.73 21.29 54.97
N ASP A 48 0.43 21.44 54.69
CA ASP A 48 -0.09 22.60 53.99
C ASP A 48 -1.61 22.68 54.15
N GLN A 49 -2.20 23.75 53.62
CA GLN A 49 -3.63 23.97 53.68
C GLN A 49 -4.05 24.73 52.43
N PHE A 50 -5.20 24.38 51.84
CA PHE A 50 -5.74 25.12 50.68
C PHE A 50 -6.84 26.08 51.12
N LEU A 51 -8.03 25.55 51.43
CA LEU A 51 -9.10 26.35 52.03
C LEU A 51 -9.07 26.18 53.55
N TYR A 52 -9.73 27.09 54.28
CA TYR A 52 -9.59 27.13 55.74
C TYR A 52 -10.28 25.97 56.46
N PHE A 53 -11.12 25.22 55.76
CA PHE A 53 -11.76 24.04 56.34
C PHE A 53 -11.16 22.70 55.89
N ASP A 54 -10.06 22.76 55.15
CA ASP A 54 -9.33 21.55 54.78
C ASP A 54 -7.92 21.57 55.38
N LEU A 55 -7.25 20.42 55.33
CA LEU A 55 -5.81 20.31 55.59
C LEU A 55 -5.21 19.37 54.55
N ILE A 56 -3.92 19.55 54.24
CA ILE A 56 -3.25 18.74 53.24
C ILE A 56 -2.13 17.89 53.83
N TYR A 57 -2.13 16.59 53.49
CA TYR A 57 -1.13 15.64 53.98
C TYR A 57 -0.31 15.05 52.83
N SER A 58 0.95 14.77 53.11
CA SER A 58 1.82 14.03 52.20
C SER A 58 1.74 12.53 52.55
N ILE A 59 0.94 11.80 51.78
CA ILE A 59 0.73 10.37 51.97
C ILE A 59 0.88 9.70 50.62
N LYS A 60 1.88 8.83 50.50
CA LYS A 60 2.18 8.16 49.25
C LYS A 60 1.32 6.89 49.13
N ASP A 61 0.65 6.72 47.99
CA ASP A 61 -0.13 5.51 47.73
C ASP A 61 0.81 4.33 47.49
N THR A 62 0.83 3.38 48.42
CA THR A 62 1.76 2.24 48.34
C THR A 62 1.41 1.29 47.19
N LYS A 63 0.12 1.03 47.00
CA LYS A 63 -0.32 0.03 46.02
C LYS A 63 -0.15 0.49 44.56
N LEU A 64 -0.87 1.52 44.13
CA LEU A 64 -0.83 1.93 42.72
C LEU A 64 -0.04 3.21 42.41
N GLY A 65 0.28 3.99 43.44
CA GLY A 65 0.93 5.30 43.24
C GLY A 65 0.07 6.29 42.47
N ASN A 66 -1.22 6.34 42.78
CA ASN A 66 -2.12 7.30 42.15
C ASN A 66 -2.03 8.69 42.78
N TYR A 67 -1.38 8.80 43.93
CA TYR A 67 -1.33 10.06 44.66
C TYR A 67 -0.13 10.17 45.60
N ASP A 68 0.33 11.40 45.79
CA ASP A 68 1.37 11.73 46.79
C ASP A 68 0.86 12.67 47.88
N ASN A 69 -0.10 13.52 47.54
CA ASN A 69 -0.69 14.46 48.48
C ASN A 69 -2.19 14.25 48.62
N VAL A 70 -2.69 14.26 49.85
CA VAL A 70 -4.10 14.01 50.13
C VAL A 70 -4.77 15.23 50.76
N ARG A 71 -5.83 15.74 50.13
CA ARG A 71 -6.61 16.82 50.72
C ARG A 71 -7.73 16.26 51.58
N VAL A 72 -7.69 16.56 52.87
CA VAL A 72 -8.77 16.17 53.78
C VAL A 72 -9.68 17.37 54.01
N GLU A 73 -10.93 17.26 53.57
CA GLU A 73 -11.92 18.32 53.70
C GLU A 73 -12.83 18.07 54.92
N PHE A 74 -13.02 19.09 55.75
CA PHE A 74 -13.87 19.00 56.93
C PHE A 74 -15.11 19.84 56.76
N LYS A 75 -16.06 19.65 57.66
CA LYS A 75 -17.32 20.40 57.61
C LYS A 75 -17.15 21.88 57.94
N ASN A 76 -16.10 22.25 58.68
CA ASN A 76 -15.90 23.67 59.06
C ASN A 76 -14.47 24.05 59.46
N LYS A 77 -14.26 25.32 59.76
CA LYS A 77 -12.93 25.83 60.12
C LYS A 77 -12.42 25.28 61.46
N ASP A 78 -13.30 25.15 62.45
CA ASP A 78 -12.88 24.67 63.77
C ASP A 78 -12.31 23.23 63.78
N LEU A 79 -12.84 22.36 62.91
CA LEU A 79 -12.25 21.02 62.76
C LEU A 79 -10.86 21.10 62.12
N ALA A 80 -10.70 22.00 61.14
CA ALA A 80 -9.40 22.17 60.48
C ALA A 80 -8.36 22.65 61.47
N ASP A 81 -8.73 23.66 62.27
CA ASP A 81 -7.85 24.26 63.27
C ASP A 81 -7.48 23.31 64.41
N LYS A 82 -8.36 22.38 64.75
CA LYS A 82 -8.05 21.46 65.84
C LYS A 82 -6.92 20.52 65.45
N TYR A 83 -6.95 20.03 64.21
CA TYR A 83 -5.97 19.05 63.74
C TYR A 83 -4.82 19.65 62.94
N LYS A 84 -4.82 20.97 62.77
CA LYS A 84 -3.73 21.66 62.07
C LYS A 84 -2.40 21.46 62.79
N ASP A 85 -1.43 20.90 62.07
CA ASP A 85 -0.06 20.74 62.57
C ASP A 85 0.06 19.74 63.72
N LYS A 86 -1.02 19.04 64.05
CA LYS A 86 -0.96 18.00 65.05
C LYS A 86 -0.74 16.65 64.38
N TYR A 87 0.01 15.78 65.05
CA TYR A 87 0.28 14.44 64.55
C TYR A 87 -0.94 13.55 64.73
N VAL A 88 -1.42 13.02 63.62
CA VAL A 88 -2.69 12.30 63.58
C VAL A 88 -2.57 11.01 62.77
N ASP A 89 -3.64 10.23 62.78
CA ASP A 89 -3.80 9.09 61.87
C ASP A 89 -4.91 9.43 60.87
N VAL A 90 -4.72 9.03 59.62
CA VAL A 90 -5.70 9.29 58.57
C VAL A 90 -6.20 7.96 58.00
N PHE A 91 -7.51 7.85 57.81
CA PHE A 91 -8.11 6.68 57.22
C PHE A 91 -9.41 7.07 56.52
N GLY A 92 -9.53 6.77 55.24
CA GLY A 92 -10.79 7.03 54.56
C GLY A 92 -10.86 6.70 53.08
N ALA A 93 -12.04 6.96 52.52
CA ALA A 93 -12.35 6.67 51.13
C ALA A 93 -12.10 7.92 50.30
N ASN A 94 -11.24 7.80 49.29
CA ASN A 94 -10.91 8.98 48.45
C ASN A 94 -11.51 8.94 47.06
N TYR A 95 -11.56 10.12 46.43
CA TYR A 95 -12.04 10.29 45.05
C TYR A 95 -11.10 11.18 44.24
N TYR A 96 -11.26 11.11 42.92
CA TYR A 96 -10.42 11.86 41.96
C TYR A 96 -11.24 12.81 41.09
N TYR A 97 -12.37 12.33 40.58
CA TYR A 97 -13.25 13.15 39.77
C TYR A 97 -13.76 14.34 40.58
N GLN A 98 -13.67 15.53 40.00
CA GLN A 98 -14.00 16.79 40.67
C GLN A 98 -13.21 17.04 41.97
N CYS A 99 -12.12 16.32 42.19
CA CYS A 99 -11.25 16.65 43.31
C CYS A 99 -10.38 17.83 42.90
N TYR A 100 -10.28 18.82 43.77
CA TYR A 100 -9.60 20.06 43.42
C TYR A 100 -8.81 20.68 44.56
N PHE A 101 -7.55 21.00 44.31
CA PHE A 101 -6.78 21.97 45.11
C PHE A 101 -5.55 22.49 44.39
N SER A 102 -5.16 23.72 44.74
CA SER A 102 -4.09 24.48 44.07
C SER A 102 -4.10 24.24 42.57
N LYS A 115 1.77 16.30 44.03
CA LYS A 115 2.15 16.17 42.62
C LYS A 115 1.01 15.46 41.91
N ARG A 116 0.71 14.24 42.37
CA ARG A 116 -0.51 13.56 42.00
C ARG A 116 -1.39 13.65 43.25
N LYS A 117 -2.65 14.02 43.05
CA LYS A 117 -3.52 14.47 44.13
C LYS A 117 -4.72 13.57 44.32
N THR A 118 -5.29 13.60 45.53
CA THR A 118 -6.58 12.98 45.80
C THR A 118 -7.28 13.72 46.93
N CYS A 119 -8.59 13.53 47.03
CA CYS A 119 -9.41 14.22 48.02
C CYS A 119 -10.15 13.22 48.88
N MET A 120 -10.52 13.65 50.09
CA MET A 120 -11.39 12.87 50.98
C MET A 120 -12.02 13.78 52.05
N TYR A 121 -12.87 13.22 52.89
CA TYR A 121 -13.48 13.96 54.00
C TYR A 121 -13.22 13.27 55.34
N GLY A 122 -13.01 14.07 56.38
CA GLY A 122 -12.76 13.57 57.74
C GLY A 122 -11.70 12.47 57.81
N GLY A 123 -11.92 11.50 58.70
CA GLY A 123 -11.04 10.34 58.83
C GLY A 123 -9.80 10.58 59.67
N VAL A 124 -9.76 11.73 60.36
CA VAL A 124 -8.59 12.16 61.11
C VAL A 124 -8.81 12.02 62.62
N THR A 125 -7.83 11.40 63.29
CA THR A 125 -7.87 11.21 64.72
C THR A 125 -6.46 11.41 65.29
N GLU A 126 -6.34 12.11 66.41
CA GLU A 126 -5.03 12.27 67.08
C GLU A 126 -4.32 10.93 67.20
N HIS A 127 -3.00 10.92 66.98
CA HIS A 127 -2.22 9.69 67.13
C HIS A 127 -1.89 9.43 68.59
N ASN A 128 -1.26 10.42 69.24
CA ASN A 128 -0.79 10.26 70.62
C ASN A 128 -1.93 9.97 71.60
N GLY A 129 -1.71 8.98 72.45
CA GLY A 129 -2.70 8.59 73.45
C GLY A 129 -3.91 7.83 72.92
N ASN A 130 -3.96 7.59 71.62
CA ASN A 130 -5.12 6.98 71.00
C ASN A 130 -4.84 5.54 70.55
N GLN A 131 -3.66 5.02 70.87
CA GLN A 131 -3.23 3.71 70.38
C GLN A 131 -3.51 2.60 71.39
N LEU A 132 -4.04 1.48 70.89
CA LEU A 132 -4.23 0.26 71.68
C LEU A 132 -3.08 -0.70 71.41
N ASP A 133 -2.75 -1.50 72.43
CA ASP A 133 -1.62 -2.42 72.36
C ASP A 133 -1.94 -3.62 71.46
N LYS A 134 -3.21 -4.02 71.44
CA LYS A 134 -3.69 -5.13 70.62
C LYS A 134 -5.02 -4.73 69.99
N TYR A 135 -5.30 -5.26 68.80
CA TYR A 135 -6.51 -4.90 68.07
C TYR A 135 -7.78 -5.29 68.82
N ARG A 136 -8.77 -4.42 68.74
CA ARG A 136 -10.09 -4.64 69.30
C ARG A 136 -11.01 -5.14 68.18
N SER A 137 -11.94 -6.03 68.53
CA SER A 137 -12.93 -6.53 67.58
C SER A 137 -14.28 -5.90 67.86
N ILE A 138 -14.93 -5.38 66.81
CA ILE A 138 -16.32 -4.96 66.88
C ILE A 138 -17.14 -5.90 66.01
N THR A 139 -18.20 -6.45 66.59
CA THR A 139 -19.03 -7.43 65.90
C THR A 139 -20.17 -6.73 65.16
N VAL A 140 -20.10 -6.78 63.84
CA VAL A 140 -21.15 -6.24 63.01
C VAL A 140 -22.30 -7.24 62.97
N ARG A 141 -23.53 -6.74 62.98
CA ARG A 141 -24.69 -7.62 62.87
C ARG A 141 -25.49 -7.28 61.62
N VAL A 142 -25.70 -8.29 60.79
CA VAL A 142 -26.27 -8.09 59.48
C VAL A 142 -27.68 -8.62 59.45
N PHE A 143 -28.63 -7.77 59.05
CA PHE A 143 -30.02 -8.13 58.94
C PHE A 143 -30.45 -8.13 57.48
N GLU A 144 -31.12 -9.19 57.05
CA GLU A 144 -31.77 -9.23 55.74
C GLU A 144 -33.27 -9.32 55.91
N ASP A 145 -33.98 -8.31 55.41
CA ASP A 145 -35.44 -8.24 55.53
C ASP A 145 -35.86 -8.47 56.98
N GLY A 146 -35.15 -7.84 57.91
CA GLY A 146 -35.51 -7.92 59.33
C GLY A 146 -34.89 -9.06 60.12
N LYS A 147 -34.50 -10.14 59.45
CA LYS A 147 -33.88 -11.31 60.09
C LYS A 147 -32.35 -11.25 60.07
N ASN A 148 -31.74 -11.46 61.23
CA ASN A 148 -30.29 -11.54 61.36
C ASN A 148 -29.80 -12.88 60.81
N LEU A 149 -28.97 -12.83 59.76
CA LEU A 149 -28.46 -14.04 59.09
C LEU A 149 -27.03 -14.36 59.50
N LEU A 150 -26.23 -13.33 59.78
CA LEU A 150 -24.83 -13.53 60.17
C LEU A 150 -24.21 -12.35 60.94
N SER A 151 -23.05 -12.63 61.51
CA SER A 151 -22.18 -11.63 62.15
C SER A 151 -20.75 -11.82 61.64
N PHE A 152 -19.98 -10.74 61.63
CA PHE A 152 -18.55 -10.84 61.37
C PHE A 152 -17.85 -9.71 62.08
N ASP A 153 -16.58 -9.90 62.40
CA ASP A 153 -15.82 -8.92 63.16
C ASP A 153 -15.05 -7.98 62.24
N VAL A 154 -14.91 -6.74 62.68
CA VAL A 154 -14.01 -5.78 62.07
C VAL A 154 -13.02 -5.32 63.15
N GLN A 155 -11.74 -5.20 62.78
CA GLN A 155 -10.68 -4.91 63.74
C GLN A 155 -10.27 -3.44 63.66
N THR A 156 -9.89 -2.87 64.80
CA THR A 156 -9.15 -1.60 64.84
C THR A 156 -8.29 -1.51 66.08
N ASN A 157 -7.27 -0.66 66.01
CA ASN A 157 -6.29 -0.48 67.08
C ASN A 157 -6.36 0.91 67.71
N LYS A 158 -7.37 1.69 67.35
CA LYS A 158 -7.57 3.02 67.94
C LYS A 158 -8.59 2.96 69.09
N LYS A 159 -8.42 3.81 70.10
CA LYS A 159 -9.42 3.97 71.17
C LYS A 159 -10.63 4.69 70.58
N LYS A 160 -10.39 5.85 69.97
CA LYS A 160 -11.41 6.62 69.28
C LYS A 160 -11.19 6.47 67.78
N VAL A 161 -12.16 5.87 67.10
CA VAL A 161 -12.06 5.61 65.66
C VAL A 161 -13.18 6.37 64.96
N THR A 162 -12.92 6.86 63.75
CA THR A 162 -13.96 7.54 63.00
C THR A 162 -15.02 6.55 62.53
N ALA A 163 -16.29 6.97 62.54
CA ALA A 163 -17.35 6.17 61.97
C ALA A 163 -17.01 5.75 60.54
N GLN A 164 -16.43 6.66 59.77
CA GLN A 164 -15.97 6.35 58.42
C GLN A 164 -15.10 5.09 58.31
N GLU A 165 -14.08 4.97 59.16
CA GLU A 165 -13.21 3.79 59.10
C GLU A 165 -14.03 2.52 59.29
N LEU A 166 -14.87 2.49 60.31
CA LEU A 166 -15.71 1.33 60.63
C LEU A 166 -16.74 1.05 59.52
N ASP A 167 -17.22 2.11 58.87
CA ASP A 167 -18.12 1.97 57.74
C ASP A 167 -17.35 1.29 56.57
N TYR A 168 -16.16 1.81 56.26
CA TYR A 168 -15.39 1.25 55.17
C TYR A 168 -15.12 -0.22 55.39
N LEU A 169 -14.70 -0.58 56.60
CA LEU A 169 -14.32 -1.95 56.90
C LEU A 169 -15.53 -2.89 56.83
N THR A 170 -16.72 -2.38 57.14
CA THR A 170 -17.91 -3.20 57.16
C THR A 170 -18.43 -3.43 55.74
N ARG A 171 -18.45 -2.37 54.95
CA ARG A 171 -18.90 -2.48 53.57
C ARG A 171 -17.96 -3.33 52.74
N HIS A 172 -16.66 -3.16 52.97
CA HIS A 172 -15.62 -3.90 52.24
C HIS A 172 -15.81 -5.40 52.38
N TYR A 173 -15.91 -5.85 53.63
CA TYR A 173 -16.24 -7.24 53.91
C TYR A 173 -17.47 -7.64 53.11
N LEU A 174 -18.54 -6.86 53.24
CA LEU A 174 -19.78 -7.13 52.52
C LEU A 174 -19.62 -7.18 51.00
N VAL A 175 -18.77 -6.31 50.46
CA VAL A 175 -18.45 -6.30 49.02
C VAL A 175 -17.73 -7.59 48.59
N LYS A 176 -16.80 -8.08 49.40
CA LYS A 176 -16.06 -9.28 49.04
C LYS A 176 -16.90 -10.56 49.19
N ASN A 177 -17.74 -10.62 50.23
CA ASN A 177 -18.40 -11.87 50.62
C ASN A 177 -19.90 -11.94 50.36
N LYS A 178 -20.55 -10.80 50.28
CA LYS A 178 -22.00 -10.71 50.07
C LYS A 178 -22.39 -10.06 48.75
N LYS A 179 -21.39 -9.68 47.94
CA LYS A 179 -21.64 -8.99 46.68
C LYS A 179 -22.57 -7.80 46.89
N LEU A 180 -22.24 -6.96 47.86
CA LEU A 180 -23.03 -5.78 48.22
C LEU A 180 -23.11 -4.78 47.06
N TYR A 181 -21.95 -4.46 46.48
CA TYR A 181 -21.89 -3.66 45.27
C TYR A 181 -21.19 -4.46 44.20
N GLU A 182 -21.83 -4.64 43.06
CA GLU A 182 -21.24 -5.34 41.93
C GLU A 182 -20.99 -4.34 40.82
N PHE A 183 -20.62 -4.82 39.64
CA PHE A 183 -20.36 -3.93 38.51
C PHE A 183 -21.62 -3.20 38.08
N ASN A 184 -22.70 -3.95 37.87
CA ASN A 184 -23.93 -3.41 37.30
C ASN A 184 -24.90 -2.82 38.34
N ASN A 185 -25.42 -3.66 39.23
CA ASN A 185 -26.29 -3.18 40.31
C ASN A 185 -25.92 -3.85 41.66
N SER A 186 -26.92 -4.16 42.48
CA SER A 186 -26.74 -4.87 43.75
C SER A 186 -27.83 -5.92 43.88
N PRO A 187 -27.57 -6.99 44.66
CA PRO A 187 -28.69 -7.89 44.95
C PRO A 187 -29.66 -7.30 45.99
N TYR A 188 -29.25 -6.23 46.68
CA TYR A 188 -30.10 -5.57 47.69
C TYR A 188 -30.71 -4.24 47.20
N GLU A 189 -31.93 -3.95 47.66
CA GLU A 189 -32.71 -2.80 47.22
C GLU A 189 -32.41 -1.58 48.10
N THR A 190 -32.54 -1.74 49.42
CA THR A 190 -32.10 -0.69 50.35
C THR A 190 -31.01 -1.23 51.24
N GLY A 191 -30.33 -0.31 51.92
CA GLY A 191 -29.32 -0.67 52.88
C GLY A 191 -28.94 0.52 53.73
N TYR A 192 -28.75 0.29 55.02
CA TYR A 192 -28.26 1.34 55.92
C TYR A 192 -27.46 0.80 57.11
N ILE A 193 -26.32 1.42 57.35
CA ILE A 193 -25.41 1.04 58.41
C ILE A 193 -25.72 1.90 59.63
N LYS A 194 -25.98 1.25 60.76
CA LYS A 194 -26.37 1.94 61.98
C LYS A 194 -25.27 1.80 63.04
N PHE A 195 -24.87 2.91 63.64
CA PHE A 195 -23.89 2.92 64.72
C PHE A 195 -24.59 3.25 66.04
N ILE A 196 -24.24 2.55 67.11
CA ILE A 196 -24.89 2.72 68.42
C ILE A 196 -23.85 2.82 69.53
N GLU A 197 -23.73 4.00 70.12
CA GLU A 197 -22.84 4.25 71.26
C GLU A 197 -23.70 4.38 72.50
N ASN A 198 -23.59 3.40 73.40
CA ASN A 198 -24.45 3.31 74.57
C ASN A 198 -25.93 3.46 74.18
N GLU A 199 -26.44 4.69 74.26
CA GLU A 199 -27.86 4.96 74.02
C GLU A 199 -28.10 5.59 72.63
N ASN A 200 -27.16 6.45 72.21
CA ASN A 200 -27.34 7.32 71.05
C ASN A 200 -26.89 6.71 69.74
N SER A 201 -27.77 6.68 68.75
CA SER A 201 -27.46 6.09 67.44
C SER A 201 -27.58 7.06 66.26
N PHE A 202 -26.91 6.70 65.16
CA PHE A 202 -27.03 7.38 63.88
C PHE A 202 -26.79 6.39 62.76
N TRP A 203 -27.19 6.74 61.54
CA TRP A 203 -27.09 5.83 60.40
C TRP A 203 -26.76 6.54 59.09
N TYR A 204 -26.15 5.79 58.16
CA TYR A 204 -25.88 6.28 56.81
C TYR A 204 -26.56 5.39 55.77
N ASP A 205 -27.07 6.00 54.71
CA ASP A 205 -27.74 5.27 53.64
C ASP A 205 -26.68 4.69 52.71
N MET A 206 -26.72 3.38 52.50
CA MET A 206 -25.65 2.67 51.79
C MET A 206 -25.79 2.68 50.27
N MET A 207 -26.85 3.29 49.74
CA MET A 207 -27.14 3.23 48.31
C MET A 207 -27.04 4.60 47.66
N PRO A 208 -26.75 4.64 46.34
CA PRO A 208 -26.63 5.89 45.61
C PRO A 208 -27.97 6.53 45.35
N ALA A 209 -27.95 7.79 44.93
CA ALA A 209 -29.18 8.52 44.61
C ALA A 209 -29.76 8.01 43.29
N PRO A 210 -31.05 8.23 43.05
CA PRO A 210 -31.65 7.77 41.79
C PRO A 210 -31.16 8.55 40.57
N GLY A 211 -31.28 7.96 39.39
CA GLY A 211 -30.76 8.56 38.15
C GLY A 211 -29.63 7.74 37.56
N ASP A 212 -29.01 8.24 36.49
CA ASP A 212 -27.98 7.48 35.77
C ASP A 212 -26.54 7.85 36.13
N LYS A 213 -26.35 8.82 37.03
CA LYS A 213 -25.00 9.23 37.45
C LYS A 213 -24.85 9.21 38.96
N PHE A 214 -23.62 9.04 39.43
CA PHE A 214 -23.31 8.96 40.85
C PHE A 214 -22.17 9.91 41.21
N ASP A 215 -22.49 10.87 42.08
CA ASP A 215 -21.57 11.92 42.51
C ASP A 215 -20.80 11.44 43.72
N GLN A 216 -19.59 10.96 43.49
CA GLN A 216 -18.78 10.35 44.55
C GLN A 216 -18.43 11.38 45.62
N SER A 217 -17.95 12.55 45.19
CA SER A 217 -17.68 13.65 46.12
C SER A 217 -18.88 13.92 47.03
N LYS A 218 -20.02 14.19 46.43
CA LYS A 218 -21.23 14.56 47.15
C LYS A 218 -21.68 13.48 48.14
N TYR A 219 -21.47 12.22 47.78
CA TYR A 219 -21.81 11.12 48.66
C TYR A 219 -20.84 11.01 49.85
N LEU A 220 -19.54 11.12 49.57
CA LEU A 220 -18.54 10.98 50.61
C LEU A 220 -18.54 12.15 51.59
N MET A 221 -19.19 13.25 51.21
CA MET A 221 -19.24 14.44 52.07
C MET A 221 -19.92 14.18 53.40
N MET A 222 -20.79 13.17 53.46
CA MET A 222 -21.43 12.77 54.73
C MET A 222 -20.41 12.49 55.85
N TYR A 223 -19.18 12.13 55.48
CA TYR A 223 -18.10 11.90 56.44
C TYR A 223 -17.38 13.17 56.93
N ASN A 224 -17.78 14.35 56.46
CA ASN A 224 -17.00 15.56 56.71
C ASN A 224 -17.08 16.10 58.14
N ASP A 225 -18.02 15.58 58.92
CA ASP A 225 -18.13 15.99 60.32
C ASP A 225 -17.09 15.31 61.20
N ASN A 226 -16.36 14.34 60.64
CA ASN A 226 -15.28 13.68 61.36
C ASN A 226 -15.78 12.92 62.59
N LYS A 227 -17.04 12.48 62.56
CA LYS A 227 -17.65 11.84 63.72
C LYS A 227 -16.81 10.68 64.21
N MET A 228 -16.67 10.56 65.52
CA MET A 228 -15.87 9.52 66.15
C MET A 228 -16.71 8.71 67.10
N VAL A 229 -16.35 7.45 67.27
CA VAL A 229 -16.99 6.59 68.24
C VAL A 229 -15.91 5.94 69.08
N ASP A 230 -16.31 5.44 70.24
CA ASP A 230 -15.38 4.73 71.11
C ASP A 230 -15.37 3.27 70.64
N SER A 231 -14.18 2.73 70.41
CA SER A 231 -14.04 1.36 69.86
C SER A 231 -14.57 0.24 70.77
N LYS A 232 -14.62 0.49 72.07
CA LYS A 232 -15.11 -0.52 73.01
C LYS A 232 -16.64 -0.51 73.13
N ASP A 233 -17.23 0.69 73.16
CA ASP A 233 -18.67 0.84 73.39
C ASP A 233 -19.54 0.61 72.15
N VAL A 234 -19.00 0.86 70.96
CA VAL A 234 -19.81 1.01 69.76
C VAL A 234 -20.36 -0.32 69.25
N LYS A 235 -21.60 -0.28 68.73
CA LYS A 235 -22.26 -1.42 68.13
C LYS A 235 -22.57 -1.09 66.68
N ILE A 236 -22.44 -2.07 65.78
CA ILE A 236 -22.69 -1.87 64.36
C ILE A 236 -23.78 -2.80 63.84
N GLU A 237 -24.72 -2.25 63.06
CA GLU A 237 -25.83 -3.02 62.52
C GLU A 237 -26.11 -2.57 61.10
N VAL A 238 -26.06 -3.52 60.17
CA VAL A 238 -26.37 -3.27 58.77
C VAL A 238 -27.70 -3.91 58.42
N TYR A 239 -28.64 -3.09 57.96
CA TYR A 239 -29.96 -3.58 57.58
C TYR A 239 -30.11 -3.54 56.06
N LEU A 240 -30.21 -4.73 55.45
CA LEU A 240 -30.34 -4.89 54.00
C LEU A 240 -31.74 -5.39 53.63
N THR A 241 -32.11 -5.13 52.37
CA THR A 241 -33.39 -5.58 51.82
C THR A 241 -33.18 -6.23 50.43
N THR A 242 -33.75 -7.41 50.22
CA THR A 242 -33.51 -8.16 48.98
C THR A 242 -34.46 -7.74 47.86
N LYS A 243 -34.33 -8.37 46.69
CA LYS A 243 -35.14 -8.04 45.51
C LYS A 243 -36.13 -9.14 45.14
N ASP B 1 -22.50 -19.21 34.42
CA ASP B 1 -21.95 -18.48 33.26
C ASP B 1 -23.02 -18.30 32.18
N ILE B 2 -23.06 -17.10 31.61
CA ILE B 2 -24.02 -16.76 30.57
C ILE B 2 -23.47 -17.15 29.19
N GLN B 3 -24.15 -18.10 28.53
CA GLN B 3 -23.79 -18.52 27.17
C GLN B 3 -24.50 -17.65 26.13
N MET B 4 -23.74 -17.09 25.19
CA MET B 4 -24.31 -16.21 24.15
C MET B 4 -24.28 -16.90 22.78
N THR B 5 -25.40 -17.50 22.38
CA THR B 5 -25.48 -18.19 21.10
C THR B 5 -25.69 -17.17 19.97
N GLN B 6 -24.69 -17.03 19.10
CA GLN B 6 -24.76 -16.08 17.97
C GLN B 6 -25.05 -16.81 16.66
N SER B 7 -26.17 -16.45 16.02
CA SER B 7 -26.58 -17.10 14.78
C SER B 7 -26.90 -16.08 13.69
N PRO B 8 -26.56 -16.40 12.42
CA PRO B 8 -25.80 -17.55 11.96
C PRO B 8 -24.31 -17.27 12.06
N SER B 9 -23.48 -18.30 11.91
CA SER B 9 -22.02 -18.13 12.03
C SER B 9 -21.40 -17.65 10.72
N SER B 10 -22.01 -18.02 9.59
CA SER B 10 -21.64 -17.49 8.28
C SER B 10 -22.88 -16.94 7.57
N LEU B 11 -22.77 -15.74 7.01
CA LEU B 11 -23.85 -15.17 6.22
C LEU B 11 -23.35 -14.69 4.87
N SER B 12 -24.15 -14.97 3.83
CA SER B 12 -23.80 -14.63 2.46
C SER B 12 -24.75 -13.59 1.95
N ALA B 13 -24.22 -12.47 1.49
CA ALA B 13 -25.05 -11.32 1.11
C ALA B 13 -24.47 -10.60 -0.10
N SER B 14 -25.16 -9.54 -0.52
CA SER B 14 -24.72 -8.71 -1.64
C SER B 14 -24.72 -7.24 -1.22
N LEU B 15 -24.21 -6.39 -2.09
CA LEU B 15 -24.19 -4.95 -1.87
C LEU B 15 -25.62 -4.41 -1.85
N GLY B 16 -25.96 -3.67 -0.79
CA GLY B 16 -27.28 -3.05 -0.65
C GLY B 16 -28.34 -3.92 0.01
N GLU B 17 -28.00 -5.15 0.37
CA GLU B 17 -28.92 -6.02 1.09
C GLU B 17 -29.06 -5.59 2.55
N ARG B 18 -30.28 -5.72 3.05
CA ARG B 18 -30.55 -5.55 4.47
C ARG B 18 -30.30 -6.89 5.15
N VAL B 19 -29.48 -6.88 6.19
CA VAL B 19 -29.08 -8.11 6.89
C VAL B 19 -29.23 -7.98 8.38
N SER B 20 -29.25 -9.11 9.07
CA SER B 20 -29.62 -9.14 10.48
C SER B 20 -28.99 -10.31 11.24
N LEU B 21 -28.06 -9.98 12.13
CA LEU B 21 -27.45 -10.96 13.01
C LEU B 21 -28.25 -11.05 14.29
N THR B 22 -28.60 -12.27 14.68
CA THR B 22 -29.30 -12.48 15.94
C THR B 22 -28.31 -13.08 16.93
N CYS B 23 -28.59 -12.92 18.22
CA CYS B 23 -27.70 -13.38 19.28
C CYS B 23 -28.55 -13.53 20.55
N ARG B 24 -28.60 -14.75 21.11
CA ARG B 24 -29.52 -15.07 22.22
C ARG B 24 -28.81 -15.37 23.54
N ALA B 25 -29.38 -14.91 24.65
CA ALA B 25 -28.79 -15.06 25.98
C ALA B 25 -29.45 -16.20 26.74
N SER B 26 -28.64 -17.04 27.38
CA SER B 26 -29.14 -18.19 28.13
C SER B 26 -29.67 -17.80 29.51
N GLN B 27 -29.74 -16.49 29.79
CA GLN B 27 -30.07 -16.00 31.12
C GLN B 27 -30.32 -14.48 31.00
N GLU B 28 -31.11 -13.92 31.91
CA GLU B 28 -31.48 -12.51 31.79
C GLU B 28 -30.26 -11.59 31.79
N ILE B 29 -30.18 -10.75 30.76
CA ILE B 29 -29.03 -9.85 30.54
C ILE B 29 -29.40 -8.37 30.45
N SER B 30 -30.68 -8.06 30.30
CA SER B 30 -31.22 -6.70 30.40
C SER B 30 -30.36 -5.57 29.82
N ASP B 31 -30.25 -5.51 28.50
CA ASP B 31 -29.60 -4.36 27.82
C ASP B 31 -28.08 -4.19 28.05
N TYR B 32 -27.46 -5.01 28.90
CA TYR B 32 -26.00 -4.99 29.02
C TYR B 32 -25.38 -5.82 27.89
N LEU B 33 -25.53 -5.35 26.65
CA LEU B 33 -25.04 -6.05 25.46
C LEU B 33 -24.33 -5.07 24.54
N THR B 34 -23.26 -5.50 23.89
CA THR B 34 -22.54 -4.62 22.97
C THR B 34 -22.13 -5.38 21.71
N TRP B 35 -22.23 -4.72 20.56
CA TRP B 35 -21.83 -5.33 19.31
C TRP B 35 -20.48 -4.79 18.87
N LEU B 36 -19.63 -5.68 18.39
CA LEU B 36 -18.29 -5.32 17.92
C LEU B 36 -18.06 -5.82 16.50
N GLN B 37 -17.21 -5.11 15.79
CA GLN B 37 -16.79 -5.48 14.45
C GLN B 37 -15.29 -5.67 14.44
N GLN B 38 -14.82 -6.79 13.90
CA GLN B 38 -13.40 -6.98 13.64
C GLN B 38 -13.18 -7.15 12.14
N LYS B 39 -12.47 -6.18 11.55
CA LYS B 39 -12.16 -6.21 10.12
C LYS B 39 -11.12 -7.30 9.82
N PRO B 40 -11.03 -7.73 8.55
CA PRO B 40 -9.92 -8.60 8.12
C PRO B 40 -8.56 -8.00 8.52
N ASP B 41 -8.46 -6.68 8.37
CA ASP B 41 -7.38 -5.84 8.91
C ASP B 41 -6.87 -6.32 10.28
N GLY B 42 -7.82 -6.64 11.17
CA GLY B 42 -7.52 -7.03 12.54
C GLY B 42 -8.18 -6.07 13.52
N THR B 43 -8.35 -4.82 13.09
CA THR B 43 -8.80 -3.76 13.99
C THR B 43 -10.23 -3.99 14.48
N ILE B 44 -10.48 -3.62 15.72
CA ILE B 44 -11.76 -3.85 16.36
C ILE B 44 -12.37 -2.52 16.79
N LYS B 45 -13.64 -2.32 16.48
CA LYS B 45 -14.38 -1.16 16.96
C LYS B 45 -15.77 -1.57 17.45
N ARG B 46 -16.28 -0.79 18.39
CA ARG B 46 -17.60 -1.02 18.97
C ARG B 46 -18.64 -0.40 18.05
N LEU B 47 -19.75 -1.12 17.84
CA LEU B 47 -20.82 -0.67 16.96
C LEU B 47 -22.03 -0.16 17.74
N ILE B 48 -22.47 -0.97 18.69
CA ILE B 48 -23.73 -0.75 19.40
C ILE B 48 -23.46 -0.89 20.89
N TYR B 49 -24.04 -0.01 21.69
CA TYR B 49 -23.86 -0.09 23.16
C TYR B 49 -25.18 0.03 23.89
N VAL B 50 -25.24 -0.49 25.12
CA VAL B 50 -26.49 -0.72 25.84
C VAL B 50 -27.57 -1.34 24.93
N ALA B 51 -27.19 -2.39 24.22
CA ALA B 51 -28.12 -3.16 23.36
C ALA B 51 -28.63 -2.43 22.11
N SER B 52 -29.11 -1.20 22.26
CA SER B 52 -29.88 -0.53 21.19
C SER B 52 -29.37 0.85 20.76
N SER B 53 -28.28 1.33 21.35
CA SER B 53 -27.78 2.68 21.06
C SER B 53 -26.54 2.62 20.15
N LEU B 54 -26.57 3.46 19.12
CA LEU B 54 -25.51 3.49 18.10
C LEU B 54 -24.28 4.23 18.60
N ASP B 55 -23.13 3.55 18.50
CA ASP B 55 -21.84 4.12 18.89
C ASP B 55 -21.52 5.32 18.00
N SER B 56 -21.09 6.41 18.63
CA SER B 56 -20.67 7.63 17.92
C SER B 56 -19.65 7.34 16.80
N GLY B 57 -19.80 8.02 15.66
CA GLY B 57 -18.90 7.80 14.53
C GLY B 57 -18.96 6.41 13.91
N VAL B 58 -20.10 5.74 14.06
CA VAL B 58 -20.46 4.55 13.28
C VAL B 58 -21.71 4.91 12.47
N PRO B 59 -21.74 4.56 11.17
CA PRO B 59 -22.76 5.10 10.27
C PRO B 59 -24.21 4.69 10.60
N LYS B 60 -25.15 5.55 10.21
CA LYS B 60 -26.60 5.33 10.40
C LYS B 60 -27.09 3.92 10.07
N ARG B 61 -26.54 3.33 9.01
CA ARG B 61 -27.02 2.05 8.52
C ARG B 61 -26.94 0.93 9.56
N PHE B 62 -26.13 1.13 10.58
CA PHE B 62 -26.05 0.19 11.70
C PHE B 62 -27.09 0.51 12.76
N SER B 63 -27.77 -0.52 13.25
CA SER B 63 -28.67 -0.39 14.40
C SER B 63 -28.73 -1.71 15.17
N GLY B 64 -29.33 -1.67 16.35
CA GLY B 64 -29.51 -2.87 17.17
C GLY B 64 -30.77 -2.82 18.00
N SER B 65 -31.41 -3.97 18.18
CA SER B 65 -32.65 -4.06 18.96
C SER B 65 -32.77 -5.33 19.79
N ARG B 66 -33.76 -5.32 20.69
CA ARG B 66 -34.02 -6.42 21.60
C ARG B 66 -35.44 -6.93 21.42
N SER B 67 -35.63 -8.22 21.73
CA SER B 67 -36.95 -8.85 21.67
C SER B 67 -37.01 -9.97 22.72
N GLY B 68 -37.11 -9.57 23.99
CA GLY B 68 -37.10 -10.51 25.12
C GLY B 68 -35.69 -10.85 25.55
N SER B 69 -35.28 -12.10 25.29
CA SER B 69 -33.90 -12.55 25.51
C SER B 69 -33.18 -12.70 24.15
N ASP B 70 -33.74 -12.04 23.14
CA ASP B 70 -33.27 -12.16 21.76
C ASP B 70 -32.74 -10.80 21.32
N TYR B 71 -31.44 -10.73 21.04
CA TYR B 71 -30.77 -9.48 20.67
C TYR B 71 -30.28 -9.54 19.22
N SER B 72 -30.35 -8.43 18.50
CA SER B 72 -30.02 -8.44 17.07
C SER B 72 -29.35 -7.17 16.56
N LEU B 73 -28.48 -7.37 15.56
CA LEU B 73 -27.75 -6.30 14.87
C LEU B 73 -28.20 -6.26 13.42
N THR B 74 -28.50 -5.06 12.92
CA THR B 74 -29.02 -4.90 11.56
C THR B 74 -28.21 -3.88 10.76
N ILE B 75 -27.90 -4.22 9.51
CA ILE B 75 -27.24 -3.31 8.59
C ILE B 75 -28.19 -3.13 7.41
N SER B 76 -28.70 -1.92 7.24
CA SER B 76 -29.79 -1.65 6.28
C SER B 76 -29.37 -1.70 4.82
N SER B 77 -28.09 -1.39 4.53
CA SER B 77 -27.60 -1.39 3.16
C SER B 77 -26.11 -1.58 3.09
N LEU B 78 -25.70 -2.81 2.81
CA LEU B 78 -24.31 -3.21 2.94
C LEU B 78 -23.38 -2.48 1.97
N GLU B 79 -22.26 -2.00 2.50
CA GLU B 79 -21.15 -1.49 1.69
C GLU B 79 -20.03 -2.52 1.77
N SER B 80 -19.00 -2.31 0.96
CA SER B 80 -17.88 -3.25 0.82
C SER B 80 -17.14 -3.50 2.14
N GLU B 81 -16.80 -2.42 2.84
CA GLU B 81 -16.05 -2.50 4.09
C GLU B 81 -16.80 -3.27 5.19
N ASP B 82 -18.11 -3.47 5.03
CA ASP B 82 -18.92 -4.14 6.04
C ASP B 82 -18.76 -5.67 6.04
N PHE B 83 -18.16 -6.23 4.99
CA PHE B 83 -17.97 -7.69 4.93
C PHE B 83 -16.82 -8.15 5.82
N ALA B 84 -17.15 -8.25 7.11
CA ALA B 84 -16.19 -8.52 8.15
C ALA B 84 -16.80 -9.47 9.16
N ASP B 85 -16.14 -9.60 10.31
CA ASP B 85 -16.64 -10.41 11.41
C ASP B 85 -17.41 -9.54 12.42
N TYR B 86 -18.42 -10.13 13.06
CA TYR B 86 -19.22 -9.42 14.04
C TYR B 86 -19.44 -10.25 15.28
N TYR B 87 -19.19 -9.66 16.45
CA TYR B 87 -19.35 -10.38 17.71
C TYR B 87 -20.28 -9.61 18.65
N CYS B 88 -21.18 -10.32 19.32
CA CYS B 88 -21.92 -9.75 20.45
C CYS B 88 -21.17 -10.07 21.75
N LEU B 89 -21.43 -9.27 22.78
CA LEU B 89 -20.86 -9.50 24.12
C LEU B 89 -21.75 -9.01 25.25
N GLN B 90 -21.99 -9.90 26.22
CA GLN B 90 -22.72 -9.55 27.43
C GLN B 90 -21.78 -9.18 28.57
N TYR B 91 -22.08 -8.10 29.28
CA TYR B 91 -21.37 -7.76 30.51
C TYR B 91 -22.34 -7.63 31.70
N ALA B 92 -23.32 -8.53 31.77
CA ALA B 92 -24.32 -8.51 32.84
C ALA B 92 -23.78 -9.14 34.12
N ASN B 93 -23.03 -10.23 34.01
CA ASN B 93 -22.25 -10.73 35.14
C ASN B 93 -20.97 -11.46 34.69
N TYR B 94 -20.08 -11.72 35.65
CA TYR B 94 -18.78 -12.32 35.35
C TYR B 94 -18.87 -13.84 35.17
N PRO B 95 -18.05 -14.40 34.26
CA PRO B 95 -17.17 -13.69 33.33
C PRO B 95 -17.95 -13.10 32.16
N TRP B 96 -17.50 -11.96 31.64
CA TRP B 96 -18.15 -11.39 30.47
C TRP B 96 -17.81 -12.30 29.32
N THR B 97 -18.79 -12.59 28.47
CA THR B 97 -18.68 -13.67 27.49
C THR B 97 -19.04 -13.19 26.08
N PHE B 98 -18.33 -13.71 25.09
CA PHE B 98 -18.52 -13.34 23.69
C PHE B 98 -19.40 -14.36 22.97
N GLY B 99 -20.21 -13.87 22.03
CA GLY B 99 -20.90 -14.75 21.11
C GLY B 99 -19.93 -15.33 20.09
N GLY B 100 -20.26 -16.51 19.57
CA GLY B 100 -19.38 -17.24 18.64
C GLY B 100 -18.92 -16.48 17.40
N GLY B 101 -19.60 -15.37 17.07
CA GLY B 101 -19.22 -14.55 15.93
C GLY B 101 -19.91 -14.94 14.63
N THR B 102 -20.19 -13.93 13.79
CA THR B 102 -20.70 -14.14 12.44
C THR B 102 -19.69 -13.60 11.44
N LYS B 103 -19.47 -14.35 10.37
CA LYS B 103 -18.64 -13.93 9.26
C LYS B 103 -19.54 -13.57 8.09
N LEU B 104 -19.39 -12.35 7.59
CA LEU B 104 -20.25 -11.83 6.54
C LEU B 104 -19.45 -11.81 5.25
N GLU B 105 -19.75 -12.74 4.33
CA GLU B 105 -19.08 -12.83 3.02
C GLU B 105 -20.02 -12.51 1.86
N ILE B 106 -19.45 -12.26 0.68
CA ILE B 106 -20.22 -11.79 -0.48
C ILE B 106 -20.68 -12.93 -1.41
N ARG B 107 -21.92 -12.82 -1.89
CA ARG B 107 -22.56 -13.87 -2.69
C ARG B 107 -22.06 -13.88 -4.12
N ARG B 108 -22.08 -15.06 -4.75
CA ARG B 108 -21.80 -15.18 -6.17
C ARG B 108 -22.24 -16.54 -6.72
N ALA B 109 -22.07 -16.74 -8.01
CA ALA B 109 -22.41 -18.00 -8.64
C ALA B 109 -21.50 -19.11 -8.11
N ASP B 110 -22.07 -20.30 -7.93
CA ASP B 110 -21.27 -21.45 -7.53
C ASP B 110 -20.24 -21.75 -8.62
N ALA B 111 -19.02 -22.08 -8.20
CA ALA B 111 -17.95 -22.42 -9.14
C ALA B 111 -17.12 -23.61 -8.64
N ALA B 112 -16.85 -24.56 -9.53
CA ALA B 112 -16.01 -25.72 -9.18
C ALA B 112 -14.53 -25.30 -9.07
N PRO B 113 -13.76 -25.98 -8.20
CA PRO B 113 -12.33 -25.65 -8.07
C PRO B 113 -11.51 -26.22 -9.22
N THR B 114 -10.32 -25.66 -9.41
CA THR B 114 -9.37 -26.16 -10.38
C THR B 114 -8.23 -26.84 -9.63
N VAL B 115 -8.22 -28.16 -9.70
CA VAL B 115 -7.29 -28.95 -8.92
C VAL B 115 -6.05 -29.27 -9.76
N SER B 116 -4.88 -28.91 -9.22
CA SER B 116 -3.58 -29.33 -9.77
C SER B 116 -2.83 -30.10 -8.68
N ILE B 117 -1.98 -31.04 -9.08
CA ILE B 117 -1.11 -31.76 -8.13
C ILE B 117 0.34 -31.63 -8.58
N PHE B 118 1.27 -31.58 -7.64
CA PHE B 118 2.70 -31.46 -7.95
C PHE B 118 3.53 -32.40 -7.08
N PRO B 119 4.37 -33.25 -7.71
CA PRO B 119 5.31 -34.08 -6.94
C PRO B 119 6.41 -33.25 -6.29
N PRO B 120 7.20 -33.89 -5.43
CA PRO B 120 8.35 -33.22 -4.84
C PRO B 120 9.39 -32.84 -5.89
N SER B 121 10.12 -31.76 -5.66
CA SER B 121 11.18 -31.35 -6.56
C SER B 121 12.44 -32.18 -6.31
N SER B 122 13.33 -32.21 -7.29
CA SER B 122 14.66 -32.80 -7.09
C SER B 122 15.35 -32.14 -5.90
N GLU B 123 15.30 -30.82 -5.87
CA GLU B 123 16.00 -30.02 -4.86
C GLU B 123 15.59 -30.32 -3.43
N GLN B 124 14.34 -30.75 -3.24
CA GLN B 124 13.87 -31.15 -1.91
C GLN B 124 14.35 -32.57 -1.60
N LEU B 125 14.18 -33.48 -2.54
CA LEU B 125 14.62 -34.85 -2.37
C LEU B 125 16.11 -34.90 -2.03
N THR B 126 16.90 -34.03 -2.65
CA THR B 126 18.30 -33.90 -2.30
C THR B 126 18.51 -33.80 -0.79
N SER B 127 17.69 -32.97 -0.13
CA SER B 127 17.84 -32.73 1.32
C SER B 127 16.95 -33.62 2.21
N GLY B 128 16.48 -34.74 1.67
CA GLY B 128 15.84 -35.78 2.48
C GLY B 128 14.39 -35.57 2.90
N GLY B 129 13.74 -34.55 2.32
CA GLY B 129 12.32 -34.29 2.58
C GLY B 129 11.51 -34.54 1.33
N ALA B 130 10.19 -34.70 1.49
CA ALA B 130 9.30 -35.02 0.37
C ALA B 130 7.88 -34.51 0.59
N SER B 131 7.58 -33.37 -0.02
CA SER B 131 6.27 -32.72 0.12
C SER B 131 5.50 -32.77 -1.19
N VAL B 132 4.29 -33.33 -1.13
CA VAL B 132 3.38 -33.36 -2.27
C VAL B 132 2.36 -32.27 -2.09
N VAL B 133 2.19 -31.42 -3.10
CA VAL B 133 1.35 -30.23 -2.99
C VAL B 133 0.14 -30.28 -3.93
N CYS B 134 -0.98 -29.75 -3.46
CA CYS B 134 -2.21 -29.73 -4.23
C CYS B 134 -2.92 -28.37 -4.08
N PHE B 135 -3.01 -27.64 -5.19
CA PHE B 135 -3.73 -26.38 -5.22
C PHE B 135 -5.15 -26.64 -5.69
N LEU B 136 -6.12 -26.04 -4.98
CA LEU B 136 -7.53 -26.04 -5.38
C LEU B 136 -7.97 -24.58 -5.51
N ASN B 137 -8.19 -24.12 -6.74
CA ASN B 137 -8.27 -22.70 -7.01
C ASN B 137 -9.59 -22.17 -7.58
N ASN B 138 -9.97 -20.99 -7.08
CA ASN B 138 -11.07 -20.19 -7.60
C ASN B 138 -12.43 -20.88 -7.54
N PHE B 139 -12.83 -21.28 -6.32
CA PHE B 139 -14.13 -21.92 -6.09
C PHE B 139 -15.04 -21.12 -5.15
N TYR B 140 -16.32 -21.49 -5.15
CA TYR B 140 -17.34 -20.88 -4.28
C TYR B 140 -18.51 -21.86 -4.11
N PRO B 141 -19.02 -22.03 -2.88
CA PRO B 141 -18.70 -21.38 -1.61
C PRO B 141 -17.46 -21.94 -0.90
N LYS B 142 -17.12 -21.40 0.27
CA LYS B 142 -15.84 -21.66 0.91
C LYS B 142 -15.62 -23.08 1.47
N ASP B 143 -16.70 -23.80 1.79
CA ASP B 143 -16.58 -25.17 2.32
C ASP B 143 -16.06 -26.13 1.27
N ILE B 144 -15.09 -26.96 1.67
CA ILE B 144 -14.48 -27.93 0.77
C ILE B 144 -13.72 -28.99 1.60
N ASN B 145 -13.53 -30.18 1.02
CA ASN B 145 -12.78 -31.25 1.69
C ASN B 145 -11.74 -31.83 0.77
N VAL B 146 -10.56 -32.11 1.34
CA VAL B 146 -9.48 -32.72 0.59
C VAL B 146 -9.15 -34.05 1.24
N LYS B 147 -9.04 -35.08 0.42
CA LYS B 147 -8.71 -36.43 0.86
C LYS B 147 -7.48 -36.87 0.08
N TRP B 148 -6.42 -37.21 0.81
CA TRP B 148 -5.18 -37.70 0.20
C TRP B 148 -5.19 -39.22 0.20
N LYS B 149 -4.76 -39.83 -0.91
CA LYS B 149 -4.56 -41.28 -1.00
C LYS B 149 -3.13 -41.63 -1.44
N ILE B 150 -2.56 -42.62 -0.79
CA ILE B 150 -1.25 -43.17 -1.13
C ILE B 150 -1.50 -44.64 -1.44
N ASP B 151 -1.08 -45.08 -2.63
CA ASP B 151 -1.45 -46.40 -3.14
C ASP B 151 -2.93 -46.67 -2.92
N GLY B 152 -3.76 -45.66 -3.17
CA GLY B 152 -5.22 -45.78 -3.01
C GLY B 152 -5.79 -45.68 -1.61
N SER B 153 -4.95 -45.49 -0.60
CA SER B 153 -5.38 -45.53 0.81
C SER B 153 -5.35 -44.17 1.50
N GLU B 154 -6.48 -43.77 2.06
CA GLU B 154 -6.62 -42.52 2.79
C GLU B 154 -5.42 -42.26 3.70
N ARG B 155 -4.90 -41.04 3.64
CA ARG B 155 -3.77 -40.60 4.46
C ARG B 155 -4.13 -39.31 5.19
N GLN B 156 -4.13 -39.35 6.52
CA GLN B 156 -4.50 -38.18 7.33
C GLN B 156 -3.31 -37.45 7.97
N ASN B 157 -2.35 -38.22 8.49
CA ASN B 157 -1.14 -37.63 9.10
C ASN B 157 -0.23 -36.95 8.07
N GLY B 158 0.36 -35.81 8.46
CA GLY B 158 1.32 -35.09 7.64
C GLY B 158 0.75 -34.07 6.68
N VAL B 159 -0.56 -33.84 6.73
CA VAL B 159 -1.19 -32.86 5.84
C VAL B 159 -1.30 -31.49 6.53
N LEU B 160 -0.90 -30.44 5.81
CA LEU B 160 -1.14 -29.05 6.23
C LEU B 160 -2.03 -28.35 5.20
N ASN B 161 -3.00 -27.58 5.68
CA ASN B 161 -3.92 -26.86 4.82
C ASN B 161 -3.91 -25.35 5.11
N SER B 162 -4.22 -24.57 4.09
CA SER B 162 -4.25 -23.12 4.19
C SER B 162 -5.26 -22.58 3.21
N TRP B 163 -6.08 -21.62 3.64
CA TRP B 163 -7.13 -21.06 2.81
C TRP B 163 -6.92 -19.56 2.71
N THR B 164 -6.96 -19.04 1.49
CA THR B 164 -6.98 -17.59 1.27
C THR B 164 -8.31 -17.01 1.77
N ASP B 165 -8.28 -15.73 2.16
CA ASP B 165 -9.52 -14.99 2.38
C ASP B 165 -10.24 -14.88 1.03
N GLN B 166 -11.44 -14.32 1.02
CA GLN B 166 -12.20 -14.19 -0.22
C GLN B 166 -11.50 -13.21 -1.15
N ASP B 167 -11.51 -13.53 -2.45
CA ASP B 167 -10.81 -12.73 -3.45
C ASP B 167 -11.48 -11.36 -3.65
N SER B 168 -10.69 -10.30 -3.70
CA SER B 168 -11.24 -8.95 -3.87
C SER B 168 -11.81 -8.70 -5.28
N LYS B 169 -11.32 -9.45 -6.27
CA LYS B 169 -11.76 -9.27 -7.66
C LYS B 169 -13.03 -10.07 -7.99
N ASP B 170 -12.93 -11.39 -7.91
CA ASP B 170 -14.02 -12.28 -8.34
C ASP B 170 -14.73 -12.99 -7.19
N SER B 171 -14.40 -12.64 -5.96
CA SER B 171 -15.05 -13.19 -4.76
C SER B 171 -15.02 -14.73 -4.67
N THR B 172 -13.95 -15.34 -5.17
CA THR B 172 -13.79 -16.79 -5.03
C THR B 172 -12.91 -17.13 -3.83
N TYR B 173 -12.82 -18.43 -3.55
CA TYR B 173 -11.95 -18.94 -2.49
C TYR B 173 -10.96 -19.93 -3.10
N SER B 174 -9.80 -20.05 -2.47
CA SER B 174 -8.76 -20.98 -2.87
C SER B 174 -8.13 -21.65 -1.66
N MET B 175 -7.60 -22.85 -1.86
CA MET B 175 -7.02 -23.64 -0.79
C MET B 175 -5.75 -24.31 -1.27
N SER B 176 -4.78 -24.43 -0.35
CA SER B 176 -3.54 -25.15 -0.59
C SER B 176 -3.49 -26.31 0.39
N SER B 177 -3.13 -27.50 -0.11
CA SER B 177 -3.00 -28.69 0.73
C SER B 177 -1.67 -29.38 0.44
N THR B 178 -0.94 -29.71 1.49
CA THR B 178 0.42 -30.24 1.38
C THR B 178 0.61 -31.48 2.24
N LEU B 179 1.19 -32.53 1.66
CA LEU B 179 1.43 -33.79 2.36
C LEU B 179 2.93 -34.01 2.51
N THR B 180 3.46 -33.81 3.71
CA THR B 180 4.89 -33.93 3.96
C THR B 180 5.24 -35.33 4.46
N LEU B 181 6.15 -35.99 3.74
CA LEU B 181 6.69 -37.29 4.15
C LEU B 181 8.22 -37.24 4.21
N THR B 182 8.84 -38.27 4.78
CA THR B 182 10.29 -38.44 4.64
C THR B 182 10.61 -39.04 3.27
N LYS B 183 11.77 -38.71 2.72
CA LYS B 183 12.24 -39.27 1.45
C LYS B 183 12.05 -40.79 1.39
N ASP B 184 12.45 -41.49 2.45
CA ASP B 184 12.36 -42.95 2.47
C ASP B 184 10.90 -43.38 2.31
N GLU B 185 10.04 -42.78 3.13
CA GLU B 185 8.60 -43.11 3.15
C GLU B 185 7.99 -42.83 1.79
N TYR B 186 8.35 -41.68 1.21
CA TYR B 186 7.92 -41.33 -0.12
C TYR B 186 8.30 -42.38 -1.14
N GLU B 187 9.51 -42.93 -1.02
CA GLU B 187 10.02 -43.93 -1.96
C GLU B 187 9.42 -45.31 -1.74
N ARG B 188 8.65 -45.47 -0.68
CA ARG B 188 8.02 -46.75 -0.37
C ARG B 188 6.59 -46.86 -0.94
N HIS B 189 6.19 -45.91 -1.77
CA HIS B 189 4.88 -45.98 -2.42
C HIS B 189 4.94 -45.50 -3.86
N ASN B 190 3.90 -45.79 -4.63
CA ASN B 190 3.92 -45.47 -6.05
C ASN B 190 2.84 -44.49 -6.51
N SER B 191 1.60 -44.58 -6.00
CA SER B 191 0.57 -43.62 -6.40
C SER B 191 0.18 -42.61 -5.30
N TYR B 192 0.16 -41.34 -5.68
CA TYR B 192 -0.25 -40.26 -4.80
C TYR B 192 -1.42 -39.52 -5.43
N THR B 193 -2.52 -39.44 -4.68
CA THR B 193 -3.79 -38.92 -5.19
C THR B 193 -4.33 -37.81 -4.31
N CYS B 194 -4.90 -36.80 -4.97
CA CYS B 194 -5.49 -35.65 -4.31
C CYS B 194 -6.97 -35.57 -4.70
N GLU B 195 -7.88 -35.87 -3.77
CA GLU B 195 -9.31 -35.87 -4.08
C GLU B 195 -10.02 -34.67 -3.49
N ALA B 196 -10.69 -33.89 -4.34
CA ALA B 196 -11.42 -32.69 -3.89
C ALA B 196 -12.94 -32.92 -3.91
N THR B 197 -13.60 -32.66 -2.78
CA THR B 197 -15.05 -32.75 -2.68
C THR B 197 -15.69 -31.37 -2.44
N HIS B 198 -16.62 -31.00 -3.33
CA HIS B 198 -17.25 -29.69 -3.31
C HIS B 198 -18.72 -29.83 -3.71
N LYS B 199 -19.59 -28.95 -3.19
CA LYS B 199 -21.04 -29.10 -3.44
C LYS B 199 -21.45 -28.87 -4.91
N THR B 200 -20.52 -28.39 -5.74
CA THR B 200 -20.72 -28.28 -7.19
C THR B 200 -20.87 -29.62 -7.91
N SER B 201 -20.33 -30.69 -7.31
CA SER B 201 -20.50 -32.04 -7.84
C SER B 201 -20.66 -33.08 -6.74
N THR B 202 -21.30 -34.19 -7.08
CA THR B 202 -21.39 -35.31 -6.15
C THR B 202 -20.14 -36.19 -6.27
N SER B 203 -19.51 -36.17 -7.44
CA SER B 203 -18.24 -36.90 -7.66
C SER B 203 -17.07 -35.99 -7.35
N PRO B 204 -16.07 -36.51 -6.63
CA PRO B 204 -14.90 -35.69 -6.33
C PRO B 204 -14.03 -35.45 -7.57
N ILE B 205 -13.26 -34.36 -7.54
CA ILE B 205 -12.27 -34.11 -8.59
C ILE B 205 -10.96 -34.75 -8.11
N VAL B 206 -10.45 -35.71 -8.87
CA VAL B 206 -9.28 -36.49 -8.46
C VAL B 206 -8.10 -36.18 -9.37
N LYS B 207 -6.98 -35.78 -8.78
CA LYS B 207 -5.72 -35.65 -9.51
C LYS B 207 -4.66 -36.52 -8.84
N SER B 208 -3.95 -37.30 -9.65
CA SER B 208 -2.93 -38.20 -9.12
C SER B 208 -1.67 -38.22 -9.99
N PHE B 209 -0.63 -38.86 -9.47
CA PHE B 209 0.56 -39.23 -10.27
C PHE B 209 1.25 -40.44 -9.67
N ASN B 210 2.19 -41.00 -10.42
CA ASN B 210 2.91 -42.20 -9.98
C ASN B 210 4.42 -41.97 -10.02
N ARG B 211 5.09 -42.11 -8.88
CA ARG B 211 6.55 -41.92 -8.79
C ARG B 211 7.30 -42.48 -10.01
N ASN B 212 7.00 -43.73 -10.33
CA ASN B 212 7.65 -44.42 -11.45
C ASN B 212 7.02 -44.00 -12.78
N GLU B 213 7.51 -42.90 -13.34
CA GLU B 213 7.02 -42.38 -14.62
C GLU B 213 8.03 -41.40 -15.22
N GLN C 1 -9.32 12.17 19.75
CA GLN C 1 -8.52 12.42 20.98
C GLN C 1 -8.20 11.12 21.73
N ILE C 2 -9.20 10.56 22.42
CA ILE C 2 -9.01 9.36 23.25
C ILE C 2 -8.47 8.20 22.44
N GLN C 3 -7.29 7.71 22.81
CA GLN C 3 -6.60 6.68 22.04
C GLN C 3 -5.80 5.72 22.93
N LEU C 4 -5.92 4.43 22.65
CA LEU C 4 -5.11 3.39 23.31
C LEU C 4 -4.11 2.81 22.33
N VAL C 5 -2.82 2.93 22.64
CA VAL C 5 -1.77 2.42 21.77
C VAL C 5 -1.04 1.28 22.46
N GLN C 6 -0.95 0.13 21.78
CA GLN C 6 -0.27 -1.05 22.33
C GLN C 6 1.16 -1.20 21.79
N SER C 7 1.99 -1.93 22.55
CA SER C 7 3.36 -2.22 22.17
C SER C 7 3.47 -3.21 21.00
N GLY C 8 4.66 -3.30 20.42
CA GLY C 8 4.87 -4.06 19.19
C GLY C 8 4.82 -5.57 19.33
N PRO C 9 4.96 -6.28 18.19
CA PRO C 9 4.94 -7.75 18.19
C PRO C 9 6.04 -8.39 19.04
N GLU C 10 5.76 -9.58 19.57
CA GLU C 10 6.69 -10.30 20.44
C GLU C 10 6.94 -11.72 19.93
N LEU C 11 8.21 -12.12 19.89
CA LEU C 11 8.59 -13.49 19.49
C LEU C 11 9.32 -14.15 20.66
N LYS C 12 8.56 -14.87 21.49
CA LYS C 12 9.09 -15.46 22.72
C LYS C 12 9.24 -16.97 22.58
N LYS C 13 9.81 -17.60 23.60
CA LYS C 13 10.02 -19.04 23.59
C LYS C 13 9.16 -19.71 24.67
N PRO C 14 8.87 -21.02 24.51
CA PRO C 14 8.09 -21.76 25.50
C PRO C 14 8.68 -21.72 26.90
N GLY C 15 7.89 -21.25 27.86
CA GLY C 15 8.33 -21.14 29.26
C GLY C 15 8.81 -19.75 29.65
N GLU C 16 8.99 -18.85 28.69
CA GLU C 16 9.44 -17.48 28.97
C GLU C 16 8.26 -16.61 29.31
N THR C 17 8.51 -15.53 30.03
CA THR C 17 7.47 -14.53 30.36
C THR C 17 7.48 -13.41 29.33
N VAL C 18 6.33 -12.79 29.11
CA VAL C 18 6.22 -11.63 28.21
C VAL C 18 5.35 -10.54 28.88
N ARG C 19 5.54 -9.27 28.50
CA ARG C 19 4.78 -8.15 29.08
C ARG C 19 4.29 -7.19 28.01
N ILE C 20 3.00 -7.26 27.68
CA ILE C 20 2.38 -6.38 26.69
C ILE C 20 1.86 -5.14 27.40
N SER C 21 2.12 -3.97 26.82
CA SER C 21 1.63 -2.71 27.39
C SER C 21 0.50 -2.12 26.56
N CYS C 22 -0.32 -1.33 27.22
CA CYS C 22 -1.41 -0.59 26.60
C CYS C 22 -1.43 0.82 27.17
N LYS C 23 -0.82 1.78 26.47
CA LYS C 23 -0.77 3.18 26.94
C LYS C 23 -2.00 3.98 26.50
N ALA C 24 -2.72 4.56 27.46
CA ALA C 24 -3.92 5.36 27.18
C ALA C 24 -3.59 6.85 27.29
N SER C 25 -4.24 7.66 26.46
CA SER C 25 -4.08 9.10 26.52
C SER C 25 -5.37 9.81 26.10
N GLY C 26 -5.52 11.07 26.52
CA GLY C 26 -6.70 11.87 26.21
C GLY C 26 -7.77 11.83 27.30
N TYR C 27 -7.43 11.30 28.48
CA TYR C 27 -8.35 11.29 29.61
C TYR C 27 -7.61 11.00 30.92
N ILE C 28 -8.23 11.37 32.03
CA ILE C 28 -7.64 11.16 33.34
C ILE C 28 -7.76 9.68 33.66
N PHE C 29 -6.60 9.03 33.79
CA PHE C 29 -6.47 7.57 33.77
C PHE C 29 -7.31 6.85 34.82
N THR C 30 -7.45 7.46 35.98
CA THR C 30 -8.14 6.83 37.10
C THR C 30 -9.67 6.70 36.92
N ILE C 31 -10.24 7.32 35.87
CA ILE C 31 -11.70 7.27 35.63
C ILE C 31 -12.19 6.00 34.95
N ALA C 32 -11.28 5.26 34.31
CA ALA C 32 -11.66 4.07 33.55
C ALA C 32 -10.65 2.94 33.72
N GLY C 33 -11.16 1.72 33.81
CA GLY C 33 -10.32 0.53 33.81
C GLY C 33 -9.96 0.09 32.41
N ILE C 34 -9.23 -1.03 32.32
CA ILE C 34 -8.79 -1.60 31.07
C ILE C 34 -9.02 -3.10 31.04
N GLN C 35 -9.69 -3.57 29.99
CA GLN C 35 -9.90 -5.00 29.78
C GLN C 35 -8.94 -5.57 28.76
N TRP C 36 -8.82 -6.90 28.76
CA TRP C 36 -8.02 -7.61 27.76
C TRP C 36 -8.81 -8.73 27.10
N VAL C 37 -8.59 -8.89 25.80
CA VAL C 37 -9.26 -9.89 24.99
C VAL C 37 -8.23 -10.62 24.13
N GLN C 38 -8.42 -11.94 23.99
CA GLN C 38 -7.56 -12.76 23.15
C GLN C 38 -8.26 -13.04 21.83
N LYS C 39 -7.55 -12.85 20.73
CA LYS C 39 -7.98 -13.33 19.42
C LYS C 39 -7.05 -14.45 19.01
N MET C 40 -7.59 -15.65 18.84
CA MET C 40 -6.79 -16.74 18.29
C MET C 40 -7.04 -16.85 16.79
N PRO C 41 -6.00 -17.28 16.04
CA PRO C 41 -6.12 -17.37 14.59
C PRO C 41 -7.18 -18.38 14.18
N GLY C 42 -8.07 -17.95 13.27
CA GLY C 42 -9.14 -18.81 12.75
C GLY C 42 -10.25 -19.16 13.73
N ARG C 43 -10.29 -18.46 14.86
CA ARG C 43 -11.27 -18.74 15.93
C ARG C 43 -11.78 -17.43 16.51
N GLY C 44 -12.80 -17.51 17.36
CA GLY C 44 -13.49 -16.31 17.89
C GLY C 44 -12.72 -15.51 18.94
N LEU C 45 -13.38 -14.51 19.50
CA LEU C 45 -12.83 -13.68 20.58
C LEU C 45 -13.12 -14.33 21.94
N ARG C 46 -12.20 -14.11 22.88
CA ARG C 46 -12.25 -14.72 24.20
C ARG C 46 -11.88 -13.62 25.19
N TRP C 47 -12.68 -13.48 26.26
CA TRP C 47 -12.47 -12.46 27.28
C TRP C 47 -11.48 -12.95 28.33
N ILE C 48 -10.41 -12.17 28.56
CA ILE C 48 -9.42 -12.51 29.57
C ILE C 48 -9.78 -11.93 30.95
N GLY C 49 -10.26 -10.69 30.95
CA GLY C 49 -10.58 -9.99 32.20
C GLY C 49 -10.36 -8.50 32.08
N TRP C 50 -10.63 -7.77 33.17
CA TRP C 50 -10.31 -6.33 33.23
C TRP C 50 -9.78 -5.94 34.60
N ILE C 51 -9.25 -4.73 34.68
CA ILE C 51 -8.69 -4.20 35.91
C ILE C 51 -9.16 -2.75 36.13
N ASN C 52 -9.63 -2.46 37.34
CA ASN C 52 -10.15 -1.16 37.72
C ASN C 52 -8.98 -0.28 38.16
N THR C 53 -8.85 0.88 37.53
CA THR C 53 -7.64 1.73 37.65
C THR C 53 -7.62 2.58 38.93
N HIS C 54 -8.80 2.97 39.37
CA HIS C 54 -9.08 3.34 40.77
C HIS C 54 -9.07 1.99 41.49
N SER C 55 -8.70 1.91 42.76
CA SER C 55 -8.83 0.62 43.51
C SER C 55 -7.85 -0.52 43.15
N GLY C 56 -7.64 -0.78 41.85
CA GLY C 56 -6.67 -1.80 41.39
C GLY C 56 -7.16 -3.25 41.34
N VAL C 57 -8.45 -3.46 41.61
CA VAL C 57 -9.00 -4.81 41.70
C VAL C 57 -9.16 -5.43 40.30
N PRO C 58 -8.56 -6.60 40.10
CA PRO C 58 -8.68 -7.29 38.82
C PRO C 58 -9.83 -8.29 38.84
N GLU C 59 -10.38 -8.57 37.66
CA GLU C 59 -11.33 -9.66 37.47
C GLU C 59 -10.92 -10.48 36.26
N TYR C 60 -10.63 -11.77 36.48
CA TYR C 60 -10.14 -12.67 35.43
C TYR C 60 -11.15 -13.73 35.06
N ALA C 61 -11.13 -14.18 33.81
CA ALA C 61 -11.86 -15.39 33.42
C ALA C 61 -11.10 -16.62 33.91
N GLU C 62 -11.84 -17.65 34.30
CA GLU C 62 -11.26 -18.83 34.95
C GLU C 62 -10.09 -19.42 34.18
N GLU C 63 -10.27 -19.56 32.87
CA GLU C 63 -9.30 -20.22 32.02
C GLU C 63 -7.99 -19.46 31.84
N PHE C 64 -7.96 -18.19 32.23
CA PHE C 64 -6.75 -17.37 32.14
C PHE C 64 -6.09 -17.08 33.49
N LYS C 65 -6.76 -17.39 34.59
CA LYS C 65 -6.19 -17.24 35.93
C LYS C 65 -4.95 -18.12 36.07
N GLY C 66 -3.99 -17.65 36.87
CA GLY C 66 -2.81 -18.45 37.21
C GLY C 66 -1.63 -18.27 36.28
N ARG C 67 -1.88 -17.94 35.02
CA ARG C 67 -0.80 -17.64 34.07
C ARG C 67 -0.87 -16.24 33.45
N PHE C 68 -2.05 -15.63 33.45
CA PHE C 68 -2.23 -14.27 32.94
C PHE C 68 -2.47 -13.32 34.10
N ALA C 69 -1.68 -12.23 34.15
CA ALA C 69 -1.78 -11.28 35.25
C ALA C 69 -1.84 -9.83 34.74
N PHE C 70 -2.73 -9.04 35.34
CA PHE C 70 -2.87 -7.62 35.03
C PHE C 70 -2.04 -6.78 35.98
N SER C 71 -1.42 -5.73 35.46
CA SER C 71 -0.62 -4.79 36.28
C SER C 71 -0.71 -3.37 35.69
N LEU C 72 -0.30 -2.37 36.47
CA LEU C 72 -0.46 -0.97 36.08
C LEU C 72 0.77 -0.11 36.41
N GLU C 73 0.95 0.95 35.63
CA GLU C 73 1.75 2.11 36.05
C GLU C 73 1.00 3.39 35.71
N THR C 74 0.24 3.89 36.69
CA THR C 74 -0.75 4.96 36.46
C THR C 74 -0.13 6.31 36.12
N SER C 75 1.06 6.59 36.64
CA SER C 75 1.73 7.84 36.31
C SER C 75 2.12 7.87 34.84
N ALA C 76 2.35 6.69 34.26
CA ALA C 76 2.62 6.56 32.83
C ALA C 76 1.35 6.31 32.01
N ARG C 77 0.19 6.28 32.67
CA ARG C 77 -1.08 6.04 32.00
C ARG C 77 -0.99 4.77 31.16
N THR C 78 -0.46 3.71 31.76
CA THR C 78 -0.14 2.48 31.05
C THR C 78 -0.58 1.21 31.79
N ALA C 79 -1.23 0.30 31.05
CA ALA C 79 -1.72 -0.97 31.58
C ALA C 79 -0.89 -2.11 31.00
N TYR C 80 -0.42 -3.01 31.86
CA TYR C 80 0.35 -4.16 31.40
C TYR C 80 -0.46 -5.44 31.51
N LEU C 81 -0.23 -6.37 30.59
CA LEU C 81 -0.65 -7.75 30.70
C LEU C 81 0.60 -8.62 30.64
N GLN C 82 0.74 -9.54 31.58
CA GLN C 82 1.89 -10.43 31.67
C GLN C 82 1.41 -11.86 31.53
N ILE C 83 2.07 -12.63 30.67
CA ILE C 83 1.80 -14.06 30.52
C ILE C 83 3.06 -14.85 30.89
N SER C 84 2.89 -15.92 31.67
CA SER C 84 4.01 -16.59 32.36
C SER C 84 4.60 -17.80 31.61
N ASN C 85 3.95 -18.96 31.70
CA ASN C 85 4.55 -20.22 31.24
C ASN C 85 4.15 -20.44 29.80
N LEU C 86 4.70 -19.61 28.91
CA LEU C 86 4.24 -19.54 27.52
C LEU C 86 4.15 -20.90 26.83
N LYS C 87 3.09 -21.05 26.04
CA LYS C 87 2.74 -22.30 25.40
C LYS C 87 2.31 -22.04 23.96
N ASP C 88 2.35 -23.06 23.12
CA ASP C 88 1.98 -22.91 21.71
C ASP C 88 0.59 -22.28 21.55
N GLU C 89 -0.35 -22.67 22.41
CA GLU C 89 -1.72 -22.15 22.32
C GLU C 89 -1.86 -20.66 22.67
N ASP C 90 -0.85 -20.08 23.32
CA ASP C 90 -0.86 -18.66 23.62
C ASP C 90 -0.61 -17.78 22.41
N THR C 91 -0.17 -18.37 21.30
CA THR C 91 0.05 -17.62 20.07
C THR C 91 -1.28 -17.01 19.58
N ALA C 92 -1.35 -15.69 19.57
CA ALA C 92 -2.58 -14.99 19.28
C ALA C 92 -2.39 -13.47 19.26
N THR C 93 -3.45 -12.75 18.92
CA THR C 93 -3.42 -11.29 19.06
C THR C 93 -4.09 -10.90 20.39
N TYR C 94 -3.55 -9.89 21.06
CA TYR C 94 -4.12 -9.42 22.31
C TYR C 94 -4.51 -7.95 22.20
N PHE C 95 -5.74 -7.66 22.59
CA PHE C 95 -6.33 -6.34 22.47
C PHE C 95 -6.66 -5.78 23.85
N CYS C 96 -6.44 -4.49 24.05
CA CYS C 96 -6.92 -3.79 25.24
C CYS C 96 -8.06 -2.84 24.87
N ALA C 97 -8.92 -2.54 25.84
CA ALA C 97 -10.11 -1.72 25.60
C ALA C 97 -10.51 -0.97 26.85
N ARG C 98 -10.92 0.28 26.68
CA ARG C 98 -11.31 1.10 27.83
C ARG C 98 -12.68 0.74 28.41
N ILE C 99 -12.69 0.58 29.73
CA ILE C 99 -13.90 0.34 30.51
C ILE C 99 -14.18 1.60 31.34
N TYR C 100 -14.81 2.58 30.69
CA TYR C 100 -15.23 3.80 31.35
C TYR C 100 -16.65 3.60 31.86
N TYR C 101 -16.73 3.06 33.07
CA TYR C 101 -18.01 2.76 33.74
C TYR C 101 -18.70 3.98 34.34
N GLY C 102 -18.03 5.14 34.34
CA GLY C 102 -18.60 6.38 34.88
C GLY C 102 -19.76 6.92 34.05
N ASN C 103 -19.84 6.45 32.81
CA ASN C 103 -20.96 6.71 31.94
C ASN C 103 -21.39 5.39 31.32
N ASN C 104 -22.70 5.18 31.19
CA ASN C 104 -23.25 3.93 30.65
C ASN C 104 -22.87 3.69 29.20
N GLY C 105 -22.40 4.73 28.52
CA GLY C 105 -21.93 4.61 27.14
C GLY C 105 -20.42 4.42 27.01
N GLY C 106 -19.75 4.04 28.09
CA GLY C 106 -18.30 3.96 28.10
C GLY C 106 -17.70 2.57 28.27
N VAL C 107 -18.52 1.53 28.22
CA VAL C 107 -18.01 0.17 28.36
C VAL C 107 -17.48 -0.31 27.01
N MET C 108 -16.17 -0.56 26.95
CA MET C 108 -15.45 -0.96 25.73
C MET C 108 -15.62 0.05 24.59
N ASP C 109 -15.51 1.34 24.91
CA ASP C 109 -15.78 2.39 23.91
C ASP C 109 -14.62 2.58 22.93
N TYR C 110 -13.40 2.56 23.44
CA TYR C 110 -12.20 2.73 22.62
C TYR C 110 -11.29 1.51 22.73
N TRP C 111 -10.80 1.03 21.60
CA TRP C 111 -10.01 -0.19 21.55
C TRP C 111 -8.57 0.10 21.14
N GLY C 112 -7.67 -0.77 21.57
CA GLY C 112 -6.27 -0.74 21.13
C GLY C 112 -6.14 -1.46 19.80
N GLN C 113 -5.00 -1.29 19.14
CA GLN C 113 -4.78 -1.88 17.80
C GLN C 113 -4.36 -3.35 17.85
N GLY C 114 -3.99 -3.82 19.04
CA GLY C 114 -3.65 -5.22 19.25
C GLY C 114 -2.16 -5.50 19.19
N THR C 115 -1.73 -6.54 19.91
CA THR C 115 -0.34 -6.97 19.93
C THR C 115 -0.25 -8.47 19.60
N SER C 116 0.63 -8.82 18.67
CA SER C 116 0.81 -10.20 18.25
C SER C 116 1.90 -10.90 19.07
N VAL C 117 1.55 -12.03 19.69
CA VAL C 117 2.52 -12.87 20.39
C VAL C 117 2.64 -14.21 19.66
N THR C 118 3.88 -14.58 19.32
CA THR C 118 4.15 -15.85 18.66
C THR C 118 5.11 -16.65 19.55
N VAL C 119 4.70 -17.85 19.92
CA VAL C 119 5.52 -18.72 20.76
C VAL C 119 6.14 -19.84 19.92
N SER C 120 7.46 -19.85 19.85
CA SER C 120 8.19 -20.89 19.14
C SER C 120 9.60 -21.05 19.69
N SER C 121 10.12 -22.26 19.64
CA SER C 121 11.48 -22.55 20.09
C SER C 121 12.50 -22.20 19.01
N ALA C 122 12.01 -21.98 17.79
CA ALA C 122 12.88 -21.65 16.67
C ALA C 122 13.50 -20.27 16.84
N LYS C 123 14.62 -20.06 16.15
CA LYS C 123 15.23 -18.74 16.03
C LYS C 123 15.36 -18.45 14.54
N THR C 124 15.83 -17.26 14.19
CA THR C 124 15.84 -16.82 12.78
C THR C 124 16.42 -17.88 11.83
N THR C 125 15.57 -18.39 10.95
CA THR C 125 15.95 -19.43 9.98
C THR C 125 15.42 -19.07 8.61
N PRO C 126 16.27 -19.08 7.58
CA PRO C 126 15.82 -18.71 6.23
C PRO C 126 15.07 -19.84 5.54
N PRO C 127 14.10 -19.50 4.66
CA PRO C 127 13.26 -20.48 4.01
C PRO C 127 13.98 -21.28 2.95
N SER C 128 13.54 -22.51 2.73
CA SER C 128 13.95 -23.29 1.58
C SER C 128 12.86 -23.16 0.54
N VAL C 129 13.26 -22.89 -0.70
CA VAL C 129 12.31 -22.61 -1.79
C VAL C 129 12.43 -23.65 -2.88
N TYR C 130 11.32 -24.35 -3.16
CA TYR C 130 11.31 -25.45 -4.13
C TYR C 130 10.26 -25.20 -5.20
N PRO C 131 10.59 -25.46 -6.47
CA PRO C 131 9.68 -25.22 -7.59
C PRO C 131 8.61 -26.31 -7.73
N LEU C 132 7.43 -25.91 -8.20
CA LEU C 132 6.36 -26.87 -8.48
C LEU C 132 5.96 -26.76 -9.96
N ALA C 133 6.45 -27.73 -10.74
CA ALA C 133 6.11 -27.83 -12.16
C ALA C 133 5.26 -29.08 -12.35
N PRO C 134 4.38 -29.06 -13.37
CA PRO C 134 3.40 -30.13 -13.64
C PRO C 134 3.90 -31.55 -13.36
N ASN C 141 -5.71 -28.46 -22.70
CA ASN C 141 -6.03 -27.30 -21.88
C ASN C 141 -5.31 -26.04 -22.34
N SER C 142 -6.00 -24.90 -22.18
CA SER C 142 -5.44 -23.60 -22.54
C SER C 142 -4.63 -22.98 -21.40
N MET C 143 -4.89 -23.39 -20.16
CA MET C 143 -4.23 -22.83 -18.98
C MET C 143 -3.37 -23.86 -18.25
N VAL C 144 -2.25 -23.41 -17.69
CA VAL C 144 -1.37 -24.26 -16.89
C VAL C 144 -1.05 -23.57 -15.57
N THR C 145 -1.04 -24.34 -14.48
CA THR C 145 -0.74 -23.83 -13.14
C THR C 145 0.66 -24.24 -12.70
N LEU C 146 1.43 -23.28 -12.21
CA LEU C 146 2.76 -23.54 -11.65
C LEU C 146 2.79 -23.08 -10.21
N GLY C 147 3.81 -23.48 -9.49
CA GLY C 147 3.89 -23.14 -8.07
C GLY C 147 5.28 -22.94 -7.53
N CYS C 148 5.32 -22.57 -6.27
CA CYS C 148 6.55 -22.24 -5.59
C CYS C 148 6.30 -22.53 -4.11
N LEU C 149 7.03 -23.52 -3.58
CA LEU C 149 6.89 -23.96 -2.18
C LEU C 149 8.02 -23.39 -1.32
N VAL C 150 7.65 -22.77 -0.20
CA VAL C 150 8.59 -22.06 0.68
C VAL C 150 8.44 -22.59 2.10
N LYS C 151 9.48 -23.26 2.60
CA LYS C 151 9.34 -24.07 3.81
C LYS C 151 10.52 -23.93 4.78
N GLY C 152 10.23 -24.07 6.06
CA GLY C 152 11.23 -24.18 7.11
C GLY C 152 11.85 -22.86 7.56
N TYR C 153 11.04 -21.81 7.61
CA TYR C 153 11.55 -20.47 7.94
C TYR C 153 10.94 -19.91 9.21
N PHE C 154 11.60 -18.89 9.75
CA PHE C 154 11.12 -18.18 10.93
C PHE C 154 11.88 -16.86 11.05
N PRO C 155 11.18 -15.77 11.40
CA PRO C 155 9.75 -15.63 11.62
C PRO C 155 9.03 -15.10 10.39
N GLU C 156 7.71 -14.95 10.48
CA GLU C 156 6.96 -14.18 9.49
C GLU C 156 7.46 -12.74 9.53
N PRO C 157 7.38 -12.01 8.40
CA PRO C 157 6.77 -12.38 7.13
C PRO C 157 7.76 -12.84 6.05
N VAL C 158 7.27 -13.68 5.14
CA VAL C 158 7.90 -13.92 3.85
C VAL C 158 7.02 -13.25 2.78
N THR C 159 7.63 -12.79 1.70
CA THR C 159 6.91 -12.11 0.61
C THR C 159 7.28 -12.70 -0.76
N VAL C 160 6.26 -13.08 -1.53
CA VAL C 160 6.45 -13.80 -2.80
C VAL C 160 5.87 -13.04 -4.00
N THR C 161 6.69 -12.87 -5.04
CA THR C 161 6.23 -12.28 -6.31
C THR C 161 6.70 -13.11 -7.50
N TRP C 162 6.04 -12.93 -8.64
CA TRP C 162 6.35 -13.71 -9.85
C TRP C 162 6.88 -12.82 -10.97
N ASN C 163 8.07 -13.16 -11.47
CA ASN C 163 8.83 -12.31 -12.39
C ASN C 163 8.88 -10.86 -11.93
N SER C 164 9.31 -10.67 -10.68
CA SER C 164 9.50 -9.36 -10.08
C SER C 164 8.24 -8.47 -10.04
N GLY C 165 7.06 -9.08 -10.13
CA GLY C 165 5.81 -8.33 -10.16
C GLY C 165 5.13 -8.30 -11.52
N SER C 166 5.87 -8.61 -12.59
CA SER C 166 5.31 -8.63 -13.95
C SER C 166 4.04 -9.48 -14.03
N LEU C 167 4.04 -10.60 -13.32
CA LEU C 167 2.85 -11.44 -13.20
C LEU C 167 2.10 -11.09 -11.91
N SER C 168 1.09 -10.23 -12.03
CA SER C 168 0.28 -9.81 -10.88
C SER C 168 -1.01 -10.60 -10.79
N SER C 169 -1.67 -10.77 -11.93
CA SER C 169 -2.90 -11.54 -12.02
C SER C 169 -2.63 -13.04 -12.00
N GLY C 170 -3.65 -13.82 -11.67
CA GLY C 170 -3.56 -15.28 -11.63
C GLY C 170 -2.71 -15.84 -10.49
N VAL C 171 -2.31 -14.99 -9.56
CA VAL C 171 -1.49 -15.41 -8.45
C VAL C 171 -2.30 -15.54 -7.17
N HIS C 172 -2.20 -16.71 -6.55
CA HIS C 172 -2.68 -16.93 -5.19
C HIS C 172 -1.46 -17.17 -4.33
N THR C 173 -1.33 -16.42 -3.24
CA THR C 173 -0.34 -16.74 -2.22
C THR C 173 -1.08 -17.04 -0.93
N PHE C 174 -0.79 -18.22 -0.38
CA PHE C 174 -1.55 -18.73 0.75
C PHE C 174 -0.90 -18.35 2.06
N PRO C 175 -1.72 -18.00 3.07
CA PRO C 175 -1.17 -17.73 4.40
C PRO C 175 -0.25 -18.83 4.91
N ALA C 176 0.75 -18.44 5.69
CA ALA C 176 1.69 -19.37 6.28
C ALA C 176 1.02 -20.18 7.39
N VAL C 177 1.61 -21.32 7.71
CA VAL C 177 1.12 -22.17 8.80
C VAL C 177 2.33 -22.58 9.65
N LEU C 178 2.17 -22.53 10.97
CA LEU C 178 3.24 -22.90 11.89
C LEU C 178 3.10 -24.38 12.29
N GLN C 179 4.07 -25.19 11.88
CA GLN C 179 4.11 -26.60 12.26
C GLN C 179 5.52 -26.97 12.70
N SER C 180 5.66 -27.58 13.87
CA SER C 180 6.96 -27.93 14.42
C SER C 180 7.88 -26.72 14.44
N ASP C 181 7.37 -25.63 15.00
CA ASP C 181 8.16 -24.41 15.22
C ASP C 181 8.72 -23.73 13.96
N LEU C 182 8.23 -24.10 12.79
CA LEU C 182 8.69 -23.50 11.54
C LEU C 182 7.54 -23.27 10.56
N TYR C 183 7.63 -22.18 9.81
CA TYR C 183 6.55 -21.80 8.92
C TYR C 183 6.72 -22.46 7.56
N THR C 184 5.59 -22.78 6.95
CA THR C 184 5.56 -23.28 5.58
C THR C 184 4.50 -22.49 4.83
N LEU C 185 4.76 -22.25 3.56
CA LEU C 185 3.92 -21.36 2.75
C LEU C 185 4.02 -21.77 1.27
N SER C 186 3.00 -21.43 0.48
CA SER C 186 2.96 -21.81 -0.93
C SER C 186 2.29 -20.74 -1.78
N SER C 187 2.59 -20.73 -3.06
CA SER C 187 2.02 -19.76 -4.01
C SER C 187 1.75 -20.40 -5.36
N SER C 188 0.61 -20.05 -5.96
CA SER C 188 0.24 -20.53 -7.28
C SER C 188 0.31 -19.40 -8.27
N VAL C 189 0.77 -19.71 -9.48
CA VAL C 189 0.54 -18.83 -10.62
C VAL C 189 -0.04 -19.67 -11.75
N THR C 190 -1.02 -19.10 -12.46
CA THR C 190 -1.63 -19.78 -13.62
C THR C 190 -1.37 -18.93 -14.87
N VAL C 191 -0.73 -19.53 -15.87
CA VAL C 191 -0.46 -18.83 -17.15
C VAL C 191 -0.96 -19.62 -18.38
N PRO C 192 -1.10 -18.94 -19.52
CA PRO C 192 -1.44 -19.68 -20.74
C PRO C 192 -0.32 -20.63 -21.17
N SER C 193 -0.69 -21.78 -21.75
CA SER C 193 0.28 -22.78 -22.19
C SER C 193 1.17 -22.32 -23.36
N SER C 194 0.73 -21.28 -24.06
CA SER C 194 1.57 -20.61 -25.06
C SER C 194 2.70 -19.80 -24.41
N THR C 195 2.60 -19.55 -23.11
CA THR C 195 3.61 -18.81 -22.36
C THR C 195 4.73 -19.73 -21.85
N TRP C 196 4.34 -20.75 -21.09
CA TRP C 196 5.30 -21.65 -20.43
C TRP C 196 5.31 -23.02 -21.12
N PRO C 197 6.50 -23.64 -21.30
CA PRO C 197 7.84 -23.26 -20.85
C PRO C 197 8.62 -22.29 -21.77
N SER C 198 8.04 -21.92 -22.92
CA SER C 198 8.69 -20.99 -23.86
C SER C 198 9.20 -19.72 -23.17
N GLU C 199 8.27 -18.94 -22.64
CA GLU C 199 8.62 -17.80 -21.80
C GLU C 199 8.94 -18.32 -20.40
N THR C 200 9.92 -17.70 -19.76
CA THR C 200 10.43 -18.16 -18.49
C THR C 200 9.44 -17.78 -17.38
N VAL C 201 9.49 -18.49 -16.25
CA VAL C 201 8.62 -18.18 -15.11
C VAL C 201 9.39 -18.38 -13.82
N THR C 202 9.51 -17.31 -13.04
CA THR C 202 10.39 -17.30 -11.85
C THR C 202 9.61 -16.86 -10.62
N CYS C 203 9.71 -17.63 -9.54
CA CYS C 203 9.12 -17.21 -8.27
C CYS C 203 10.21 -16.49 -7.48
N ASN C 204 9.86 -15.34 -6.92
CA ASN C 204 10.80 -14.51 -6.15
C ASN C 204 10.38 -14.51 -4.69
N VAL C 205 11.25 -15.01 -3.81
CA VAL C 205 10.97 -15.08 -2.37
C VAL C 205 11.89 -14.16 -1.59
N ALA C 206 11.33 -13.37 -0.68
CA ALA C 206 12.11 -12.51 0.21
C ALA C 206 11.80 -12.84 1.67
N HIS C 207 12.81 -12.72 2.53
CA HIS C 207 12.64 -12.94 3.97
C HIS C 207 13.50 -11.92 4.75
N PRO C 208 12.92 -10.74 5.06
CA PRO C 208 13.69 -9.60 5.60
C PRO C 208 14.49 -9.90 6.86
N ALA C 209 13.98 -10.77 7.72
CA ALA C 209 14.64 -11.12 8.98
C ALA C 209 15.95 -11.88 8.74
N SER C 210 15.98 -12.71 7.70
CA SER C 210 17.20 -13.40 7.28
C SER C 210 18.01 -12.62 6.26
N SER C 211 17.53 -11.46 5.84
CA SER C 211 18.13 -10.70 4.73
C SER C 211 18.33 -11.62 3.52
N THR C 212 17.28 -12.37 3.16
CA THR C 212 17.34 -13.40 2.11
C THR C 212 16.42 -13.05 0.94
N LYS C 213 16.96 -13.16 -0.27
CA LYS C 213 16.18 -12.96 -1.50
C LYS C 213 16.54 -14.06 -2.50
N VAL C 214 15.60 -14.95 -2.77
CA VAL C 214 15.86 -16.12 -3.63
C VAL C 214 14.94 -16.14 -4.86
N ASP C 215 15.53 -16.50 -6.00
CA ASP C 215 14.80 -16.67 -7.25
C ASP C 215 14.82 -18.15 -7.64
N LYS C 216 13.66 -18.70 -7.98
CA LYS C 216 13.58 -20.06 -8.53
C LYS C 216 12.76 -20.13 -9.80
N LYS C 217 13.45 -20.32 -10.92
CA LYS C 217 12.83 -20.59 -12.21
C LYS C 217 12.04 -21.90 -12.13
N ILE C 218 10.96 -22.01 -12.90
CA ILE C 218 10.18 -23.24 -12.98
C ILE C 218 10.40 -23.92 -14.33
N VAL C 219 11.07 -25.07 -14.30
CA VAL C 219 11.41 -25.82 -15.51
C VAL C 219 10.56 -27.08 -15.59
N PRO C 220 10.29 -27.59 -16.80
CA PRO C 220 9.70 -28.93 -16.92
C PRO C 220 10.64 -30.04 -16.45
N ARG C 221 10.06 -31.10 -15.88
CA ARG C 221 10.81 -32.17 -15.19
C ARG C 221 11.64 -33.07 -16.12
N ASP C 222 12.49 -33.90 -15.49
CA ASP C 222 13.37 -34.83 -16.21
C ASP C 222 12.73 -36.20 -16.35
N SER D 8 15.33 -12.15 -73.51
CA SER D 8 14.71 -10.86 -73.08
C SER D 8 13.35 -11.09 -72.42
N GLN D 9 13.19 -10.56 -71.22
CA GLN D 9 11.95 -10.74 -70.45
C GLN D 9 10.90 -9.73 -70.91
N PRO D 10 9.67 -10.21 -71.20
CA PRO D 10 8.64 -9.28 -71.64
C PRO D 10 8.19 -8.38 -70.49
N ASP D 11 8.05 -7.09 -70.76
CA ASP D 11 7.75 -6.11 -69.73
C ASP D 11 6.46 -6.44 -68.97
N PRO D 12 6.30 -5.90 -67.74
CA PRO D 12 5.14 -6.19 -66.89
C PRO D 12 3.77 -5.91 -67.51
N LYS D 13 2.87 -6.87 -67.41
CA LYS D 13 1.51 -6.75 -67.92
C LYS D 13 0.61 -5.96 -66.96
N PRO D 14 -0.62 -5.62 -67.40
CA PRO D 14 -1.54 -4.98 -66.46
C PRO D 14 -1.95 -5.93 -65.33
N ASP D 15 -2.13 -5.40 -64.13
CA ASP D 15 -2.48 -6.20 -62.95
C ASP D 15 -1.36 -7.17 -62.51
N GLU D 16 -0.18 -7.07 -63.13
CA GLU D 16 0.92 -8.00 -62.81
C GLU D 16 1.81 -7.44 -61.69
N LEU D 17 1.98 -6.12 -61.63
CA LEU D 17 2.80 -5.50 -60.58
C LEU D 17 2.05 -5.41 -59.25
N HIS D 18 2.78 -5.60 -58.16
CA HIS D 18 2.21 -5.48 -56.82
C HIS D 18 1.82 -4.03 -56.50
N LYS D 19 0.62 -3.85 -55.94
CA LYS D 19 0.14 -2.53 -55.55
C LYS D 19 0.37 -2.32 -54.06
N SER D 20 1.01 -1.19 -53.71
CA SER D 20 1.45 -0.93 -52.33
C SER D 20 0.28 -0.72 -51.38
N SER D 21 -0.81 -0.15 -51.90
CA SER D 21 -2.04 0.00 -51.11
C SER D 21 -2.58 -1.34 -50.65
N LYS D 22 -2.29 -2.42 -51.38
CA LYS D 22 -2.79 -3.75 -51.02
C LYS D 22 -1.93 -4.48 -50.00
N PHE D 23 -0.70 -3.99 -49.79
CA PHE D 23 0.14 -4.47 -48.70
C PHE D 23 -0.21 -3.69 -47.46
N THR D 24 -0.82 -4.37 -46.48
CA THR D 24 -1.37 -3.71 -45.30
C THR D 24 -0.47 -3.84 -44.09
N GLY D 25 0.75 -4.35 -44.28
CA GLY D 25 1.79 -4.34 -43.25
C GLY D 25 2.51 -2.99 -43.22
N LEU D 26 3.57 -2.89 -42.43
CA LEU D 26 4.34 -1.64 -42.35
C LEU D 26 5.49 -1.68 -43.33
N MET D 27 5.65 -0.62 -44.12
CA MET D 27 6.67 -0.60 -45.17
C MET D 27 8.10 -0.44 -44.64
N GLU D 28 8.26 -0.20 -43.34
CA GLU D 28 9.58 -0.22 -42.71
C GLU D 28 10.26 -1.55 -43.01
N ASN D 29 9.47 -2.62 -43.02
CA ASN D 29 9.96 -3.95 -43.32
C ASN D 29 10.65 -4.12 -44.67
N MET D 30 10.27 -3.30 -45.64
CA MET D 30 10.96 -3.23 -46.93
C MET D 30 12.05 -2.16 -46.89
N LYS D 31 11.74 -1.00 -46.31
CA LYS D 31 12.67 0.13 -46.30
C LYS D 31 14.04 -0.28 -45.79
N VAL D 32 14.06 -1.09 -44.73
CA VAL D 32 15.32 -1.45 -44.05
C VAL D 32 16.31 -2.24 -44.91
N LEU D 33 15.83 -2.95 -45.93
CA LEU D 33 16.70 -3.73 -46.80
C LEU D 33 17.50 -2.84 -47.77
N TYR D 34 17.01 -1.63 -47.98
CA TYR D 34 17.62 -0.70 -48.93
C TYR D 34 18.02 0.60 -48.26
N ASP D 35 18.36 0.52 -46.98
CA ASP D 35 18.81 1.67 -46.23
C ASP D 35 20.34 1.58 -46.07
N ASP D 36 20.91 2.53 -45.32
CA ASP D 36 22.38 2.65 -45.14
C ASP D 36 23.09 1.30 -45.11
N ASN D 37 22.62 0.41 -44.26
CA ASN D 37 23.36 -0.79 -43.94
C ASN D 37 23.16 -1.90 -44.99
N HIS D 38 24.28 -2.39 -45.51
CA HIS D 38 24.28 -3.55 -46.40
C HIS D 38 25.54 -4.35 -46.12
N VAL D 39 25.60 -5.57 -46.62
CA VAL D 39 26.81 -6.38 -46.49
C VAL D 39 27.76 -6.02 -47.63
N SER D 40 29.04 -5.91 -47.31
CA SER D 40 30.04 -5.49 -48.30
C SER D 40 31.43 -5.93 -47.86
N ALA D 41 32.06 -6.81 -48.65
CA ALA D 41 33.40 -7.32 -48.37
C ALA D 41 34.22 -7.37 -49.66
N ILE D 42 35.50 -6.99 -49.56
CA ILE D 42 36.40 -6.96 -50.72
C ILE D 42 37.46 -8.06 -50.63
N ASN D 43 37.54 -8.92 -51.65
CA ASN D 43 38.61 -9.93 -51.77
C ASN D 43 38.63 -10.95 -50.63
N VAL D 44 37.60 -11.79 -50.58
CA VAL D 44 37.42 -12.76 -49.52
C VAL D 44 37.11 -14.13 -50.09
N LYS D 45 37.37 -15.16 -49.28
CA LYS D 45 37.30 -16.55 -49.70
C LYS D 45 36.36 -17.29 -48.73
N SER D 46 35.49 -18.16 -49.25
CA SER D 46 34.60 -18.91 -48.38
C SER D 46 35.44 -19.67 -47.36
N ILE D 47 35.01 -19.65 -46.11
CA ILE D 47 35.67 -20.41 -45.04
C ILE D 47 34.92 -21.68 -44.69
N ASP D 48 33.66 -21.77 -45.11
CA ASP D 48 32.82 -22.93 -44.78
C ASP D 48 31.59 -23.00 -45.69
N GLN D 49 30.85 -24.10 -45.55
CA GLN D 49 29.63 -24.35 -46.31
C GLN D 49 28.65 -25.08 -45.40
N PHE D 50 27.36 -24.75 -45.49
CA PHE D 50 26.32 -25.47 -44.73
C PHE D 50 25.53 -26.41 -45.65
N LEU D 51 24.63 -25.86 -46.47
CA LEU D 51 23.98 -26.64 -47.52
C LEU D 51 24.73 -26.43 -48.84
N TYR D 52 24.65 -27.40 -49.74
CA TYR D 52 25.48 -27.42 -50.95
C TYR D 52 25.26 -26.25 -51.90
N PHE D 53 24.12 -25.56 -51.76
CA PHE D 53 23.85 -24.34 -52.52
C PHE D 53 24.22 -23.04 -51.77
N ASP D 54 25.02 -23.14 -50.70
CA ASP D 54 25.55 -21.94 -50.04
C ASP D 54 27.06 -21.99 -49.78
N LEU D 55 27.58 -20.83 -49.42
CA LEU D 55 28.94 -20.67 -48.95
C LEU D 55 28.88 -19.73 -47.75
N ILE D 56 29.81 -19.88 -46.82
CA ILE D 56 29.88 -19.02 -45.63
C ILE D 56 31.19 -18.23 -45.59
N TYR D 57 31.08 -16.93 -45.34
CA TYR D 57 32.25 -16.04 -45.26
C TYR D 57 32.30 -15.39 -43.90
N SER D 58 33.50 -15.17 -43.38
CA SER D 58 33.67 -14.50 -42.10
C SER D 58 33.80 -13.00 -42.33
N ILE D 59 32.66 -12.35 -42.52
CA ILE D 59 32.59 -10.91 -42.70
C ILE D 59 32.03 -10.30 -41.43
N LYS D 60 32.73 -9.29 -40.89
CA LYS D 60 32.29 -8.62 -39.67
C LYS D 60 31.52 -7.34 -39.97
N ASP D 61 30.49 -7.07 -39.17
CA ASP D 61 29.73 -5.84 -39.27
C ASP D 61 30.52 -4.70 -38.63
N THR D 62 30.96 -3.75 -39.46
CA THR D 62 31.83 -2.66 -38.99
C THR D 62 31.05 -1.63 -38.17
N LYS D 63 29.86 -1.27 -38.65
CA LYS D 63 29.05 -0.23 -38.02
C LYS D 63 28.43 -0.72 -36.70
N LEU D 64 27.56 -1.72 -36.79
CA LEU D 64 26.73 -2.15 -35.63
C LEU D 64 27.26 -3.31 -34.80
N GLY D 65 28.10 -4.16 -35.39
CA GLY D 65 28.49 -5.42 -34.75
C GLY D 65 27.33 -6.41 -34.66
N ASN D 66 26.49 -6.43 -35.68
CA ASN D 66 25.35 -7.36 -35.74
C ASN D 66 25.70 -8.78 -36.22
N TYR D 67 26.85 -8.96 -36.88
CA TYR D 67 27.27 -10.29 -37.36
C TYR D 67 28.79 -10.43 -37.53
N ASP D 68 29.27 -11.66 -37.34
CA ASP D 68 30.66 -12.08 -37.63
C ASP D 68 30.75 -12.99 -38.86
N ASN D 69 29.66 -13.65 -39.21
CA ASN D 69 29.63 -14.56 -40.35
C ASN D 69 28.39 -14.33 -41.18
N VAL D 70 28.54 -14.48 -42.50
CA VAL D 70 27.48 -14.23 -43.46
C VAL D 70 27.32 -15.47 -44.34
N ARG D 71 26.10 -15.99 -44.42
CA ARG D 71 25.79 -17.14 -45.28
C ARG D 71 25.21 -16.64 -46.58
N VAL D 72 25.91 -16.90 -47.69
CA VAL D 72 25.41 -16.50 -49.01
C VAL D 72 24.68 -17.66 -49.68
N GLU D 73 23.38 -17.49 -49.93
CA GLU D 73 22.57 -18.55 -50.53
C GLU D 73 22.37 -18.38 -52.06
N PHE D 74 22.53 -19.47 -52.80
CA PHE D 74 22.42 -19.46 -54.26
C PHE D 74 21.28 -20.35 -54.73
N LYS D 75 20.90 -20.18 -55.99
CA LYS D 75 19.80 -20.94 -56.61
C LYS D 75 20.07 -22.44 -56.78
N ASN D 76 21.34 -22.83 -56.87
CA ASN D 76 21.70 -24.23 -57.17
C ASN D 76 23.10 -24.59 -56.68
N LYS D 77 23.49 -25.86 -56.82
CA LYS D 77 24.81 -26.31 -56.39
C LYS D 77 25.91 -25.64 -57.20
N ASP D 78 25.80 -25.68 -58.52
CA ASP D 78 26.86 -25.23 -59.42
C ASP D 78 27.42 -23.84 -59.11
N LEU D 79 26.54 -22.91 -58.75
CA LEU D 79 26.99 -21.58 -58.35
C LEU D 79 27.88 -21.66 -57.11
N ALA D 80 27.45 -22.39 -56.10
CA ALA D 80 28.28 -22.63 -54.91
C ALA D 80 29.65 -23.18 -55.25
N ASP D 81 29.68 -24.20 -56.10
CA ASP D 81 30.92 -24.87 -56.46
C ASP D 81 31.88 -23.93 -57.18
N LYS D 82 31.33 -23.03 -57.98
CA LYS D 82 32.15 -22.13 -58.78
C LYS D 82 32.91 -21.14 -57.92
N TYR D 83 32.28 -20.66 -56.84
CA TYR D 83 32.87 -19.63 -56.01
C TYR D 83 33.53 -20.16 -54.73
N LYS D 84 33.36 -21.44 -54.44
CA LYS D 84 34.08 -22.06 -53.35
C LYS D 84 35.57 -21.98 -53.67
N ASP D 85 36.36 -21.52 -52.71
CA ASP D 85 37.83 -21.46 -52.88
C ASP D 85 38.28 -20.40 -53.90
N LYS D 86 37.40 -19.48 -54.27
CA LYS D 86 37.80 -18.33 -55.07
C LYS D 86 37.75 -17.09 -54.20
N TYR D 87 38.71 -16.19 -54.41
CA TYR D 87 38.66 -14.86 -53.81
C TYR D 87 37.63 -14.03 -54.55
N VAL D 88 36.64 -13.53 -53.81
CA VAL D 88 35.53 -12.77 -54.39
C VAL D 88 35.26 -11.48 -53.64
N ASP D 89 34.42 -10.65 -54.24
CA ASP D 89 33.92 -9.46 -53.61
C ASP D 89 32.43 -9.72 -53.39
N VAL D 90 31.97 -9.50 -52.16
CA VAL D 90 30.57 -9.72 -51.79
C VAL D 90 29.88 -8.37 -51.64
N PHE D 91 28.62 -8.29 -52.09
CA PHE D 91 27.79 -7.11 -51.91
C PHE D 91 26.33 -7.51 -52.00
N GLY D 92 25.55 -7.23 -50.97
CA GLY D 92 24.11 -7.49 -51.01
C GLY D 92 23.33 -7.10 -49.77
N ALA D 93 22.02 -7.31 -49.84
CA ALA D 93 21.08 -6.99 -48.77
C ALA D 93 20.85 -8.20 -47.87
N ASN D 94 21.00 -8.00 -46.56
CA ASN D 94 20.92 -9.10 -45.62
C ASN D 94 19.66 -9.08 -44.78
N TYR D 95 19.34 -10.24 -44.20
CA TYR D 95 18.22 -10.38 -43.29
C TYR D 95 18.61 -11.22 -42.07
N TYR D 96 17.74 -11.24 -41.07
CA TYR D 96 17.98 -11.98 -39.81
C TYR D 96 16.87 -12.95 -39.43
N TYR D 97 15.62 -12.53 -39.67
CA TYR D 97 14.47 -13.38 -39.39
C TYR D 97 14.48 -14.59 -40.33
N GLN D 98 14.30 -15.78 -39.78
CA GLN D 98 14.35 -17.03 -40.54
C GLN D 98 15.68 -17.23 -41.30
N CYS D 99 16.77 -16.73 -40.73
CA CYS D 99 18.10 -17.06 -41.22
C CYS D 99 18.60 -18.21 -40.37
N TYR D 100 19.16 -19.25 -40.97
CA TYR D 100 19.73 -20.34 -40.17
C TYR D 100 20.95 -20.98 -40.81
N PHE D 101 22.00 -21.20 -39.98
CA PHE D 101 23.15 -22.03 -40.34
C PHE D 101 23.14 -23.23 -39.39
N SER D 102 24.12 -24.11 -39.59
CA SER D 102 24.58 -25.04 -38.55
C SER D 102 23.45 -25.59 -37.68
N ARG D 116 26.28 -14.92 -33.91
CA ARG D 116 26.08 -13.66 -34.63
C ARG D 116 26.14 -13.85 -36.14
N LYS D 117 25.01 -14.22 -36.72
CA LYS D 117 24.98 -14.62 -38.12
C LYS D 117 24.06 -13.73 -38.91
N THR D 118 24.16 -13.83 -40.24
CA THR D 118 23.19 -13.19 -41.11
C THR D 118 23.21 -13.90 -42.46
N CYS D 119 22.09 -13.84 -43.18
CA CYS D 119 21.95 -14.53 -44.44
C CYS D 119 21.78 -13.49 -45.52
N MET D 120 22.08 -13.86 -46.77
CA MET D 120 21.78 -13.07 -47.97
C MET D 120 21.72 -14.02 -49.16
N TYR D 121 21.51 -13.47 -50.36
CA TYR D 121 21.49 -14.28 -51.58
C TYR D 121 22.41 -13.67 -52.62
N GLY D 122 23.08 -14.53 -53.38
CA GLY D 122 23.96 -14.10 -54.46
C GLY D 122 24.91 -12.98 -54.06
N GLY D 123 25.08 -12.03 -54.96
CA GLY D 123 25.92 -10.85 -54.71
C GLY D 123 27.41 -11.10 -54.72
N VAL D 124 27.83 -12.19 -55.36
CA VAL D 124 29.22 -12.59 -55.38
C VAL D 124 29.80 -12.43 -56.76
N THR D 125 30.98 -11.82 -56.84
CA THR D 125 31.71 -11.62 -58.09
C THR D 125 33.21 -11.82 -57.85
N GLU D 126 33.88 -12.53 -58.76
CA GLU D 126 35.33 -12.73 -58.68
C GLU D 126 36.05 -11.40 -58.46
N HIS D 127 37.07 -11.42 -57.63
CA HIS D 127 37.91 -10.24 -57.42
C HIS D 127 38.93 -10.07 -58.54
N ASN D 128 39.81 -11.06 -58.70
CA ASN D 128 40.92 -10.91 -59.64
C ASN D 128 40.43 -10.64 -61.06
N GLY D 129 40.92 -9.55 -61.65
CA GLY D 129 40.63 -9.21 -63.04
C GLY D 129 39.36 -8.40 -63.27
N ASN D 130 38.49 -8.34 -62.26
CA ASN D 130 37.20 -7.65 -62.38
C ASN D 130 37.23 -6.21 -61.89
N GLN D 131 38.40 -5.70 -61.55
CA GLN D 131 38.54 -4.38 -60.92
C GLN D 131 38.75 -3.28 -61.98
N LEU D 132 38.02 -2.18 -61.83
CA LEU D 132 38.19 -1.00 -62.67
C LEU D 132 39.22 -0.07 -62.06
N ASP D 133 39.98 0.63 -62.91
CA ASP D 133 40.98 1.56 -62.43
C ASP D 133 40.32 2.74 -61.71
N LYS D 134 39.33 3.34 -62.37
CA LYS D 134 38.59 4.48 -61.82
C LYS D 134 37.10 4.25 -62.00
N TYR D 135 36.31 4.70 -61.03
CA TYR D 135 34.87 4.36 -60.95
C TYR D 135 34.07 4.63 -62.23
N ARG D 136 33.09 3.77 -62.48
CA ARG D 136 32.20 3.87 -63.62
C ARG D 136 30.88 4.48 -63.18
N SER D 137 30.31 5.35 -63.99
CA SER D 137 28.98 5.90 -63.71
C SER D 137 27.93 5.23 -64.57
N ILE D 138 26.78 4.92 -63.96
CA ILE D 138 25.62 4.40 -64.66
C ILE D 138 24.43 5.31 -64.35
N THR D 139 23.80 5.85 -65.38
CA THR D 139 22.73 6.83 -65.21
C THR D 139 21.35 6.17 -65.14
N VAL D 140 20.76 6.16 -63.95
CA VAL D 140 19.40 5.68 -63.77
C VAL D 140 18.44 6.73 -64.31
N ARG D 141 17.51 6.32 -65.16
CA ARG D 141 16.46 7.20 -65.65
C ARG D 141 15.18 6.86 -64.89
N VAL D 142 14.59 7.85 -64.20
CA VAL D 142 13.37 7.62 -63.41
C VAL D 142 12.09 8.09 -64.10
N PHE D 143 11.11 7.18 -64.19
CA PHE D 143 9.79 7.48 -64.77
C PHE D 143 8.68 7.48 -63.72
N GLU D 144 7.87 8.53 -63.70
CA GLU D 144 6.67 8.60 -62.88
C GLU D 144 5.44 8.71 -63.79
N ASP D 145 4.54 7.74 -63.67
CA ASP D 145 3.36 7.64 -64.54
C ASP D 145 3.72 7.74 -66.04
N GLY D 146 4.81 7.12 -66.43
CA GLY D 146 5.22 7.08 -67.83
C GLY D 146 6.13 8.20 -68.31
N LYS D 147 6.17 9.32 -67.59
CA LYS D 147 6.99 10.47 -67.98
C LYS D 147 8.31 10.49 -67.21
N ASN D 148 9.39 10.85 -67.90
CA ASN D 148 10.71 11.02 -67.31
C ASN D 148 10.87 12.37 -66.60
N LEU D 149 11.05 12.35 -65.28
CA LEU D 149 11.14 13.57 -64.46
C LEU D 149 12.55 13.85 -63.91
N LEU D 150 13.33 12.79 -63.68
CA LEU D 150 14.74 12.94 -63.28
C LEU D 150 15.65 11.77 -63.66
N SER D 151 16.96 12.03 -63.54
CA SER D 151 17.98 11.00 -63.64
C SER D 151 19.07 11.27 -62.61
N PHE D 152 19.77 10.22 -62.20
CA PHE D 152 20.88 10.34 -61.27
C PHE D 152 21.82 9.19 -61.55
N ASP D 153 23.00 9.25 -60.95
CA ASP D 153 24.04 8.27 -61.22
C ASP D 153 24.31 7.35 -60.03
N VAL D 154 24.54 6.08 -60.31
CA VAL D 154 25.12 5.15 -59.34
C VAL D 154 26.48 4.69 -59.88
N GLN D 155 27.42 4.42 -58.97
CA GLN D 155 28.83 4.15 -59.33
C GLN D 155 29.30 2.77 -58.90
N THR D 156 30.33 2.30 -59.59
CA THR D 156 30.93 1.00 -59.30
C THR D 156 32.32 0.87 -59.92
N ASN D 157 33.17 0.11 -59.25
CA ASN D 157 34.55 -0.13 -59.66
C ASN D 157 34.73 -1.59 -60.09
N LYS D 158 33.69 -2.15 -60.70
CA LYS D 158 33.73 -3.53 -61.18
C LYS D 158 33.30 -3.60 -62.65
N LYS D 159 33.98 -4.44 -63.43
CA LYS D 159 33.58 -4.66 -64.82
C LYS D 159 32.25 -5.37 -64.89
N LYS D 160 32.16 -6.50 -64.17
CA LYS D 160 30.92 -7.27 -64.08
C LYS D 160 30.37 -7.07 -62.68
N VAL D 161 29.15 -6.54 -62.61
CA VAL D 161 28.50 -6.24 -61.34
C VAL D 161 27.17 -6.98 -61.25
N THR D 162 26.73 -7.31 -60.04
CA THR D 162 25.44 -7.99 -59.88
C THR D 162 24.33 -6.98 -60.08
N ALA D 163 23.18 -7.45 -60.52
CA ALA D 163 21.99 -6.60 -60.61
C ALA D 163 21.59 -6.22 -59.20
N GLN D 164 21.81 -7.13 -58.26
CA GLN D 164 21.50 -6.84 -56.87
C GLN D 164 22.19 -5.55 -56.44
N GLU D 165 23.51 -5.49 -56.64
CA GLU D 165 24.26 -4.33 -56.21
C GLU D 165 23.69 -3.06 -56.81
N LEU D 166 23.48 -3.05 -58.12
CA LEU D 166 22.94 -1.87 -58.77
C LEU D 166 21.52 -1.58 -58.26
N ASP D 167 20.71 -2.62 -58.10
CA ASP D 167 19.35 -2.46 -57.60
C ASP D 167 19.39 -1.78 -56.22
N TYR D 168 20.24 -2.26 -55.32
CA TYR D 168 20.40 -1.64 -54.00
C TYR D 168 20.80 -0.19 -54.13
N LEU D 169 21.87 0.06 -54.88
CA LEU D 169 22.38 1.42 -55.08
C LEU D 169 21.26 2.34 -55.57
N THR D 170 20.44 1.86 -56.51
CA THR D 170 19.39 2.69 -57.11
C THR D 170 18.29 3.02 -56.12
N ARG D 171 17.81 2.01 -55.41
CA ARG D 171 16.72 2.18 -54.46
C ARG D 171 17.12 3.00 -53.25
N HIS D 172 18.40 2.96 -52.90
CA HIS D 172 18.89 3.68 -51.75
C HIS D 172 18.83 5.18 -52.02
N TYR D 173 19.18 5.59 -53.23
CA TYR D 173 19.04 6.99 -53.62
C TYR D 173 17.57 7.37 -53.59
N LEU D 174 16.71 6.47 -54.08
CA LEU D 174 15.27 6.69 -54.10
C LEU D 174 14.66 6.72 -52.69
N VAL D 175 15.15 5.87 -51.79
CA VAL D 175 14.68 5.85 -50.40
C VAL D 175 15.00 7.17 -49.69
N LYS D 176 16.24 7.64 -49.84
CA LYS D 176 16.68 8.85 -49.16
C LYS D 176 16.07 10.12 -49.75
N ASN D 177 16.03 10.21 -51.08
CA ASN D 177 15.64 11.43 -51.76
C ASN D 177 14.18 11.47 -52.21
N LYS D 178 13.60 10.32 -52.53
CA LYS D 178 12.20 10.25 -53.00
C LYS D 178 11.22 9.59 -51.99
N LYS D 179 11.71 9.19 -50.83
CA LYS D 179 10.88 8.51 -49.83
C LYS D 179 10.18 7.28 -50.42
N LEU D 180 10.90 6.53 -51.24
CA LEU D 180 10.33 5.39 -51.96
C LEU D 180 9.67 4.42 -51.01
N TYR D 181 10.39 4.11 -49.93
CA TYR D 181 9.85 3.32 -48.82
C TYR D 181 9.88 4.21 -47.58
N GLU D 182 8.77 4.24 -46.86
CA GLU D 182 8.65 4.99 -45.61
C GLU D 182 8.27 4.01 -44.52
N PHE D 183 8.03 4.52 -43.32
CA PHE D 183 7.68 3.65 -42.21
C PHE D 183 6.37 2.89 -42.46
N ASN D 184 5.35 3.63 -42.89
CA ASN D 184 3.98 3.11 -43.01
C ASN D 184 3.66 2.48 -44.38
N ASN D 185 3.97 3.21 -45.45
CA ASN D 185 3.58 2.84 -46.81
C ASN D 185 4.57 3.47 -47.80
N SER D 186 4.18 3.58 -49.07
CA SER D 186 4.96 4.31 -50.06
C SER D 186 4.10 5.41 -50.67
N PRO D 187 4.73 6.48 -51.20
CA PRO D 187 3.98 7.43 -52.03
C PRO D 187 3.67 6.86 -53.42
N TYR D 188 4.33 5.77 -53.79
CA TYR D 188 4.20 5.17 -55.11
C TYR D 188 3.36 3.89 -55.06
N GLU D 189 2.39 3.78 -55.98
CA GLU D 189 1.45 2.65 -55.96
C GLU D 189 2.14 1.40 -56.48
N THR D 190 2.76 1.49 -57.65
CA THR D 190 3.56 0.40 -58.20
C THR D 190 4.93 0.91 -58.62
N GLY D 191 5.86 -0.01 -58.78
CA GLY D 191 7.22 0.35 -59.15
C GLY D 191 8.03 -0.86 -59.54
N TYR D 192 8.67 -0.79 -60.71
CA TYR D 192 9.66 -1.79 -61.11
C TYR D 192 10.94 -1.16 -61.63
N ILE D 193 12.03 -1.91 -61.54
CA ILE D 193 13.34 -1.48 -62.02
C ILE D 193 13.72 -2.34 -63.22
N LYS D 194 14.17 -1.69 -64.30
CA LYS D 194 14.46 -2.39 -65.54
C LYS D 194 15.94 -2.29 -65.90
N PHE D 195 16.53 -3.43 -66.21
CA PHE D 195 17.93 -3.50 -66.60
C PHE D 195 18.03 -3.85 -68.07
N ILE D 196 18.82 -3.09 -68.82
CA ILE D 196 18.97 -3.32 -70.26
C ILE D 196 20.44 -3.49 -70.64
N GLU D 197 20.80 -4.69 -71.08
CA GLU D 197 22.13 -4.96 -71.63
C GLU D 197 21.97 -5.18 -73.11
N ASN D 198 22.39 -4.19 -73.90
CA ASN D 198 22.28 -4.24 -75.36
C ASN D 198 20.82 -4.46 -75.78
N GLU D 199 20.45 -5.72 -76.08
CA GLU D 199 19.11 -6.03 -76.58
C GLU D 199 18.44 -7.13 -75.73
N ASN D 200 18.83 -7.22 -74.47
CA ASN D 200 18.19 -8.13 -73.52
C ASN D 200 17.88 -7.36 -72.23
N SER D 201 16.62 -7.40 -71.83
CA SER D 201 16.18 -6.72 -70.62
C SER D 201 15.58 -7.70 -69.62
N PHE D 202 15.63 -7.34 -68.35
CA PHE D 202 14.88 -8.03 -67.31
C PHE D 202 14.48 -7.00 -66.28
N TRP D 203 13.50 -7.32 -65.43
CA TRP D 203 12.99 -6.35 -64.46
C TRP D 203 12.63 -6.99 -63.12
N TYR D 204 12.75 -6.22 -62.04
CA TYR D 204 12.32 -6.66 -60.72
C TYR D 204 11.21 -5.75 -60.19
N ASP D 205 10.18 -6.36 -59.59
CA ASP D 205 9.07 -5.64 -58.97
C ASP D 205 9.52 -5.12 -57.61
N MET D 206 9.45 -3.80 -57.44
CA MET D 206 9.98 -3.13 -56.25
C MET D 206 9.00 -3.08 -55.07
N MET D 207 7.78 -3.59 -55.23
CA MET D 207 6.77 -3.52 -54.16
C MET D 207 6.43 -4.89 -53.54
N PRO D 208 6.15 -4.92 -52.23
CA PRO D 208 5.88 -6.17 -51.53
C PRO D 208 4.55 -6.76 -51.90
N ALA D 209 4.40 -8.07 -51.73
CA ALA D 209 3.15 -8.77 -52.02
C ALA D 209 2.02 -8.24 -51.13
N PRO D 210 0.75 -8.54 -51.50
CA PRO D 210 -0.37 -8.09 -50.67
C PRO D 210 -0.47 -8.87 -49.37
N GLY D 211 -1.35 -8.44 -48.48
CA GLY D 211 -1.48 -9.03 -47.14
C GLY D 211 -0.82 -8.13 -46.11
N ASP D 212 -0.75 -8.59 -44.86
CA ASP D 212 -0.16 -7.80 -43.77
C ASP D 212 1.22 -8.30 -43.31
N LYS D 213 1.77 -9.31 -44.00
CA LYS D 213 3.15 -9.77 -43.74
C LYS D 213 4.04 -9.54 -44.93
N PHE D 214 5.28 -9.17 -44.64
CA PHE D 214 6.34 -9.10 -45.63
C PHE D 214 7.42 -10.13 -45.32
N ASP D 215 7.46 -11.20 -46.12
CA ASP D 215 8.52 -12.23 -46.01
C ASP D 215 9.81 -11.69 -46.66
N GLN D 216 10.72 -11.19 -45.83
CA GLN D 216 11.99 -10.61 -46.27
C GLN D 216 12.84 -11.61 -47.01
N SER D 217 12.95 -12.81 -46.47
CA SER D 217 13.73 -13.87 -47.08
C SER D 217 13.22 -14.21 -48.49
N LYS D 218 11.93 -14.51 -48.60
CA LYS D 218 11.32 -14.87 -49.86
C LYS D 218 11.54 -13.80 -50.92
N TYR D 219 11.46 -12.53 -50.51
CA TYR D 219 11.66 -11.42 -51.44
C TYR D 219 13.09 -11.38 -51.97
N LEU D 220 14.06 -11.38 -51.06
CA LEU D 220 15.48 -11.32 -51.45
C LEU D 220 15.94 -12.55 -52.28
N MET D 221 15.26 -13.67 -52.13
CA MET D 221 15.58 -14.88 -52.91
C MET D 221 15.63 -14.61 -54.41
N MET D 222 14.95 -13.58 -54.89
CA MET D 222 15.05 -13.20 -56.30
C MET D 222 16.50 -12.97 -56.74
N TYR D 223 17.36 -12.51 -55.82
CA TYR D 223 18.77 -12.28 -56.14
C TYR D 223 19.61 -13.56 -56.13
N ASN D 224 18.98 -14.72 -55.96
CA ASN D 224 19.74 -15.96 -55.76
C ASN D 224 20.34 -16.55 -57.04
N ASP D 225 19.98 -16.02 -58.20
CA ASP D 225 20.59 -16.47 -59.46
C ASP D 225 21.94 -15.80 -59.72
N ASN D 226 22.31 -14.84 -58.88
CA ASN D 226 23.61 -14.17 -58.98
C ASN D 226 23.79 -13.48 -60.33
N LYS D 227 22.68 -13.05 -60.93
CA LYS D 227 22.72 -12.41 -62.26
C LYS D 227 23.70 -11.24 -62.31
N MET D 228 24.47 -11.17 -63.37
CA MET D 228 25.52 -10.17 -63.54
C MET D 228 25.32 -9.39 -64.82
N VAL D 229 25.83 -8.16 -64.82
CA VAL D 229 25.74 -7.27 -65.96
C VAL D 229 27.08 -6.62 -66.18
N ASP D 230 27.38 -6.26 -67.42
CA ASP D 230 28.56 -5.46 -67.71
C ASP D 230 28.22 -3.99 -67.41
N SER D 231 29.00 -3.40 -66.51
CA SER D 231 28.81 -2.01 -66.07
C SER D 231 29.03 -0.98 -67.16
N LYS D 232 29.67 -1.35 -68.25
CA LYS D 232 29.85 -0.44 -69.39
C LYS D 232 28.57 -0.35 -70.23
N ASP D 233 28.00 -1.52 -70.56
CA ASP D 233 26.82 -1.60 -71.43
C ASP D 233 25.51 -1.29 -70.74
N VAL D 234 25.36 -1.76 -69.50
CA VAL D 234 24.06 -1.83 -68.81
C VAL D 234 23.37 -0.48 -68.68
N LYS D 235 22.04 -0.47 -68.87
CA LYS D 235 21.20 0.71 -68.62
C LYS D 235 20.13 0.40 -67.57
N ILE D 236 19.74 1.42 -66.81
CA ILE D 236 18.79 1.26 -65.71
C ILE D 236 17.60 2.19 -65.92
N GLU D 237 16.39 1.63 -65.80
CA GLU D 237 15.15 2.40 -65.90
C GLU D 237 14.23 1.99 -64.76
N VAL D 238 13.77 2.96 -63.99
CA VAL D 238 12.85 2.74 -62.87
C VAL D 238 11.50 3.34 -63.22
N TYR D 239 10.44 2.54 -63.11
CA TYR D 239 9.09 2.98 -63.52
C TYR D 239 8.16 3.00 -62.33
N LEU D 240 7.86 4.22 -61.87
CA LEU D 240 7.05 4.44 -60.71
C LEU D 240 5.67 4.91 -61.10
N THR D 241 4.68 4.54 -60.30
CA THR D 241 3.30 4.98 -60.45
C THR D 241 2.86 5.72 -59.19
N THR D 242 2.21 6.88 -59.33
CA THR D 242 1.78 7.68 -58.17
C THR D 242 0.37 7.32 -57.75
N LYS D 243 -0.07 7.89 -56.63
CA LYS D 243 -1.41 7.65 -56.09
C LYS D 243 -2.37 8.81 -56.40
N ASP E 1 3.86 19.27 -39.79
CA ASP E 1 3.80 18.33 -38.63
C ASP E 1 2.35 18.16 -38.16
N ILE E 2 2.00 16.91 -37.86
CA ILE E 2 0.63 16.58 -37.51
C ILE E 2 0.35 16.89 -36.04
N GLN E 3 -0.42 17.95 -35.78
CA GLN E 3 -0.82 18.28 -34.40
C GLN E 3 -1.98 17.36 -33.98
N MET E 4 -1.86 16.75 -32.80
CA MET E 4 -2.95 16.01 -32.19
C MET E 4 -3.58 16.85 -31.08
N THR E 5 -4.84 17.28 -31.26
CA THR E 5 -5.57 18.05 -30.23
C THR E 5 -6.41 17.15 -29.33
N GLN E 6 -5.99 17.01 -28.07
CA GLN E 6 -6.66 16.12 -27.12
C GLN E 6 -7.52 16.90 -26.13
N SER E 7 -8.81 16.54 -26.10
CA SER E 7 -9.77 17.15 -25.20
C SER E 7 -10.53 16.05 -24.46
N PRO E 8 -11.01 16.33 -23.24
CA PRO E 8 -10.71 17.51 -22.44
C PRO E 8 -9.36 17.31 -21.77
N SER E 9 -8.70 18.40 -21.39
CA SER E 9 -7.40 18.29 -20.72
C SER E 9 -7.56 17.92 -19.24
N SER E 10 -8.78 18.07 -18.72
CA SER E 10 -9.06 17.79 -17.31
C SER E 10 -10.47 17.23 -17.20
N LEU E 11 -10.59 16.02 -16.65
CA LEU E 11 -11.89 15.42 -16.48
C LEU E 11 -12.10 14.95 -15.04
N SER E 12 -13.28 15.28 -14.50
CA SER E 12 -13.69 14.81 -13.19
C SER E 12 -14.74 13.72 -13.34
N ALA E 13 -14.60 12.63 -12.59
CA ALA E 13 -15.55 11.52 -12.66
C ALA E 13 -15.63 10.78 -11.33
N SER E 14 -16.67 9.96 -11.18
CA SER E 14 -16.82 9.07 -10.03
C SER E 14 -16.68 7.62 -10.46
N LEU E 15 -16.59 6.72 -9.48
CA LEU E 15 -16.48 5.28 -9.74
C LEU E 15 -17.67 4.79 -10.55
N GLY E 16 -17.42 3.87 -11.48
CA GLY E 16 -18.48 3.27 -12.29
C GLY E 16 -18.99 4.09 -13.46
N GLU E 17 -18.64 5.38 -13.52
CA GLU E 17 -19.04 6.26 -14.63
C GLU E 17 -18.43 5.80 -15.95
N ARG E 18 -19.14 6.10 -17.03
CA ARG E 18 -18.55 6.00 -18.36
C ARG E 18 -17.96 7.36 -18.72
N VAL E 19 -16.82 7.33 -19.41
CA VAL E 19 -16.10 8.52 -19.80
C VAL E 19 -15.43 8.30 -21.13
N SER E 20 -15.19 9.38 -21.86
CA SER E 20 -14.66 9.28 -23.20
C SER E 20 -13.77 10.47 -23.54
N LEU E 21 -12.48 10.20 -23.77
CA LEU E 21 -11.52 11.21 -24.19
C LEU E 21 -11.52 11.25 -25.71
N THR E 22 -11.30 12.44 -26.27
CA THR E 22 -11.22 12.60 -27.73
C THR E 22 -9.87 13.23 -28.12
N CYS E 23 -9.37 12.81 -29.27
CA CYS E 23 -8.08 13.29 -29.76
C CYS E 23 -8.23 13.45 -31.28
N ARG E 24 -8.16 14.70 -31.74
CA ARG E 24 -8.41 15.03 -33.14
C ARG E 24 -7.14 15.38 -33.93
N ALA E 25 -6.98 14.78 -35.11
CA ALA E 25 -5.76 14.92 -35.93
C ALA E 25 -5.95 15.96 -37.03
N SER E 26 -4.96 16.82 -37.22
CA SER E 26 -5.04 17.93 -38.18
C SER E 26 -4.94 17.51 -39.66
N GLN E 27 -4.75 16.22 -39.91
CA GLN E 27 -4.40 15.72 -41.22
C GLN E 27 -4.54 14.19 -41.15
N GLU E 28 -4.79 13.53 -42.28
CA GLU E 28 -5.07 12.09 -42.29
C GLU E 28 -3.99 11.26 -41.58
N ILE E 29 -4.40 10.48 -40.58
CA ILE E 29 -3.49 9.57 -39.88
C ILE E 29 -3.94 8.10 -39.92
N SER E 30 -5.14 7.85 -40.44
CA SER E 30 -5.51 6.54 -41.01
C SER E 30 -5.20 5.30 -40.16
N ASP E 31 -5.70 5.27 -38.93
CA ASP E 31 -5.46 4.13 -38.02
C ASP E 31 -4.10 4.09 -37.30
N TYR E 32 -3.14 4.92 -37.71
CA TYR E 32 -1.85 4.96 -37.02
C TYR E 32 -1.95 5.83 -35.77
N LEU E 33 -2.75 5.35 -34.81
CA LEU E 33 -2.96 6.03 -33.53
C LEU E 33 -2.85 5.02 -32.40
N THR E 34 -2.22 5.42 -31.31
CA THR E 34 -2.11 4.57 -30.13
C THR E 34 -2.51 5.37 -28.91
N TRP E 35 -3.11 4.70 -27.93
CA TRP E 35 -3.48 5.34 -26.67
C TRP E 35 -2.60 4.83 -25.54
N LEU E 36 -2.06 5.74 -24.74
CA LEU E 36 -1.21 5.37 -23.60
C LEU E 36 -1.78 5.87 -22.28
N GLN E 37 -1.38 5.22 -21.20
CA GLN E 37 -1.69 5.66 -19.84
C GLN E 37 -0.40 5.86 -19.09
N GLN E 38 -0.33 6.86 -18.24
CA GLN E 38 0.76 7.01 -17.27
C GLN E 38 0.16 7.12 -15.88
N LYS E 39 0.42 6.12 -15.04
CA LYS E 39 -0.10 6.10 -13.68
C LYS E 39 0.71 7.11 -12.88
N PRO E 40 0.17 7.60 -11.74
CA PRO E 40 0.94 8.49 -10.86
C PRO E 40 2.30 7.86 -10.53
N ASP E 41 2.25 6.57 -10.24
CA ASP E 41 3.41 5.67 -10.22
C ASP E 41 4.61 6.12 -11.08
N GLY E 42 4.32 6.69 -12.26
CA GLY E 42 5.34 7.07 -13.22
C GLY E 42 5.29 6.15 -14.43
N THR E 43 4.90 4.89 -14.19
CA THR E 43 4.88 3.84 -15.20
C THR E 43 3.95 4.15 -16.38
N ILE E 44 4.45 3.89 -17.59
CA ILE E 44 3.65 4.04 -18.80
C ILE E 44 3.31 2.65 -19.35
N LYS E 45 2.09 2.50 -19.86
CA LYS E 45 1.69 1.29 -20.57
C LYS E 45 0.79 1.65 -21.73
N ARG E 46 0.79 0.79 -22.74
CA ARG E 46 -0.07 0.97 -23.92
C ARG E 46 -1.46 0.38 -23.64
N LEU E 47 -2.48 1.08 -24.11
CA LEU E 47 -3.87 0.67 -23.92
C LEU E 47 -4.48 0.11 -25.21
N ILE E 48 -4.41 0.93 -26.26
CA ILE E 48 -5.05 0.65 -27.53
C ILE E 48 -4.05 0.80 -28.64
N TYR E 49 -4.11 -0.08 -29.63
CA TYR E 49 -3.24 0.03 -30.79
C TYR E 49 -4.02 -0.06 -32.09
N VAL E 50 -3.38 0.37 -33.19
CA VAL E 50 -4.04 0.61 -34.47
C VAL E 50 -5.44 1.23 -34.33
N ALA E 51 -5.55 2.24 -33.46
CA ALA E 51 -6.79 3.01 -33.28
C ALA E 51 -7.93 2.30 -32.54
N SER E 52 -8.17 1.02 -32.84
CA SER E 52 -9.36 0.33 -32.31
C SER E 52 -9.14 -1.08 -31.71
N SER E 53 -7.88 -1.54 -31.65
CA SER E 53 -7.60 -2.85 -31.10
C SER E 53 -7.09 -2.74 -29.67
N LEU E 54 -7.66 -3.54 -28.78
CA LEU E 54 -7.31 -3.50 -27.36
C LEU E 54 -6.04 -4.30 -27.12
N ASP E 55 -5.04 -3.62 -26.57
CA ASP E 55 -3.78 -4.24 -26.17
C ASP E 55 -4.03 -5.48 -25.33
N SER E 56 -3.24 -6.53 -25.54
CA SER E 56 -3.34 -7.73 -24.72
C SER E 56 -2.89 -7.41 -23.29
N GLY E 57 -3.46 -8.07 -22.30
CA GLY E 57 -3.15 -7.72 -20.92
C GLY E 57 -3.55 -6.28 -20.59
N VAL E 58 -4.69 -5.87 -21.13
CA VAL E 58 -5.38 -4.64 -20.72
C VAL E 58 -6.86 -5.01 -20.61
N PRO E 59 -7.54 -4.57 -19.55
CA PRO E 59 -8.89 -5.07 -19.29
C PRO E 59 -9.95 -4.64 -20.32
N LYS E 60 -10.90 -5.54 -20.56
CA LYS E 60 -12.00 -5.37 -21.54
C LYS E 60 -12.64 -3.99 -21.58
N ARG E 61 -12.76 -3.35 -20.41
CA ARG E 61 -13.47 -2.07 -20.28
C ARG E 61 -12.88 -0.88 -21.07
N PHE E 62 -11.65 -1.02 -21.57
CA PHE E 62 -11.06 -0.02 -22.47
C PHE E 62 -11.36 -0.36 -23.93
N SER E 63 -11.59 0.67 -24.75
CA SER E 63 -11.90 0.47 -26.17
C SER E 63 -11.60 1.71 -26.98
N GLY E 64 -11.19 1.50 -28.22
CA GLY E 64 -10.86 2.59 -29.13
C GLY E 64 -11.80 2.63 -30.31
N SER E 65 -12.02 3.82 -30.84
CA SER E 65 -12.84 3.98 -32.03
C SER E 65 -12.40 5.17 -32.87
N ARG E 66 -12.81 5.13 -34.13
CA ARG E 66 -12.48 6.14 -35.10
C ARG E 66 -13.76 6.70 -35.69
N SER E 67 -13.79 8.01 -35.93
CA SER E 67 -14.90 8.66 -36.64
C SER E 67 -14.33 9.72 -37.58
N GLY E 68 -13.72 9.28 -38.68
CA GLY E 68 -13.09 10.17 -39.64
C GLY E 68 -11.72 10.62 -39.17
N SER E 69 -11.61 11.90 -38.80
CA SER E 69 -10.39 12.47 -38.22
C SER E 69 -10.43 12.47 -36.69
N ASP E 70 -11.57 12.08 -36.12
CA ASP E 70 -11.76 12.04 -34.68
C ASP E 70 -11.43 10.65 -34.13
N TYR E 71 -10.69 10.60 -33.03
CA TYR E 71 -10.31 9.34 -32.40
C TYR E 71 -10.62 9.44 -30.92
N SER E 72 -11.19 8.38 -30.35
CA SER E 72 -11.64 8.44 -28.96
C SER E 72 -11.33 7.18 -28.15
N LEU E 73 -10.90 7.40 -26.91
CA LEU E 73 -10.75 6.32 -25.93
C LEU E 73 -11.99 6.33 -25.07
N THR E 74 -12.53 5.14 -24.77
CA THR E 74 -13.71 5.02 -23.93
C THR E 74 -13.47 4.03 -22.81
N ILE E 75 -13.83 4.43 -21.58
CA ILE E 75 -13.80 3.55 -20.43
C ILE E 75 -15.24 3.33 -19.99
N SER E 76 -15.71 2.09 -20.00
CA SER E 76 -17.13 1.80 -19.77
C SER E 76 -17.56 1.98 -18.31
N SER E 77 -16.74 1.52 -17.37
CA SER E 77 -17.00 1.75 -15.94
C SER E 77 -15.68 1.88 -15.18
N LEU E 78 -15.38 3.10 -14.75
CA LEU E 78 -14.10 3.42 -14.12
C LEU E 78 -13.86 2.64 -12.84
N GLU E 79 -12.61 2.28 -12.62
CA GLU E 79 -12.14 1.75 -11.35
C GLU E 79 -11.03 2.66 -10.83
N SER E 80 -10.68 2.50 -9.56
CA SER E 80 -9.82 3.47 -8.88
C SER E 80 -8.46 3.66 -9.55
N GLU E 81 -7.85 2.58 -10.03
CA GLU E 81 -6.53 2.69 -10.65
C GLU E 81 -6.56 3.36 -12.03
N ASP E 82 -7.77 3.54 -12.57
CA ASP E 82 -7.93 4.19 -13.86
C ASP E 82 -7.71 5.69 -13.78
N PHE E 83 -7.77 6.26 -12.58
CA PHE E 83 -7.53 7.69 -12.43
C PHE E 83 -6.05 7.97 -12.57
N ALA E 84 -5.67 8.34 -13.79
CA ALA E 84 -4.27 8.55 -14.16
C ALA E 84 -4.20 9.52 -15.35
N ASP E 85 -3.03 9.69 -15.96
CA ASP E 85 -2.90 10.48 -17.17
C ASP E 85 -3.10 9.61 -18.41
N TYR E 86 -3.61 10.20 -19.49
CA TYR E 86 -3.80 9.47 -20.74
C TYR E 86 -3.29 10.29 -21.92
N TYR E 87 -2.60 9.62 -22.84
CA TYR E 87 -2.06 10.28 -24.02
C TYR E 87 -2.37 9.48 -25.30
N CYS E 88 -2.75 10.19 -26.36
CA CYS E 88 -2.82 9.61 -27.72
C CYS E 88 -1.53 9.97 -28.44
N LEU E 89 -1.13 9.16 -29.42
CA LEU E 89 0.04 9.47 -30.26
C LEU E 89 -0.21 9.05 -31.69
N GLN E 90 0.20 9.92 -32.61
CA GLN E 90 0.09 9.68 -34.04
C GLN E 90 1.44 9.23 -34.52
N TYR E 91 1.49 8.13 -35.29
CA TYR E 91 2.73 7.70 -35.95
C TYR E 91 2.59 7.49 -37.46
N ALA E 92 1.72 8.27 -38.09
CA ALA E 92 1.50 8.21 -39.52
C ALA E 92 2.64 8.87 -40.32
N ASN E 93 3.35 9.80 -39.71
CA ASN E 93 4.30 10.65 -40.41
C ASN E 93 5.25 11.33 -39.41
N TYR E 94 6.51 11.53 -39.80
CA TYR E 94 7.52 12.12 -38.90
C TYR E 94 7.38 13.63 -38.80
N PRO E 95 7.54 14.20 -37.60
CA PRO E 95 7.79 13.50 -36.34
C PRO E 95 6.50 12.91 -35.79
N TRP E 96 6.62 11.80 -35.06
CA TRP E 96 5.46 11.27 -34.33
C TRP E 96 5.17 12.22 -33.18
N THR E 97 3.88 12.44 -32.89
CA THR E 97 3.48 13.50 -31.99
C THR E 97 2.38 13.06 -31.01
N PHE E 98 2.43 13.63 -29.81
CA PHE E 98 1.49 13.31 -28.72
C PHE E 98 0.40 14.36 -28.63
N GLY E 99 -0.78 13.93 -28.20
CA GLY E 99 -1.77 14.89 -27.71
C GLY E 99 -1.28 15.47 -26.39
N GLY E 100 -1.75 16.67 -26.08
CA GLY E 100 -1.37 17.37 -24.84
C GLY E 100 -1.67 16.63 -23.55
N GLY E 101 -2.54 15.62 -23.61
CA GLY E 101 -2.84 14.76 -22.45
C GLY E 101 -4.17 15.04 -21.78
N THR E 102 -4.68 14.03 -21.09
CA THR E 102 -5.87 14.19 -20.25
C THR E 102 -5.58 13.68 -18.84
N LYS E 103 -5.91 14.49 -17.83
CA LYS E 103 -5.79 14.06 -16.44
C LYS E 103 -7.18 13.72 -15.90
N LEU E 104 -7.30 12.53 -15.33
CA LEU E 104 -8.56 12.00 -14.83
C LEU E 104 -8.56 12.00 -13.29
N GLU E 105 -9.39 12.86 -12.67
CA GLU E 105 -9.45 12.99 -11.20
C GLU E 105 -10.82 12.62 -10.62
N ILE E 106 -10.89 12.52 -9.30
CA ILE E 106 -12.11 12.09 -8.61
C ILE E 106 -12.97 13.28 -8.18
N ARG E 107 -14.26 13.23 -8.53
CA ARG E 107 -15.20 14.28 -8.15
C ARG E 107 -15.68 14.11 -6.70
N ARG E 108 -15.98 15.24 -6.06
CA ARG E 108 -16.54 15.25 -4.71
C ARG E 108 -17.20 16.60 -4.46
N ALA E 109 -17.77 16.78 -3.26
CA ALA E 109 -18.36 18.05 -2.88
C ALA E 109 -17.28 19.13 -2.77
N ASP E 110 -17.56 20.32 -3.27
CA ASP E 110 -16.62 21.44 -3.16
C ASP E 110 -16.35 21.72 -1.68
N ALA E 111 -15.17 22.21 -1.38
CA ALA E 111 -14.82 22.55 0.01
C ALA E 111 -13.82 23.70 0.04
N ALA E 112 -14.09 24.68 0.91
CA ALA E 112 -13.20 25.83 1.09
C ALA E 112 -11.90 25.40 1.79
N PRO E 113 -10.77 26.05 1.45
CA PRO E 113 -9.52 25.71 2.09
C PRO E 113 -9.42 26.21 3.53
N THR E 114 -8.73 25.45 4.38
CA THR E 114 -8.32 25.93 5.69
C THR E 114 -6.99 26.66 5.54
N VAL E 115 -6.98 27.97 5.80
CA VAL E 115 -5.78 28.79 5.65
C VAL E 115 -5.11 29.04 6.99
N SER E 116 -3.79 28.88 7.04
CA SER E 116 -2.95 29.27 8.18
C SER E 116 -1.72 30.03 7.70
N ILE E 117 -1.30 31.04 8.47
CA ILE E 117 -0.08 31.80 8.18
C ILE E 117 0.93 31.66 9.31
N PHE E 118 2.21 31.64 8.95
CA PHE E 118 3.30 31.46 9.89
C PHE E 118 4.42 32.45 9.61
N PRO E 119 4.80 33.26 10.62
CA PRO E 119 5.97 34.12 10.47
C PRO E 119 7.26 33.31 10.38
N PRO E 120 8.37 33.98 10.01
CA PRO E 120 9.67 33.30 10.05
C PRO E 120 10.08 32.90 11.47
N SER E 121 10.70 31.74 11.63
CA SER E 121 11.20 31.30 12.94
C SER E 121 12.38 32.18 13.36
N SER E 122 12.67 32.22 14.66
CA SER E 122 13.81 33.00 15.15
C SER E 122 15.11 32.51 14.52
N GLU E 123 15.19 31.20 14.31
CA GLU E 123 16.40 30.56 13.81
C GLU E 123 16.73 30.95 12.37
N GLN E 124 15.73 31.01 11.51
CA GLN E 124 15.98 31.41 10.12
C GLN E 124 16.52 32.85 10.06
N LEU E 125 16.01 33.72 10.91
CA LEU E 125 16.49 35.10 10.98
C LEU E 125 17.96 35.16 11.37
N THR E 126 18.42 34.19 12.16
CA THR E 126 19.83 34.11 12.52
C THR E 126 20.75 33.93 11.30
N SER E 127 20.20 33.39 10.21
CA SER E 127 20.96 33.18 8.97
C SER E 127 20.83 34.32 7.95
N GLY E 128 19.99 35.30 8.23
CA GLY E 128 19.81 36.44 7.32
C GLY E 128 18.74 36.21 6.25
N GLY E 129 17.99 35.13 6.39
CA GLY E 129 16.84 34.87 5.53
C GLY E 129 15.53 35.10 6.27
N ALA E 130 14.42 34.99 5.56
CA ALA E 130 13.09 35.16 6.14
C ALA E 130 12.00 34.61 5.23
N SER E 131 11.35 33.55 5.70
CA SER E 131 10.32 32.89 4.92
C SER E 131 9.00 32.97 5.67
N VAL E 132 8.01 33.56 5.03
CA VAL E 132 6.64 33.55 5.52
C VAL E 132 5.91 32.44 4.78
N VAL E 133 5.43 31.46 5.52
CA VAL E 133 4.74 30.32 4.93
C VAL E 133 3.24 30.42 5.10
N CYS E 134 2.53 30.04 4.05
CA CYS E 134 1.09 29.98 4.08
C CYS E 134 0.63 28.60 3.62
N PHE E 135 -0.22 27.96 4.41
CA PHE E 135 -0.79 26.67 4.04
C PHE E 135 -2.24 26.88 3.69
N LEU E 136 -2.70 26.19 2.65
CA LEU E 136 -4.10 26.21 2.23
C LEU E 136 -4.52 24.77 2.01
N ASN E 137 -5.11 24.16 3.04
CA ASN E 137 -5.28 22.71 3.08
C ASN E 137 -6.72 22.18 2.94
N ASN E 138 -6.84 21.05 2.25
CA ASN E 138 -8.08 20.28 2.10
C ASN E 138 -9.23 21.01 1.38
N PHE E 139 -8.98 21.40 0.13
CA PHE E 139 -9.97 22.10 -0.67
C PHE E 139 -10.21 21.39 -1.98
N TYR E 140 -11.41 21.57 -2.55
CA TYR E 140 -11.76 21.02 -3.86
C TYR E 140 -12.63 22.02 -4.63
N PRO E 141 -12.40 22.17 -5.95
CA PRO E 141 -11.38 21.57 -6.83
C PRO E 141 -10.03 22.27 -6.77
N LYS E 142 -9.06 21.75 -7.51
CA LYS E 142 -7.65 22.13 -7.32
C LYS E 142 -7.26 23.56 -7.71
N ASP E 143 -8.06 24.23 -8.55
CA ASP E 143 -7.69 25.58 -9.01
C ASP E 143 -7.77 26.52 -7.82
N ILE E 144 -6.73 27.33 -7.63
CA ILE E 144 -6.69 28.26 -6.51
C ILE E 144 -5.60 29.33 -6.73
N ASN E 145 -5.86 30.53 -6.21
CA ASN E 145 -4.92 31.65 -6.34
C ASN E 145 -4.53 32.19 -4.98
N VAL E 146 -3.23 32.35 -4.76
CA VAL E 146 -2.71 32.93 -3.53
C VAL E 146 -2.21 34.34 -3.86
N LYS E 147 -2.62 35.33 -3.07
CA LYS E 147 -2.19 36.72 -3.25
C LYS E 147 -1.50 37.20 -1.98
N TRP E 148 -0.26 37.68 -2.11
CA TRP E 148 0.50 38.20 -0.97
C TRP E 148 0.49 39.74 -0.93
N LYS E 149 0.55 40.29 0.28
CA LYS E 149 0.69 41.73 0.48
C LYS E 149 1.65 42.02 1.64
N ILE E 150 2.48 43.04 1.48
CA ILE E 150 3.41 43.49 2.52
C ILE E 150 3.17 44.99 2.76
N ASP E 151 2.58 45.33 3.91
CA ASP E 151 2.01 46.67 4.15
C ASP E 151 1.02 47.02 3.04
N GLY E 152 0.21 46.04 2.64
CA GLY E 152 -0.85 46.24 1.63
C GLY E 152 -0.39 46.38 0.19
N SER E 153 0.86 45.99 -0.09
CA SER E 153 1.42 46.07 -1.44
C SER E 153 1.54 44.67 -2.04
N GLU E 154 1.02 44.49 -3.25
CA GLU E 154 1.08 43.19 -3.91
C GLU E 154 2.53 42.77 -4.12
N ARG E 155 2.82 41.52 -3.81
CA ARG E 155 4.18 41.00 -3.83
C ARG E 155 4.21 39.70 -4.62
N GLN E 156 4.96 39.70 -5.72
CA GLN E 156 5.02 38.56 -6.64
C GLN E 156 6.37 37.85 -6.59
N ASN E 157 7.46 38.64 -6.59
CA ASN E 157 8.81 38.08 -6.50
C ASN E 157 9.03 37.32 -5.19
N GLY E 158 9.80 36.23 -5.27
CA GLY E 158 10.21 35.46 -4.08
C GLY E 158 9.14 34.52 -3.53
N VAL E 159 8.18 34.13 -4.37
CA VAL E 159 7.06 33.28 -3.96
C VAL E 159 7.14 31.89 -4.61
N LEU E 160 7.24 30.85 -3.79
CA LEU E 160 7.19 29.47 -4.29
C LEU E 160 5.88 28.82 -3.88
N ASN E 161 5.26 28.12 -4.83
CA ASN E 161 4.07 27.33 -4.59
C ASN E 161 4.34 25.84 -4.88
N SER E 162 3.67 24.99 -4.12
CA SER E 162 3.81 23.55 -4.26
C SER E 162 2.48 22.92 -3.90
N TRP E 163 1.95 22.09 -4.80
CA TRP E 163 0.64 21.47 -4.63
C TRP E 163 0.79 19.96 -4.48
N THR E 164 0.00 19.38 -3.57
CA THR E 164 -0.07 17.93 -3.43
C THR E 164 -0.96 17.35 -4.51
N ASP E 165 -0.71 16.10 -4.89
CA ASP E 165 -1.61 15.35 -5.75
C ASP E 165 -2.88 15.09 -4.93
N GLN E 166 -3.95 14.67 -5.60
CA GLN E 166 -5.22 14.45 -4.95
C GLN E 166 -5.08 13.41 -3.85
N ASP E 167 -5.71 13.69 -2.70
CA ASP E 167 -5.59 12.87 -1.51
C ASP E 167 -6.31 11.54 -1.72
N SER E 168 -5.74 10.47 -1.19
CA SER E 168 -6.29 9.12 -1.36
C SER E 168 -7.60 8.91 -0.59
N LYS E 169 -7.68 9.44 0.64
CA LYS E 169 -8.87 9.25 1.49
C LYS E 169 -10.03 10.14 1.05
N ASP E 170 -9.94 11.44 1.36
CA ASP E 170 -11.07 12.36 1.14
C ASP E 170 -11.05 13.10 -0.21
N SER E 171 -10.11 12.74 -1.08
CA SER E 171 -10.04 13.26 -2.46
C SER E 171 -9.83 14.77 -2.60
N THR E 172 -9.35 15.43 -1.55
CA THR E 172 -9.08 16.88 -1.61
C THR E 172 -7.69 17.18 -2.13
N TYR E 173 -7.40 18.47 -2.27
CA TYR E 173 -6.07 18.97 -2.62
C TYR E 173 -5.57 19.90 -1.52
N SER E 174 -4.25 20.04 -1.42
CA SER E 174 -3.64 21.06 -0.55
C SER E 174 -2.53 21.81 -1.29
N MET E 175 -2.18 22.99 -0.77
CA MET E 175 -1.13 23.82 -1.35
C MET E 175 -0.30 24.49 -0.27
N SER E 176 0.96 24.77 -0.60
CA SER E 176 1.87 25.46 0.30
C SER E 176 2.49 26.69 -0.40
N SER E 177 2.18 27.89 0.09
CA SER E 177 2.79 29.11 -0.47
C SER E 177 3.84 29.70 0.47
N THR E 178 5.04 29.89 -0.05
CA THR E 178 6.17 30.36 0.76
C THR E 178 6.77 31.63 0.17
N LEU E 179 6.82 32.70 0.97
CA LEU E 179 7.36 33.99 0.54
C LEU E 179 8.75 34.23 1.15
N THR E 180 9.78 34.10 0.34
CA THR E 180 11.16 34.19 0.81
C THR E 180 11.78 35.59 0.64
N LEU E 181 12.21 36.18 1.76
CA LEU E 181 12.88 37.48 1.76
C LEU E 181 14.21 37.47 2.51
N THR E 182 14.93 38.59 2.41
CA THR E 182 16.11 38.84 3.22
C THR E 182 15.66 39.42 4.56
N LYS E 183 16.45 39.18 5.60
CA LYS E 183 16.15 39.66 6.95
C LYS E 183 16.00 41.19 6.96
N ASP E 184 16.87 41.90 6.23
CA ASP E 184 16.83 43.37 6.20
C ASP E 184 15.51 43.86 5.60
N GLU E 185 15.06 43.20 4.54
CA GLU E 185 13.80 43.56 3.88
C GLU E 185 12.60 43.20 4.76
N TYR E 186 12.62 41.99 5.31
CA TYR E 186 11.55 41.55 6.21
C TYR E 186 11.34 42.52 7.38
N GLU E 187 12.44 43.07 7.90
CA GLU E 187 12.40 43.98 9.05
C GLU E 187 12.11 45.45 8.73
N ARG E 188 12.04 45.79 7.45
CA ARG E 188 11.65 47.14 7.03
C ARG E 188 10.12 47.30 7.01
N HIS E 189 9.39 46.17 7.03
CA HIS E 189 7.92 46.21 6.91
C HIS E 189 7.21 45.52 8.08
N ASN E 190 5.91 45.79 8.21
CA ASN E 190 5.15 45.42 9.40
C ASN E 190 4.10 44.33 9.16
N SER E 191 3.12 44.61 8.31
CA SER E 191 1.97 43.70 8.11
C SER E 191 2.16 42.73 6.94
N TYR E 192 1.90 41.45 7.18
CA TYR E 192 2.09 40.40 6.17
C TYR E 192 0.82 39.59 5.96
N THR E 193 0.33 39.57 4.73
CA THR E 193 -1.00 39.04 4.42
C THR E 193 -0.96 37.92 3.39
N CYS E 194 -1.82 36.92 3.60
CA CYS E 194 -2.03 35.81 2.69
C CYS E 194 -3.49 35.82 2.23
N GLU E 195 -3.73 35.89 0.92
CA GLU E 195 -5.11 35.93 0.37
C GLU E 195 -5.42 34.77 -0.56
N ALA E 196 -6.26 33.85 -0.08
CA ALA E 196 -6.68 32.69 -0.87
C ALA E 196 -8.00 32.96 -1.59
N THR E 197 -8.03 32.72 -2.90
CA THR E 197 -9.24 32.91 -3.70
C THR E 197 -9.63 31.61 -4.39
N HIS E 198 -10.88 31.21 -4.18
CA HIS E 198 -11.38 29.89 -4.57
C HIS E 198 -12.87 30.02 -4.93
N LYS E 199 -13.40 29.09 -5.72
CA LYS E 199 -14.79 29.20 -6.22
C LYS E 199 -15.86 28.92 -5.15
N THR E 200 -15.44 28.46 -3.97
CA THR E 200 -16.33 28.25 -2.84
C THR E 200 -16.92 29.55 -2.31
N SER E 201 -16.20 30.66 -2.51
CA SER E 201 -16.64 31.97 -2.02
C SER E 201 -16.27 33.08 -3.01
N THR E 202 -17.13 34.09 -3.09
CA THR E 202 -16.86 35.26 -3.92
C THR E 202 -15.64 35.98 -3.37
N SER E 203 -15.66 36.21 -2.06
CA SER E 203 -14.60 36.94 -1.38
C SER E 203 -13.44 36.01 -1.04
N PRO E 204 -12.22 36.56 -0.99
CA PRO E 204 -11.08 35.75 -0.61
C PRO E 204 -11.05 35.47 0.88
N ILE E 205 -10.13 34.60 1.30
CA ILE E 205 -9.89 34.29 2.70
C ILE E 205 -8.54 34.86 3.08
N VAL E 206 -8.53 35.80 4.04
CA VAL E 206 -7.32 36.53 4.42
C VAL E 206 -6.79 36.04 5.77
N LYS E 207 -5.46 35.89 5.85
CA LYS E 207 -4.79 35.62 7.11
C LYS E 207 -3.54 36.49 7.17
N SER E 208 -3.40 37.24 8.26
CA SER E 208 -2.24 38.12 8.40
C SER E 208 -1.69 38.18 9.81
N PHE E 209 -0.61 38.93 9.95
CA PHE E 209 -0.05 39.28 11.26
C PHE E 209 0.85 40.49 11.07
N ASN E 210 1.23 41.11 12.19
CA ASN E 210 2.17 42.21 12.19
C ASN E 210 3.40 41.81 12.99
N ARG E 211 4.58 42.17 12.49
CA ARG E 211 5.85 41.95 13.20
C ARG E 211 5.85 42.61 14.58
N ASN E 212 5.51 43.89 14.59
CA ASN E 212 5.59 44.70 15.78
C ASN E 212 4.36 44.48 16.67
N GLU E 213 4.48 43.51 17.58
CA GLU E 213 3.44 43.19 18.55
C GLU E 213 4.05 42.67 19.86
N GLN F 1 7.71 -12.62 -21.75
CA GLN F 1 9.14 -12.61 -21.35
C GLN F 1 9.86 -11.38 -21.89
N ILE F 2 9.14 -10.57 -22.66
CA ILE F 2 9.66 -9.31 -23.21
C ILE F 2 9.69 -8.26 -22.10
N GLN F 3 10.77 -7.49 -22.04
CA GLN F 3 10.94 -6.48 -21.01
C GLN F 3 12.11 -5.55 -21.33
N LEU F 4 11.87 -4.24 -21.21
CA LEU F 4 12.94 -3.26 -21.31
C LEU F 4 13.24 -2.72 -19.92
N VAL F 5 14.51 -2.72 -19.55
CA VAL F 5 14.98 -2.25 -18.24
C VAL F 5 16.00 -1.13 -18.45
N GLN F 6 15.75 0.02 -17.82
CA GLN F 6 16.62 1.19 -17.95
C GLN F 6 17.52 1.39 -16.73
N SER F 7 18.56 2.18 -16.91
CA SER F 7 19.57 2.40 -15.85
C SER F 7 19.09 3.41 -14.80
N GLY F 8 19.87 3.51 -13.72
CA GLY F 8 19.47 4.28 -12.55
C GLY F 8 19.46 5.79 -12.76
N PRO F 9 18.97 6.54 -11.76
CA PRO F 9 18.86 7.99 -11.82
C PRO F 9 20.23 8.69 -11.78
N GLU F 10 20.34 9.82 -12.48
CA GLU F 10 21.62 10.53 -12.62
C GLU F 10 21.54 11.96 -12.06
N LEU F 11 22.65 12.44 -11.50
CA LEU F 11 22.76 13.83 -11.03
C LEU F 11 23.94 14.51 -11.73
N LYS F 12 23.67 15.19 -12.83
CA LYS F 12 24.71 15.87 -13.62
C LYS F 12 24.63 17.37 -13.43
N LYS F 13 25.68 18.06 -13.89
CA LYS F 13 25.78 19.51 -13.77
C LYS F 13 25.61 20.10 -15.16
N PRO F 14 25.27 21.41 -15.23
CA PRO F 14 25.17 22.03 -16.55
C PRO F 14 26.43 21.82 -17.37
N GLY F 15 26.26 21.37 -18.61
CA GLY F 15 27.37 21.21 -19.55
C GLY F 15 28.08 19.86 -19.53
N GLU F 16 27.62 18.95 -18.66
CA GLU F 16 28.20 17.60 -18.61
C GLU F 16 27.44 16.70 -19.60
N THR F 17 28.04 15.57 -19.96
CA THR F 17 27.39 14.57 -20.81
C THR F 17 26.83 13.44 -19.95
N VAL F 18 25.72 12.84 -20.36
CA VAL F 18 25.16 11.69 -19.65
C VAL F 18 24.64 10.60 -20.61
N ARG F 19 24.89 9.33 -20.26
CA ARG F 19 24.39 8.20 -21.04
C ARG F 19 23.41 7.38 -20.22
N ILE F 20 22.19 7.24 -20.76
CA ILE F 20 21.17 6.38 -20.18
C ILE F 20 21.03 5.19 -21.11
N SER F 21 20.82 4.00 -20.53
CA SER F 21 20.73 2.77 -21.29
C SER F 21 19.37 2.11 -21.15
N CYS F 22 18.97 1.41 -22.22
CA CYS F 22 17.74 0.65 -22.23
C CYS F 22 18.10 -0.75 -22.74
N LYS F 23 18.10 -1.72 -21.82
CA LYS F 23 18.45 -3.11 -22.13
C LYS F 23 17.21 -3.97 -22.38
N ALA F 24 17.07 -4.47 -23.61
CA ALA F 24 15.92 -5.30 -24.00
C ALA F 24 16.25 -6.78 -23.88
N SER F 25 15.28 -7.59 -23.45
CA SER F 25 15.45 -9.03 -23.35
C SER F 25 14.15 -9.75 -23.69
N GLY F 26 14.27 -10.99 -24.16
CA GLY F 26 13.11 -11.83 -24.50
C GLY F 26 12.70 -11.80 -25.96
N TYR F 27 13.61 -11.36 -26.84
CA TYR F 27 13.39 -11.41 -28.27
C TYR F 27 14.69 -11.10 -29.02
N ILE F 28 14.79 -11.52 -30.28
CA ILE F 28 15.99 -11.25 -31.07
C ILE F 28 16.09 -9.75 -31.32
N PHE F 29 17.16 -9.15 -30.80
CA PHE F 29 17.29 -7.69 -30.72
C PHE F 29 17.08 -6.98 -32.03
N THR F 30 17.45 -7.61 -33.14
CA THR F 30 17.43 -6.95 -34.45
C THR F 30 16.06 -6.95 -35.14
N ILE F 31 15.02 -7.51 -34.52
CA ILE F 31 13.69 -7.52 -35.14
C ILE F 31 12.94 -6.21 -34.94
N ALA F 32 13.37 -5.41 -33.97
CA ALA F 32 12.65 -4.20 -33.57
C ALA F 32 13.57 -3.04 -33.21
N GLY F 33 13.07 -1.82 -33.39
CA GLY F 33 13.76 -0.61 -32.96
C GLY F 33 13.41 -0.19 -31.54
N ILE F 34 14.03 0.90 -31.09
CA ILE F 34 13.79 1.47 -29.78
C ILE F 34 13.52 2.95 -29.97
N GLN F 35 12.40 3.44 -29.45
CA GLN F 35 12.14 4.89 -29.42
C GLN F 35 12.49 5.42 -28.04
N TRP F 36 12.61 6.75 -27.94
CA TRP F 36 12.84 7.43 -26.67
C TRP F 36 11.86 8.57 -26.47
N VAL F 37 11.36 8.72 -25.23
CA VAL F 37 10.37 9.76 -24.89
C VAL F 37 10.76 10.52 -23.63
N GLN F 38 10.55 11.84 -23.65
CA GLN F 38 10.83 12.72 -22.52
C GLN F 38 9.55 13.06 -21.75
N LYS F 39 9.59 12.86 -20.43
CA LYS F 39 8.52 13.29 -19.55
C LYS F 39 9.01 14.44 -18.66
N MET F 40 8.47 15.64 -18.86
CA MET F 40 8.79 16.74 -17.96
C MET F 40 7.70 16.90 -16.90
N PRO F 41 8.10 17.14 -15.64
CA PRO F 41 7.15 17.24 -14.52
C PRO F 41 6.07 18.30 -14.75
N GLY F 42 4.83 17.98 -14.39
CA GLY F 42 3.69 18.89 -14.54
C GLY F 42 3.35 19.25 -15.98
N ARG F 43 3.86 18.48 -16.94
CA ARG F 43 3.73 18.77 -18.37
C ARG F 43 3.66 17.45 -19.15
N GLY F 44 3.37 17.56 -20.45
CA GLY F 44 3.07 16.37 -21.28
C GLY F 44 4.26 15.57 -21.78
N LEU F 45 3.97 14.47 -22.47
CA LEU F 45 5.01 13.62 -23.08
C LEU F 45 5.47 14.17 -24.42
N ARG F 46 6.73 13.91 -24.73
CA ARG F 46 7.40 14.51 -25.87
C ARG F 46 8.23 13.44 -26.57
N TRP F 47 8.01 13.26 -27.88
CA TRP F 47 8.74 12.24 -28.63
C TRP F 47 10.11 12.78 -29.04
N ILE F 48 11.18 12.07 -28.64
CA ILE F 48 12.54 12.42 -29.04
C ILE F 48 12.88 11.84 -30.40
N GLY F 49 12.51 10.58 -30.59
CA GLY F 49 12.83 9.86 -31.82
C GLY F 49 12.88 8.37 -31.61
N TRP F 50 13.19 7.63 -32.67
CA TRP F 50 13.52 6.21 -32.53
C TRP F 50 14.72 5.87 -33.39
N ILE F 51 15.23 4.64 -33.19
CA ILE F 51 16.35 4.12 -33.99
C ILE F 51 16.15 2.66 -34.37
N ASN F 52 16.40 2.37 -35.65
CA ASN F 52 16.17 1.05 -36.21
C ASN F 52 17.40 0.18 -36.00
N THR F 53 17.18 -0.96 -35.39
CA THR F 53 18.24 -1.81 -34.85
C THR F 53 18.91 -2.68 -35.93
N HIS F 54 18.30 -2.70 -37.11
CA HIS F 54 18.75 -3.50 -38.25
C HIS F 54 19.61 -2.62 -39.16
N SER F 55 19.11 -1.43 -39.47
CA SER F 55 19.78 -0.52 -40.41
C SER F 55 20.67 0.49 -39.73
N GLY F 56 20.40 0.77 -38.45
CA GLY F 56 21.10 1.81 -37.69
C GLY F 56 20.58 3.23 -37.91
N VAL F 57 19.59 3.38 -38.79
CA VAL F 57 19.05 4.69 -39.13
C VAL F 57 18.26 5.26 -37.95
N PRO F 58 18.68 6.44 -37.45
CA PRO F 58 17.87 7.09 -36.42
C PRO F 58 16.89 8.09 -37.03
N GLU F 59 15.87 8.47 -36.26
CA GLU F 59 15.00 9.58 -36.61
C GLU F 59 14.73 10.40 -35.33
N TYR F 60 14.98 11.70 -35.40
CA TYR F 60 14.77 12.59 -34.27
C TYR F 60 13.70 13.63 -34.57
N ALA F 61 13.06 14.15 -33.52
CA ALA F 61 12.26 15.36 -33.62
C ALA F 61 13.23 16.54 -33.66
N GLU F 62 12.83 17.61 -34.35
CA GLU F 62 13.70 18.78 -34.54
C GLU F 62 14.20 19.37 -33.23
N GLU F 63 13.36 19.42 -32.21
CA GLU F 63 13.75 20.08 -30.96
C GLU F 63 14.86 19.34 -30.23
N PHE F 64 15.05 18.05 -30.52
CA PHE F 64 16.08 17.23 -29.88
C PHE F 64 17.32 16.95 -30.71
N LYS F 65 17.25 17.14 -32.03
CA LYS F 65 18.46 17.08 -32.85
C LYS F 65 19.51 18.02 -32.27
N GLY F 66 20.79 17.66 -32.40
CA GLY F 66 21.88 18.55 -32.01
C GLY F 66 22.52 18.21 -30.68
N ARG F 67 21.69 18.04 -29.64
CA ARG F 67 22.21 17.70 -28.32
C ARG F 67 21.88 16.26 -27.90
N PHE F 68 20.84 15.67 -28.50
CA PHE F 68 20.42 14.31 -28.15
C PHE F 68 20.84 13.34 -29.25
N ALA F 69 21.32 12.15 -28.86
CA ALA F 69 21.85 11.17 -29.81
C ALA F 69 21.56 9.72 -29.41
N PHE F 70 21.12 8.91 -30.37
CA PHE F 70 20.88 7.50 -30.14
C PHE F 70 22.11 6.67 -30.52
N SER F 71 22.49 5.75 -29.66
CA SER F 71 23.56 4.78 -29.96
C SER F 71 23.12 3.35 -29.62
N LEU F 72 23.85 2.38 -30.17
CA LEU F 72 23.53 0.97 -29.98
C LEU F 72 24.75 0.16 -29.53
N GLU F 73 24.47 -0.98 -28.90
CA GLU F 73 25.44 -2.07 -28.75
C GLU F 73 24.66 -3.39 -28.77
N THR F 74 24.51 -3.96 -29.95
CA THR F 74 23.57 -5.07 -30.17
C THR F 74 23.98 -6.38 -29.50
N SER F 75 25.27 -6.67 -29.44
CA SER F 75 25.71 -7.89 -28.77
C SER F 75 25.26 -7.89 -27.31
N ALA F 76 25.07 -6.70 -26.74
CA ALA F 76 24.57 -6.55 -25.36
C ALA F 76 23.06 -6.31 -25.32
N ARG F 77 22.40 -6.39 -26.47
CA ARG F 77 20.96 -6.12 -26.57
C ARG F 77 20.60 -4.81 -25.88
N THR F 78 21.47 -3.81 -26.00
CA THR F 78 21.32 -2.55 -25.27
C THR F 78 21.29 -1.33 -26.20
N ALA F 79 20.39 -0.40 -25.91
CA ALA F 79 20.30 0.87 -26.61
C ALA F 79 20.65 2.00 -25.65
N TYR F 80 21.34 3.03 -26.14
CA TYR F 80 21.78 4.17 -25.32
C TYR F 80 21.21 5.51 -25.82
N LEU F 81 21.11 6.46 -24.91
CA LEU F 81 20.67 7.81 -25.24
C LEU F 81 21.63 8.79 -24.58
N GLN F 82 22.30 9.60 -25.39
CA GLN F 82 23.34 10.51 -24.91
C GLN F 82 22.85 11.94 -25.07
N ILE F 83 22.88 12.71 -23.98
CA ILE F 83 22.54 14.13 -24.01
C ILE F 83 23.80 14.96 -23.80
N SER F 84 24.03 15.96 -24.65
CA SER F 84 25.36 16.59 -24.74
C SER F 84 25.60 17.73 -23.76
N ASN F 85 24.94 18.86 -24.00
CA ASN F 85 25.30 20.11 -23.31
C ASN F 85 24.22 20.40 -22.27
N LEU F 86 24.24 19.64 -21.18
CA LEU F 86 23.09 19.56 -20.27
C LEU F 86 22.67 20.91 -19.73
N LYS F 87 21.35 21.13 -19.65
CA LYS F 87 20.77 22.40 -19.25
C LYS F 87 19.63 22.16 -18.28
N ASP F 88 19.39 23.10 -17.38
CA ASP F 88 18.33 22.96 -16.38
C ASP F 88 17.04 22.36 -16.98
N GLU F 89 16.66 22.83 -18.17
CA GLU F 89 15.40 22.39 -18.80
C GLU F 89 15.37 20.91 -19.22
N ASP F 90 16.50 20.22 -19.19
CA ASP F 90 16.55 18.78 -19.49
C ASP F 90 16.22 17.92 -18.27
N THR F 91 16.00 18.56 -17.13
CA THR F 91 15.56 17.87 -15.92
C THR F 91 14.22 17.18 -16.20
N ALA F 92 14.24 15.84 -16.28
CA ALA F 92 13.05 15.08 -16.64
C ALA F 92 13.24 13.57 -16.49
N THR F 93 12.17 12.81 -16.70
CA THR F 93 12.28 11.36 -16.76
C THR F 93 12.27 10.93 -18.22
N TYR F 94 13.25 10.11 -18.63
CA TYR F 94 13.33 9.66 -20.02
C TYR F 94 12.94 8.19 -20.11
N PHE F 95 12.02 7.87 -21.02
CA PHE F 95 11.52 6.50 -21.21
C PHE F 95 11.96 5.93 -22.55
N CYS F 96 12.27 4.64 -22.56
CA CYS F 96 12.45 3.89 -23.81
C CYS F 96 11.24 2.98 -24.08
N ALA F 97 11.03 2.62 -25.33
CA ALA F 97 9.93 1.74 -25.73
C ALA F 97 10.28 0.99 -27.00
N ARG F 98 9.73 -0.21 -27.15
CA ARG F 98 10.06 -1.07 -28.28
C ARG F 98 9.19 -0.73 -29.47
N ILE F 99 9.79 -0.45 -30.62
CA ILE F 99 8.98 -0.39 -31.83
C ILE F 99 9.28 -1.61 -32.74
N TYR F 100 8.45 -2.64 -32.57
CA TYR F 100 8.49 -3.90 -33.31
C TYR F 100 7.58 -3.75 -34.52
N TYR F 101 8.13 -3.17 -35.57
CA TYR F 101 7.41 -2.92 -36.82
C TYR F 101 7.13 -4.18 -37.65
N GLY F 102 7.69 -5.33 -37.29
CA GLY F 102 7.46 -6.59 -38.03
C GLY F 102 6.06 -7.17 -37.90
N ASN F 103 5.32 -6.68 -36.92
CA ASN F 103 3.92 -6.99 -36.78
C ASN F 103 3.18 -5.68 -36.63
N ASN F 104 2.03 -5.53 -37.28
CA ASN F 104 1.27 -4.27 -37.17
C ASN F 104 0.99 -3.85 -35.73
N GLY F 105 0.87 -4.82 -34.82
CA GLY F 105 0.55 -4.55 -33.42
C GLY F 105 1.71 -4.52 -32.44
N GLY F 106 2.85 -3.95 -32.84
CA GLY F 106 4.00 -3.86 -31.93
C GLY F 106 4.75 -2.54 -31.83
N VAL F 107 4.11 -1.41 -32.13
CA VAL F 107 4.86 -0.15 -32.27
C VAL F 107 5.36 0.47 -30.95
N MET F 108 4.59 0.38 -29.89
CA MET F 108 5.12 0.82 -28.58
C MET F 108 4.57 -0.18 -27.60
N ASP F 109 4.85 -1.45 -27.86
CA ASP F 109 4.17 -2.52 -27.15
C ASP F 109 4.76 -2.73 -25.75
N TYR F 110 6.08 -2.61 -25.61
CA TYR F 110 6.71 -2.74 -24.31
C TYR F 110 7.50 -1.49 -23.92
N TRP F 111 7.38 -1.08 -22.65
CA TRP F 111 7.94 0.17 -22.16
C TRP F 111 8.90 -0.01 -20.99
N GLY F 112 9.95 0.81 -20.97
CA GLY F 112 10.88 0.83 -19.86
C GLY F 112 10.28 1.56 -18.68
N GLN F 113 10.89 1.38 -17.51
CA GLN F 113 10.37 2.02 -16.29
C GLN F 113 10.72 3.50 -16.19
N GLY F 114 11.64 3.97 -17.04
CA GLY F 114 12.02 5.36 -17.06
C GLY F 114 13.27 5.66 -16.23
N THR F 115 13.98 6.72 -16.61
CA THR F 115 15.23 7.13 -15.97
C THR F 115 15.26 8.65 -15.72
N SER F 116 15.31 9.01 -14.45
CA SER F 116 15.31 10.41 -14.04
C SER F 116 16.69 11.04 -14.17
N VAL F 117 16.76 12.15 -14.91
CA VAL F 117 17.96 12.98 -14.97
C VAL F 117 17.67 14.30 -14.25
N THR F 118 18.51 14.64 -13.27
CA THR F 118 18.46 15.94 -12.63
C THR F 118 19.71 16.75 -13.03
N VAL F 119 19.50 17.99 -13.47
CA VAL F 119 20.61 18.89 -13.82
C VAL F 119 20.67 20.07 -12.85
N SER F 120 21.78 20.20 -12.13
CA SER F 120 21.95 21.28 -11.18
C SER F 120 23.42 21.47 -10.77
N SER F 121 23.77 22.72 -10.50
CA SER F 121 25.15 23.11 -10.18
C SER F 121 25.54 22.78 -8.75
N ALA F 122 24.55 22.56 -7.88
CA ALA F 122 24.81 22.31 -6.46
C ALA F 122 25.50 20.98 -6.20
N LYS F 123 26.10 20.86 -5.02
CA LYS F 123 26.66 19.61 -4.52
C LYS F 123 25.89 19.22 -3.27
N THR F 124 26.11 18.01 -2.77
CA THR F 124 25.43 17.54 -1.56
C THR F 124 25.50 18.62 -0.48
N THR F 125 24.34 19.13 -0.07
CA THR F 125 24.23 20.13 0.97
C THR F 125 23.11 19.71 1.95
N PRO F 126 23.40 19.71 3.25
CA PRO F 126 22.38 19.31 4.23
C PRO F 126 21.34 20.40 4.51
N PRO F 127 20.13 20.00 4.93
CA PRO F 127 19.03 20.95 5.06
C PRO F 127 19.07 21.83 6.32
N SER F 128 18.59 23.07 6.18
CA SER F 128 18.16 23.86 7.32
C SER F 128 16.74 23.42 7.63
N VAL F 129 16.42 23.27 8.92
CA VAL F 129 15.09 22.88 9.34
C VAL F 129 14.52 23.87 10.35
N TYR F 130 13.44 24.55 9.96
CA TYR F 130 12.83 25.60 10.79
C TYR F 130 11.45 25.16 11.30
N PRO F 131 11.17 25.36 12.59
CA PRO F 131 9.85 25.09 13.15
C PRO F 131 8.87 26.23 12.89
N LEU F 132 7.64 25.90 12.54
CA LEU F 132 6.60 26.92 12.35
C LEU F 132 5.51 26.80 13.43
N ALA F 133 5.44 27.80 14.30
CA ALA F 133 4.37 27.89 15.30
C ALA F 133 3.45 29.08 14.96
N PRO F 134 2.16 29.00 15.32
CA PRO F 134 1.22 30.09 15.04
C PRO F 134 1.70 31.42 15.58
N GLY F 135 1.21 32.51 14.99
CA GLY F 135 1.51 33.86 15.47
C GLY F 135 0.77 34.21 16.75
N SER F 136 -0.56 34.07 16.71
CA SER F 136 -1.43 34.42 17.82
C SER F 136 -1.63 33.25 18.78
N ASN F 141 -12.57 28.18 18.91
CA ASN F 141 -11.65 27.34 18.15
C ASN F 141 -11.49 25.95 18.78
N SER F 142 -10.79 25.06 18.07
CA SER F 142 -10.56 23.68 18.54
C SER F 142 -9.35 23.01 17.86
N MET F 143 -9.11 23.29 16.58
CA MET F 143 -7.95 22.78 15.88
C MET F 143 -6.86 23.84 15.75
N VAL F 144 -5.64 23.40 15.47
CA VAL F 144 -4.50 24.27 15.26
C VAL F 144 -3.46 23.57 14.38
N THR F 145 -2.88 24.34 13.46
CA THR F 145 -1.87 23.81 12.55
C THR F 145 -0.47 24.27 12.96
N LEU F 146 0.48 23.35 12.86
CA LEU F 146 1.89 23.61 13.11
C LEU F 146 2.59 23.13 11.86
N GLY F 147 3.78 23.64 11.60
CA GLY F 147 4.50 23.30 10.40
C GLY F 147 6.00 23.17 10.56
N CYS F 148 6.63 22.64 9.52
CA CYS F 148 8.05 22.43 9.46
C CYS F 148 8.53 22.91 8.07
N LEU F 149 9.52 23.80 8.05
CA LEU F 149 10.08 24.32 6.79
C LEU F 149 11.50 23.78 6.61
N VAL F 150 11.70 22.97 5.56
CA VAL F 150 12.98 22.34 5.29
C VAL F 150 13.57 22.98 4.03
N LYS F 151 14.73 23.61 4.19
CA LYS F 151 15.26 24.50 3.16
C LYS F 151 16.74 24.28 2.90
N GLY F 152 17.16 24.59 1.67
CA GLY F 152 18.58 24.69 1.30
C GLY F 152 19.33 23.38 1.12
N TYR F 153 18.61 22.30 0.80
CA TYR F 153 19.25 20.99 0.67
C TYR F 153 19.42 20.56 -0.79
N PHE F 154 20.29 19.57 -0.98
CA PHE F 154 20.48 18.93 -2.28
C PHE F 154 21.23 17.63 -2.08
N PRO F 155 20.82 16.56 -2.79
CA PRO F 155 19.72 16.45 -3.72
C PRO F 155 18.46 15.99 -2.99
N GLU F 156 17.41 15.68 -3.75
CA GLU F 156 16.24 14.97 -3.21
C GLU F 156 16.65 13.52 -2.94
N PRO F 157 15.91 12.81 -2.07
CA PRO F 157 14.72 13.23 -1.33
C PRO F 157 14.98 13.71 0.10
N VAL F 158 13.99 14.41 0.65
CA VAL F 158 13.87 14.63 2.07
C VAL F 158 12.55 14.00 2.51
N THR F 159 12.58 13.27 3.62
CA THR F 159 11.36 12.74 4.20
C THR F 159 11.14 13.42 5.54
N VAL F 160 9.89 13.76 5.82
CA VAL F 160 9.50 14.37 7.09
C VAL F 160 8.53 13.42 7.81
N THR F 161 8.71 13.28 9.12
CA THR F 161 7.71 12.62 9.96
C THR F 161 7.47 13.49 11.19
N TRP F 162 6.39 13.21 11.90
CA TRP F 162 6.02 13.96 13.11
C TRP F 162 5.93 13.00 14.28
N ASN F 163 6.50 13.40 15.43
CA ASN F 163 6.65 12.52 16.60
C ASN F 163 7.01 11.09 16.21
N SER F 164 8.04 10.97 15.37
CA SER F 164 8.60 9.69 14.91
C SER F 164 7.59 8.72 14.28
N GLY F 165 6.56 9.27 13.65
CA GLY F 165 5.54 8.48 12.97
C GLY F 165 4.21 8.43 13.71
N SER F 166 4.21 8.81 14.99
CA SER F 166 3.01 8.70 15.84
C SER F 166 1.86 9.58 15.36
N LEU F 167 2.19 10.81 14.96
CA LEU F 167 1.21 11.68 14.30
C LEU F 167 1.29 11.39 12.81
N SER F 168 0.40 10.52 12.34
CA SER F 168 0.32 10.16 10.93
C SER F 168 -0.88 10.85 10.28
N SER F 169 -1.99 10.87 10.99
CA SER F 169 -3.19 11.56 10.55
C SER F 169 -3.00 13.07 10.57
N GLY F 170 -3.80 13.78 9.78
CA GLY F 170 -3.78 15.24 9.73
C GLY F 170 -2.47 15.86 9.25
N VAL F 171 -1.73 15.16 8.40
CA VAL F 171 -0.42 15.62 7.93
C VAL F 171 -0.40 15.77 6.41
N HIS F 172 0.14 16.90 5.96
CA HIS F 172 0.43 17.13 4.56
C HIS F 172 1.90 17.44 4.42
N THR F 173 2.56 16.79 3.48
CA THR F 173 3.95 17.09 3.17
C THR F 173 4.03 17.40 1.68
N PHE F 174 4.54 18.59 1.36
CA PHE F 174 4.49 19.10 0.01
C PHE F 174 5.73 18.74 -0.78
N PRO F 175 5.56 18.47 -2.08
CA PRO F 175 6.71 18.14 -2.92
C PRO F 175 7.76 19.25 -2.95
N ALA F 176 9.03 18.85 -2.88
CA ALA F 176 10.12 19.82 -2.93
C ALA F 176 10.08 20.60 -4.23
N VAL F 177 10.42 21.88 -4.16
CA VAL F 177 10.60 22.67 -5.37
C VAL F 177 12.04 23.17 -5.40
N LEU F 178 12.65 23.07 -6.58
CA LEU F 178 14.02 23.51 -6.78
C LEU F 178 14.00 24.98 -7.15
N GLN F 179 14.90 25.75 -6.56
CA GLN F 179 15.05 27.17 -6.90
C GLN F 179 16.45 27.68 -6.54
N SER F 180 17.07 28.37 -7.49
CA SER F 180 18.46 28.79 -7.35
C SER F 180 19.34 27.60 -6.92
N ASP F 181 19.07 26.46 -7.55
CA ASP F 181 19.84 25.24 -7.38
C ASP F 181 19.91 24.73 -5.93
N LEU F 182 18.81 24.92 -5.19
CA LEU F 182 18.63 24.30 -3.88
C LEU F 182 17.15 23.98 -3.70
N TYR F 183 16.87 22.88 -3.00
CA TYR F 183 15.50 22.42 -2.80
C TYR F 183 14.89 23.00 -1.54
N THR F 184 13.59 23.29 -1.62
CA THR F 184 12.79 23.70 -0.47
C THR F 184 11.53 22.85 -0.40
N LEU F 185 11.09 22.60 0.82
CA LEU F 185 9.96 21.72 1.06
C LEU F 185 9.34 22.12 2.39
N SER F 186 8.07 21.81 2.57
CA SER F 186 7.39 22.15 3.82
C SER F 186 6.37 21.08 4.21
N SER F 187 6.02 21.05 5.49
CA SER F 187 5.06 20.08 5.99
C SER F 187 4.17 20.70 7.04
N SER F 188 2.92 20.26 7.08
CA SER F 188 1.97 20.74 8.06
C SER F 188 1.33 19.57 8.78
N VAL F 189 1.12 19.75 10.08
CA VAL F 189 0.34 18.81 10.87
C VAL F 189 -0.75 19.59 11.60
N THR F 190 -1.94 19.00 11.69
CA THR F 190 -3.05 19.62 12.41
C THR F 190 -3.44 18.72 13.57
N VAL F 191 -3.61 19.32 14.73
CA VAL F 191 -3.93 18.59 15.95
C VAL F 191 -5.05 19.31 16.71
N PRO F 192 -5.62 18.65 17.73
CA PRO F 192 -6.53 19.38 18.61
C PRO F 192 -5.76 20.42 19.44
N SER F 193 -6.43 21.53 19.76
CA SER F 193 -5.83 22.59 20.59
C SER F 193 -5.45 22.11 21.98
N SER F 194 -6.20 21.15 22.52
CA SER F 194 -5.92 20.58 23.84
C SER F 194 -4.73 19.61 23.87
N THR F 195 -4.13 19.36 22.70
CA THR F 195 -2.95 18.49 22.59
C THR F 195 -1.64 19.27 22.65
N TRP F 196 -1.59 20.42 21.99
CA TRP F 196 -0.37 21.24 21.89
C TRP F 196 -0.68 22.68 22.32
N PRO F 197 0.22 23.31 23.08
CA PRO F 197 1.58 22.89 23.49
C PRO F 197 1.63 21.99 24.74
N SER F 198 0.47 21.58 25.25
CA SER F 198 0.40 20.70 26.43
C SER F 198 1.45 19.60 26.35
N GLU F 199 1.39 18.81 25.29
CA GLU F 199 2.34 17.73 25.05
C GLU F 199 3.25 18.13 23.88
N THR F 200 4.38 17.44 23.75
CA THR F 200 5.39 17.77 22.75
C THR F 200 4.91 17.47 21.32
N VAL F 201 5.27 18.36 20.38
CA VAL F 201 5.18 18.06 18.94
C VAL F 201 6.54 18.32 18.27
N THR F 202 7.14 17.26 17.76
CA THR F 202 8.46 17.33 17.13
C THR F 202 8.39 17.04 15.64
N CYS F 203 9.18 17.78 14.89
CA CYS F 203 9.39 17.54 13.47
C CYS F 203 10.66 16.70 13.27
N ASN F 204 10.55 15.54 12.60
CA ASN F 204 11.72 14.68 12.32
C ASN F 204 12.06 14.71 10.83
N VAL F 205 13.29 15.04 10.49
CA VAL F 205 13.69 15.19 9.08
C VAL F 205 14.93 14.36 8.76
N ALA F 206 14.90 13.69 7.62
CA ALA F 206 15.98 12.80 7.19
C ALA F 206 16.46 13.18 5.78
N HIS F 207 17.77 13.31 5.63
CA HIS F 207 18.39 13.52 4.32
C HIS F 207 19.45 12.44 4.11
N PRO F 208 19.05 11.30 3.51
CA PRO F 208 19.95 10.15 3.40
C PRO F 208 21.24 10.47 2.66
N ALA F 209 21.14 11.22 1.57
CA ALA F 209 22.33 11.60 0.79
C ALA F 209 23.40 12.28 1.64
N SER F 210 22.98 12.96 2.71
CA SER F 210 23.91 13.67 3.60
C SER F 210 24.08 13.01 4.98
N SER F 211 23.50 11.84 5.19
CA SER F 211 23.57 11.11 6.46
C SER F 211 23.03 11.94 7.64
N THR F 212 21.95 12.68 7.39
CA THR F 212 21.49 13.69 8.34
C THR F 212 20.10 13.37 8.89
N LYS F 213 19.98 13.47 10.21
CA LYS F 213 18.70 13.43 10.89
C LYS F 213 18.64 14.62 11.87
N VAL F 214 17.49 15.30 11.89
CA VAL F 214 17.29 16.44 12.80
C VAL F 214 15.88 16.44 13.40
N ASP F 215 15.80 16.64 14.72
CA ASP F 215 14.52 16.82 15.40
C ASP F 215 14.38 18.29 15.79
N LYS F 216 13.24 18.90 15.47
CA LYS F 216 12.96 20.27 15.90
C LYS F 216 11.61 20.39 16.60
N LYS F 217 11.65 20.61 17.92
CA LYS F 217 10.46 20.83 18.72
C LYS F 217 9.80 22.15 18.30
N ILE F 218 8.46 22.16 18.28
CA ILE F 218 7.69 23.36 17.93
C ILE F 218 7.23 24.07 19.21
N VAL F 219 7.92 25.15 19.57
CA VAL F 219 7.62 25.91 20.77
C VAL F 219 6.83 27.17 20.38
N PRO F 220 5.77 27.50 21.14
CA PRO F 220 5.04 28.74 20.82
C PRO F 220 5.92 29.99 20.89
N ARG F 221 5.57 31.00 20.10
CA ARG F 221 6.36 32.24 20.02
C ARG F 221 6.28 33.10 21.29
#